data_1B8M
# 
_entry.id   1B8M 
# 
_audit_conform.dict_name       mmcif_pdbx.dic 
_audit_conform.dict_version    5.399 
_audit_conform.dict_location   http://mmcif.pdb.org/dictionaries/ascii/mmcif_pdbx.dic 
# 
loop_
_database_2.database_id 
_database_2.database_code 
_database_2.pdbx_database_accession 
_database_2.pdbx_DOI 
PDB   1B8M         pdb_00001b8m 10.2210/pdb1b8m/pdb 
RCSB  RCSB000418   ?            ?                   
WWPDB D_1000000418 ?            ?                   
# 
loop_
_pdbx_audit_revision_history.ordinal 
_pdbx_audit_revision_history.data_content_type 
_pdbx_audit_revision_history.major_revision 
_pdbx_audit_revision_history.minor_revision 
_pdbx_audit_revision_history.revision_date 
1 'Structure model' 1 0 1999-02-09 
2 'Structure model' 1 1 2008-04-26 
3 'Structure model' 1 2 2011-07-13 
4 'Structure model' 1 3 2023-08-09 
5 'Structure model' 1 4 2024-11-20 
# 
_pdbx_audit_revision_details.ordinal             1 
_pdbx_audit_revision_details.revision_ordinal    1 
_pdbx_audit_revision_details.data_content_type   'Structure model' 
_pdbx_audit_revision_details.provider            repository 
_pdbx_audit_revision_details.type                'Initial release' 
_pdbx_audit_revision_details.description         ? 
_pdbx_audit_revision_details.details             ? 
# 
loop_
_pdbx_audit_revision_group.ordinal 
_pdbx_audit_revision_group.revision_ordinal 
_pdbx_audit_revision_group.data_content_type 
_pdbx_audit_revision_group.group 
1 2 'Structure model' 'Version format compliance' 
2 3 'Structure model' 'Version format compliance' 
3 4 'Structure model' 'Data collection'           
4 4 'Structure model' 'Database references'       
5 4 'Structure model' 'Refinement description'    
6 5 'Structure model' 'Structure summary'         
# 
loop_
_pdbx_audit_revision_category.ordinal 
_pdbx_audit_revision_category.revision_ordinal 
_pdbx_audit_revision_category.data_content_type 
_pdbx_audit_revision_category.category 
1 4 'Structure model' chem_comp_atom                
2 4 'Structure model' chem_comp_bond                
3 4 'Structure model' database_2                    
4 4 'Structure model' pdbx_initial_refinement_model 
5 5 'Structure model' pdbx_entry_details            
6 5 'Structure model' pdbx_modification_feature     
# 
loop_
_pdbx_audit_revision_item.ordinal 
_pdbx_audit_revision_item.revision_ordinal 
_pdbx_audit_revision_item.data_content_type 
_pdbx_audit_revision_item.item 
1 4 'Structure model' '_database_2.pdbx_DOI'                
2 4 'Structure model' '_database_2.pdbx_database_accession' 
# 
_pdbx_database_status.status_code                     REL 
_pdbx_database_status.entry_id                        1B8M 
_pdbx_database_status.recvd_initial_deposition_date   1999-02-01 
_pdbx_database_status.deposit_site                    ? 
_pdbx_database_status.process_site                    RCSB 
_pdbx_database_status.SG_entry                        . 
_pdbx_database_status.pdb_format_compatible           Y 
_pdbx_database_status.status_code_mr                  ? 
_pdbx_database_status.status_code_sf                  ? 
_pdbx_database_status.status_code_cs                  ? 
_pdbx_database_status.status_code_nmr_data            ? 
_pdbx_database_status.methods_development_category    ? 
# 
loop_
_audit_author.name 
_audit_author.pdbx_ordinal 
'Robinson, R.C.'   1 
'Radziejewski, C.' 2 
'Stuart, D.I.'     3 
'Jones, E.Y.'      4 
'Choe, S.'         5 
# 
loop_
_citation.id 
_citation.title 
_citation.journal_abbrev 
_citation.journal_volume 
_citation.page_first 
_citation.page_last 
_citation.year 
_citation.journal_id_ASTM 
_citation.country 
_citation.journal_id_ISSN 
_citation.journal_id_CSD 
_citation.book_publisher 
_citation.pdbx_database_id_PubMed 
_citation.pdbx_database_id_DOI 
primary 
;The structures of the neurotrophin 4 homodimer and the brain-derived neurotrophic factor/neurotrophin 4 heterodimer reveal a common Trk-binding site.
;
'Protein Sci.' 8  2589  2597 1999 PRCIEI US 0961-8368 0795 ? 10631974 ? 
1       'Structure of the Brain-Derived Neurotrophic Factor (Slash)Neurotrophin 3 Heterodimer' Biochemistry   34 4139  4146 1995 
BICHAW US 0006-2960 0033 ? ?        ? 
2       'Heterodimers of the Neurotrophic Factors: Formation, Isolation, and Differential Stability' Biochemistry   32 13350 ?    
1993 BICHAW US 0006-2960 0033 ? ?        ? 
# 
loop_
_citation_author.citation_id 
_citation_author.name 
_citation_author.ordinal 
_citation_author.identifier_ORCID 
primary 'Robinson, R.C.'   1  ? 
primary 'Radziejewski, C.' 2  ? 
primary 'Spraggon, G.'     3  ? 
primary 'Greenwald, J.'    4  ? 
primary 'Kostura, M.R.'    5  ? 
primary 'Burtnick, L.D.'   6  ? 
primary 'Stuart, D.I.'     7  ? 
primary 'Choe, S.'         8  ? 
primary 'Jones, E.Y.'      9  ? 
1       'Robinson, R.C.'   10 ? 
1       'Radziejewski, C.' 11 ? 
1       'Stuart, D.I.'     12 ? 
1       'Jones, E.Y.'      13 ? 
2       'Radziejewski, C.' 14 ? 
2       'Robinson, R.C.'   15 ? 
# 
loop_
_entity.id 
_entity.type 
_entity.src_method 
_entity.pdbx_description 
_entity.formula_weight 
_entity.pdbx_number_of_molecules 
_entity.pdbx_ec 
_entity.pdbx_mutation 
_entity.pdbx_fragment 
_entity.details 
1 polymer man 'PROTEIN (BRAIN DERIVED NEUROTROPHIC FACTOR)' 13535.575 1  ? ? ? ? 
2 polymer man 'PROTEIN (NEUROTROPHIN-4)'                    13944.647 1  ? ? ? ? 
3 water   nat water                                         18.015    57 ? ? ? ? 
# 
loop_
_entity_name_com.entity_id 
_entity_name_com.name 
1 BDNF 
2 NT4  
# 
loop_
_entity_poly.entity_id 
_entity_poly.type 
_entity_poly.nstd_linkage 
_entity_poly.nstd_monomer 
_entity_poly.pdbx_seq_one_letter_code 
_entity_poly.pdbx_seq_one_letter_code_can 
_entity_poly.pdbx_strand_id 
_entity_poly.pdbx_target_identifier 
1 'polypeptide(L)' no no 
;HSDPARRGELSVCDSISEWVTAADKKTAVDMSGGTVTVLEKVPVSKGQLKQYFYETKCNPMGYTKEGCRGIDKRHWNSQC
RTTQSYVRALTMDSKKRIGWRFIRIDTSCVCTLTIKRGR
;
;HSDPARRGELSVCDSISEWVTAADKKTAVDMSGGTVTVLEKVPVSKGQLKQYFYETKCNPMGYTKEGCRGIDKRHWNSQC
RTTQSYVRALTMDSKKRIGWRFIRIDTSCVCTLTIKRGR
;
A ? 
2 'polypeptide(L)' no no 
;GVSETAPASRRGELAVCDAVSGWVTDRRTAVDLRGREVEVLGEVPAAGGSPLRQYFFETRCKADNAEEGGPGAGGGGCRG
VDRRHWVSECKAKQSYVRALTADAQGRVGWRWIRIDTACVCTLLSRTGRA
;
;GVSETAPASRRGELAVCDAVSGWVTDRRTAVDLRGREVEVLGEVPAAGGSPLRQYFFETRCKADNAEEGGPGAGGGGCRG
VDRRHWVSECKAKQSYVRALTADAQGRVGWRWIRIDTACVCTLLSRTGRA
;
B ? 
# 
_pdbx_entity_nonpoly.entity_id   3 
_pdbx_entity_nonpoly.name        water 
_pdbx_entity_nonpoly.comp_id     HOH 
# 
loop_
_entity_poly_seq.entity_id 
_entity_poly_seq.num 
_entity_poly_seq.mon_id 
_entity_poly_seq.hetero 
1 1   HIS n 
1 2   SER n 
1 3   ASP n 
1 4   PRO n 
1 5   ALA n 
1 6   ARG n 
1 7   ARG n 
1 8   GLY n 
1 9   GLU n 
1 10  LEU n 
1 11  SER n 
1 12  VAL n 
1 13  CYS n 
1 14  ASP n 
1 15  SER n 
1 16  ILE n 
1 17  SER n 
1 18  GLU n 
1 19  TRP n 
1 20  VAL n 
1 21  THR n 
1 22  ALA n 
1 23  ALA n 
1 24  ASP n 
1 25  LYS n 
1 26  LYS n 
1 27  THR n 
1 28  ALA n 
1 29  VAL n 
1 30  ASP n 
1 31  MET n 
1 32  SER n 
1 33  GLY n 
1 34  GLY n 
1 35  THR n 
1 36  VAL n 
1 37  THR n 
1 38  VAL n 
1 39  LEU n 
1 40  GLU n 
1 41  LYS n 
1 42  VAL n 
1 43  PRO n 
1 44  VAL n 
1 45  SER n 
1 46  LYS n 
1 47  GLY n 
1 48  GLN n 
1 49  LEU n 
1 50  LYS n 
1 51  GLN n 
1 52  TYR n 
1 53  PHE n 
1 54  TYR n 
1 55  GLU n 
1 56  THR n 
1 57  LYS n 
1 58  CYS n 
1 59  ASN n 
1 60  PRO n 
1 61  MET n 
1 62  GLY n 
1 63  TYR n 
1 64  THR n 
1 65  LYS n 
1 66  GLU n 
1 67  GLY n 
1 68  CYS n 
1 69  ARG n 
1 70  GLY n 
1 71  ILE n 
1 72  ASP n 
1 73  LYS n 
1 74  ARG n 
1 75  HIS n 
1 76  TRP n 
1 77  ASN n 
1 78  SER n 
1 79  GLN n 
1 80  CYS n 
1 81  ARG n 
1 82  THR n 
1 83  THR n 
1 84  GLN n 
1 85  SER n 
1 86  TYR n 
1 87  VAL n 
1 88  ARG n 
1 89  ALA n 
1 90  LEU n 
1 91  THR n 
1 92  MET n 
1 93  ASP n 
1 94  SER n 
1 95  LYS n 
1 96  LYS n 
1 97  ARG n 
1 98  ILE n 
1 99  GLY n 
1 100 TRP n 
1 101 ARG n 
1 102 PHE n 
1 103 ILE n 
1 104 ARG n 
1 105 ILE n 
1 106 ASP n 
1 107 THR n 
1 108 SER n 
1 109 CYS n 
1 110 VAL n 
1 111 CYS n 
1 112 THR n 
1 113 LEU n 
1 114 THR n 
1 115 ILE n 
1 116 LYS n 
1 117 ARG n 
1 118 GLY n 
1 119 ARG n 
2 1   GLY n 
2 2   VAL n 
2 3   SER n 
2 4   GLU n 
2 5   THR n 
2 6   ALA n 
2 7   PRO n 
2 8   ALA n 
2 9   SER n 
2 10  ARG n 
2 11  ARG n 
2 12  GLY n 
2 13  GLU n 
2 14  LEU n 
2 15  ALA n 
2 16  VAL n 
2 17  CYS n 
2 18  ASP n 
2 19  ALA n 
2 20  VAL n 
2 21  SER n 
2 22  GLY n 
2 23  TRP n 
2 24  VAL n 
2 25  THR n 
2 26  ASP n 
2 27  ARG n 
2 28  ARG n 
2 29  THR n 
2 30  ALA n 
2 31  VAL n 
2 32  ASP n 
2 33  LEU n 
2 34  ARG n 
2 35  GLY n 
2 36  ARG n 
2 37  GLU n 
2 38  VAL n 
2 39  GLU n 
2 40  VAL n 
2 41  LEU n 
2 42  GLY n 
2 43  GLU n 
2 44  VAL n 
2 45  PRO n 
2 46  ALA n 
2 47  ALA n 
2 48  GLY n 
2 49  GLY n 
2 50  SER n 
2 51  PRO n 
2 52  LEU n 
2 53  ARG n 
2 54  GLN n 
2 55  TYR n 
2 56  PHE n 
2 57  PHE n 
2 58  GLU n 
2 59  THR n 
2 60  ARG n 
2 61  CYS n 
2 62  LYS n 
2 63  ALA n 
2 64  ASP n 
2 65  ASN n 
2 66  ALA n 
2 67  GLU n 
2 68  GLU n 
2 69  GLY n 
2 70  GLY n 
2 71  PRO n 
2 72  GLY n 
2 73  ALA n 
2 74  GLY n 
2 75  GLY n 
2 76  GLY n 
2 77  GLY n 
2 78  CYS n 
2 79  ARG n 
2 80  GLY n 
2 81  VAL n 
2 82  ASP n 
2 83  ARG n 
2 84  ARG n 
2 85  HIS n 
2 86  TRP n 
2 87  VAL n 
2 88  SER n 
2 89  GLU n 
2 90  CYS n 
2 91  LYS n 
2 92  ALA n 
2 93  LYS n 
2 94  GLN n 
2 95  SER n 
2 96  TYR n 
2 97  VAL n 
2 98  ARG n 
2 99  ALA n 
2 100 LEU n 
2 101 THR n 
2 102 ALA n 
2 103 ASP n 
2 104 ALA n 
2 105 GLN n 
2 106 GLY n 
2 107 ARG n 
2 108 VAL n 
2 109 GLY n 
2 110 TRP n 
2 111 ARG n 
2 112 TRP n 
2 113 ILE n 
2 114 ARG n 
2 115 ILE n 
2 116 ASP n 
2 117 THR n 
2 118 ALA n 
2 119 CYS n 
2 120 VAL n 
2 121 CYS n 
2 122 THR n 
2 123 LEU n 
2 124 LEU n 
2 125 SER n 
2 126 ARG n 
2 127 THR n 
2 128 GLY n 
2 129 ARG n 
2 130 ALA n 
# 
loop_
_entity_src_gen.entity_id 
_entity_src_gen.pdbx_src_id 
_entity_src_gen.pdbx_alt_source_flag 
_entity_src_gen.pdbx_seq_type 
_entity_src_gen.pdbx_beg_seq_num 
_entity_src_gen.pdbx_end_seq_num 
_entity_src_gen.gene_src_common_name 
_entity_src_gen.gene_src_genus 
_entity_src_gen.pdbx_gene_src_gene 
_entity_src_gen.gene_src_species 
_entity_src_gen.gene_src_strain 
_entity_src_gen.gene_src_tissue 
_entity_src_gen.gene_src_tissue_fraction 
_entity_src_gen.gene_src_details 
_entity_src_gen.pdbx_gene_src_fragment 
_entity_src_gen.pdbx_gene_src_scientific_name 
_entity_src_gen.pdbx_gene_src_ncbi_taxonomy_id 
_entity_src_gen.pdbx_gene_src_variant 
_entity_src_gen.pdbx_gene_src_cell_line 
_entity_src_gen.pdbx_gene_src_atcc 
_entity_src_gen.pdbx_gene_src_organ 
_entity_src_gen.pdbx_gene_src_organelle 
_entity_src_gen.pdbx_gene_src_cell 
_entity_src_gen.pdbx_gene_src_cellular_location 
_entity_src_gen.host_org_common_name 
_entity_src_gen.pdbx_host_org_scientific_name 
_entity_src_gen.pdbx_host_org_ncbi_taxonomy_id 
_entity_src_gen.host_org_genus 
_entity_src_gen.pdbx_host_org_gene 
_entity_src_gen.pdbx_host_org_organ 
_entity_src_gen.host_org_species 
_entity_src_gen.pdbx_host_org_tissue 
_entity_src_gen.pdbx_host_org_tissue_fraction 
_entity_src_gen.pdbx_host_org_strain 
_entity_src_gen.pdbx_host_org_variant 
_entity_src_gen.pdbx_host_org_cell_line 
_entity_src_gen.pdbx_host_org_atcc 
_entity_src_gen.pdbx_host_org_culture_collection 
_entity_src_gen.pdbx_host_org_cell 
_entity_src_gen.pdbx_host_org_organelle 
_entity_src_gen.pdbx_host_org_cellular_location 
_entity_src_gen.pdbx_host_org_vector_type 
_entity_src_gen.pdbx_host_org_vector 
_entity_src_gen.host_org_details 
_entity_src_gen.expression_system_id 
_entity_src_gen.plasmid_name 
_entity_src_gen.plasmid_details 
_entity_src_gen.pdbx_description 
1 1 sample ? ? ? human Homo ? ? ? ? ? ? ? 'Homo sapiens' 9606 ? ? ? ? ? ? ? ? 'Escherichia coli' 562 Escherichia ? ? ? ? ? ? ? ? ? 
? ? ? ? ? ? ? ? ? ? 'SUPPLIED BY REGENERON PHARM.;' 
2 1 sample ? ? ? human Homo ? ? ? ? ? ? ? 'Homo sapiens' 9606 ? ? ? ? ? ? ? ? 'Escherichia coli' 562 Escherichia ? ? ? ? ? ? ? ? ? 
? ? ? ? ? ? ? ? ? ? 'SUPPLIED BY REGENERON PHARM.'  
# 
loop_
_chem_comp.id 
_chem_comp.type 
_chem_comp.mon_nstd_flag 
_chem_comp.name 
_chem_comp.pdbx_synonyms 
_chem_comp.formula 
_chem_comp.formula_weight 
ALA 'L-peptide linking' y ALANINE         ? 'C3 H7 N O2'     89.093  
ARG 'L-peptide linking' y ARGININE        ? 'C6 H15 N4 O2 1' 175.209 
ASN 'L-peptide linking' y ASPARAGINE      ? 'C4 H8 N2 O3'    132.118 
ASP 'L-peptide linking' y 'ASPARTIC ACID' ? 'C4 H7 N O4'     133.103 
CYS 'L-peptide linking' y CYSTEINE        ? 'C3 H7 N O2 S'   121.158 
GLN 'L-peptide linking' y GLUTAMINE       ? 'C5 H10 N2 O3'   146.144 
GLU 'L-peptide linking' y 'GLUTAMIC ACID' ? 'C5 H9 N O4'     147.129 
GLY 'peptide linking'   y GLYCINE         ? 'C2 H5 N O2'     75.067  
HIS 'L-peptide linking' y HISTIDINE       ? 'C6 H10 N3 O2 1' 156.162 
HOH non-polymer         . WATER           ? 'H2 O'           18.015  
ILE 'L-peptide linking' y ISOLEUCINE      ? 'C6 H13 N O2'    131.173 
LEU 'L-peptide linking' y LEUCINE         ? 'C6 H13 N O2'    131.173 
LYS 'L-peptide linking' y LYSINE          ? 'C6 H15 N2 O2 1' 147.195 
MET 'L-peptide linking' y METHIONINE      ? 'C5 H11 N O2 S'  149.211 
PHE 'L-peptide linking' y PHENYLALANINE   ? 'C9 H11 N O2'    165.189 
PRO 'L-peptide linking' y PROLINE         ? 'C5 H9 N O2'     115.130 
SER 'L-peptide linking' y SERINE          ? 'C3 H7 N O3'     105.093 
THR 'L-peptide linking' y THREONINE       ? 'C4 H9 N O3'     119.119 
TRP 'L-peptide linking' y TRYPTOPHAN      ? 'C11 H12 N2 O2'  204.225 
TYR 'L-peptide linking' y TYROSINE        ? 'C9 H11 N O3'    181.189 
VAL 'L-peptide linking' y VALINE          ? 'C5 H11 N O2'    117.146 
# 
loop_
_pdbx_poly_seq_scheme.asym_id 
_pdbx_poly_seq_scheme.entity_id 
_pdbx_poly_seq_scheme.seq_id 
_pdbx_poly_seq_scheme.mon_id 
_pdbx_poly_seq_scheme.ndb_seq_num 
_pdbx_poly_seq_scheme.pdb_seq_num 
_pdbx_poly_seq_scheme.auth_seq_num 
_pdbx_poly_seq_scheme.pdb_mon_id 
_pdbx_poly_seq_scheme.auth_mon_id 
_pdbx_poly_seq_scheme.pdb_strand_id 
_pdbx_poly_seq_scheme.pdb_ins_code 
_pdbx_poly_seq_scheme.hetero 
A 1 1   HIS 1   1   ?   ?   ?   A . n 
A 1 2   SER 2   2   ?   ?   ?   A . n 
A 1 3   ASP 3   3   ?   ?   ?   A . n 
A 1 4   PRO 4   4   ?   ?   ?   A . n 
A 1 5   ALA 5   5   ?   ?   ?   A . n 
A 1 6   ARG 6   6   ?   ?   ?   A . n 
A 1 7   ARG 7   7   ?   ?   ?   A . n 
A 1 8   GLY 8   8   8   GLY GLY A . n 
A 1 9   GLU 9   9   9   GLU GLU A . n 
A 1 10  LEU 10  10  10  LEU LEU A . n 
A 1 11  SER 11  11  11  SER SER A . n 
A 1 12  VAL 12  12  12  VAL VAL A . n 
A 1 13  CYS 13  13  13  CYS CYS A . n 
A 1 14  ASP 14  14  14  ASP ASP A . n 
A 1 15  SER 15  15  15  SER SER A . n 
A 1 16  ILE 16  16  16  ILE ILE A . n 
A 1 17  SER 17  17  17  SER SER A . n 
A 1 18  GLU 18  18  18  GLU GLU A . n 
A 1 19  TRP 19  19  19  TRP TRP A . n 
A 1 20  VAL 20  20  20  VAL VAL A . n 
A 1 21  THR 21  21  21  THR THR A . n 
A 1 22  ALA 22  22  22  ALA ALA A . n 
A 1 23  ALA 23  23  23  ALA ALA A . n 
A 1 24  ASP 24  24  24  ASP ASP A . n 
A 1 25  LYS 25  25  25  LYS LYS A . n 
A 1 26  LYS 26  26  26  LYS LYS A . n 
A 1 27  THR 27  27  27  THR THR A . n 
A 1 28  ALA 28  28  28  ALA ALA A . n 
A 1 29  VAL 29  29  29  VAL VAL A . n 
A 1 30  ASP 30  30  30  ASP ASP A . n 
A 1 31  MET 31  31  31  MET MET A . n 
A 1 32  SER 32  32  32  SER SER A . n 
A 1 33  GLY 33  33  33  GLY GLY A . n 
A 1 34  GLY 34  34  34  GLY GLY A . n 
A 1 35  THR 35  35  35  THR THR A . n 
A 1 36  VAL 36  36  36  VAL VAL A . n 
A 1 37  THR 37  37  37  THR THR A . n 
A 1 38  VAL 38  38  38  VAL VAL A . n 
A 1 39  LEU 39  39  39  LEU LEU A . n 
A 1 40  GLU 40  40  40  GLU GLU A . n 
A 1 41  LYS 41  41  41  LYS LYS A . n 
A 1 42  VAL 42  42  42  VAL VAL A . n 
A 1 43  PRO 43  43  43  PRO PRO A . n 
A 1 44  VAL 44  44  44  VAL VAL A . n 
A 1 45  SER 45  45  45  SER SER A . n 
A 1 46  LYS 46  46  46  LYS LYS A . n 
A 1 47  GLY 47  47  47  GLY GLY A . n 
A 1 48  GLN 48  48  48  GLN GLN A . n 
A 1 49  LEU 49  49  49  LEU LEU A . n 
A 1 50  LYS 50  50  50  LYS LYS A . n 
A 1 51  GLN 51  51  51  GLN GLN A . n 
A 1 52  TYR 52  52  52  TYR TYR A . n 
A 1 53  PHE 53  53  53  PHE PHE A . n 
A 1 54  TYR 54  54  54  TYR TYR A . n 
A 1 55  GLU 55  55  55  GLU GLU A . n 
A 1 56  THR 56  56  56  THR THR A . n 
A 1 57  LYS 57  57  57  LYS LYS A . n 
A 1 58  CYS 58  58  58  CYS CYS A . n 
A 1 59  ASN 59  59  59  ASN ASN A . n 
A 1 60  PRO 60  60  60  PRO PRO A . n 
A 1 61  MET 61  61  61  MET MET A . n 
A 1 62  GLY 62  62  62  GLY GLY A . n 
A 1 63  TYR 63  63  63  TYR TYR A . n 
A 1 64  THR 64  64  64  THR THR A . n 
A 1 65  LYS 65  65  65  LYS LYS A . n 
A 1 66  GLU 66  66  66  GLU GLU A . n 
A 1 67  GLY 67  67  67  GLY GLY A . n 
A 1 68  CYS 68  68  68  CYS CYS A . n 
A 1 69  ARG 69  69  69  ARG ARG A . n 
A 1 70  GLY 70  70  70  GLY GLY A . n 
A 1 71  ILE 71  71  71  ILE ILE A . n 
A 1 72  ASP 72  72  72  ASP ASP A . n 
A 1 73  LYS 73  73  73  LYS LYS A . n 
A 1 74  ARG 74  74  74  ARG ARG A . n 
A 1 75  HIS 75  75  75  HIS HIS A . n 
A 1 76  TRP 76  76  76  TRP TRP A . n 
A 1 77  ASN 77  77  77  ASN ASN A . n 
A 1 78  SER 78  78  78  SER SER A . n 
A 1 79  GLN 79  79  79  GLN GLN A . n 
A 1 80  CYS 80  80  80  CYS CYS A . n 
A 1 81  ARG 81  81  81  ARG ARG A . n 
A 1 82  THR 82  82  82  THR THR A . n 
A 1 83  THR 83  83  83  THR THR A . n 
A 1 84  GLN 84  84  84  GLN GLN A . n 
A 1 85  SER 85  85  85  SER SER A . n 
A 1 86  TYR 86  86  86  TYR TYR A . n 
A 1 87  VAL 87  87  87  VAL VAL A . n 
A 1 88  ARG 88  88  88  ARG ARG A . n 
A 1 89  ALA 89  89  89  ALA ALA A . n 
A 1 90  LEU 90  90  90  LEU LEU A . n 
A 1 91  THR 91  91  91  THR THR A . n 
A 1 92  MET 92  92  92  MET MET A . n 
A 1 93  ASP 93  93  93  ASP ASP A . n 
A 1 94  SER 94  94  94  SER SER A . n 
A 1 95  LYS 95  95  95  LYS LYS A . n 
A 1 96  LYS 96  96  96  LYS LYS A . n 
A 1 97  ARG 97  97  97  ARG ARG A . n 
A 1 98  ILE 98  98  98  ILE ILE A . n 
A 1 99  GLY 99  99  99  GLY GLY A . n 
A 1 100 TRP 100 100 100 TRP TRP A . n 
A 1 101 ARG 101 101 101 ARG ARG A . n 
A 1 102 PHE 102 102 102 PHE PHE A . n 
A 1 103 ILE 103 103 103 ILE ILE A . n 
A 1 104 ARG 104 104 104 ARG ARG A . n 
A 1 105 ILE 105 105 105 ILE ILE A . n 
A 1 106 ASP 106 106 106 ASP ASP A . n 
A 1 107 THR 107 107 107 THR THR A . n 
A 1 108 SER 108 108 108 SER SER A . n 
A 1 109 CYS 109 109 109 CYS CYS A . n 
A 1 110 VAL 110 110 110 VAL VAL A . n 
A 1 111 CYS 111 111 111 CYS CYS A . n 
A 1 112 THR 112 112 112 THR THR A . n 
A 1 113 LEU 113 113 113 LEU LEU A . n 
A 1 114 THR 114 114 114 THR THR A . n 
A 1 115 ILE 115 115 115 ILE ILE A . n 
A 1 116 LYS 116 116 116 LYS LYS A . n 
A 1 117 ARG 117 117 ?   ?   ?   A . n 
A 1 118 GLY 118 118 ?   ?   ?   A . n 
A 1 119 ARG 119 119 ?   ?   ?   A . n 
B 2 1   GLY 1   1   ?   ?   ?   B . n 
B 2 2   VAL 2   2   ?   ?   ?   B . n 
B 2 3   SER 3   3   ?   ?   ?   B . n 
B 2 4   GLU 4   4   ?   ?   ?   B . n 
B 2 5   THR 5   5   ?   ?   ?   B . n 
B 2 6   ALA 6   6   ?   ?   ?   B . n 
B 2 7   PRO 7   7   ?   ?   ?   B . n 
B 2 8   ALA 8   8   ?   ?   ?   B . n 
B 2 9   SER 9   9   ?   ?   ?   B . n 
B 2 10  ARG 10  10  ?   ?   ?   B . n 
B 2 11  ARG 11  11  ?   ?   ?   B . n 
B 2 12  GLY 12  12  12  GLY GLY B . n 
B 2 13  GLU 13  13  13  GLU GLU B . n 
B 2 14  LEU 14  14  14  LEU LEU B . n 
B 2 15  ALA 15  15  15  ALA ALA B . n 
B 2 16  VAL 16  16  16  VAL VAL B . n 
B 2 17  CYS 17  17  17  CYS CYS B . n 
B 2 18  ASP 18  18  18  ASP ASP B . n 
B 2 19  ALA 19  19  19  ALA ALA B . n 
B 2 20  VAL 20  20  20  VAL VAL B . n 
B 2 21  SER 21  21  21  SER SER B . n 
B 2 22  GLY 22  22  22  GLY GLY B . n 
B 2 23  TRP 23  23  23  TRP TRP B . n 
B 2 24  VAL 24  24  24  VAL VAL B . n 
B 2 25  THR 25  25  25  THR THR B . n 
B 2 26  ASP 26  26  26  ASP ASP B . n 
B 2 27  ARG 27  27  27  ARG ARG B . n 
B 2 28  ARG 28  28  28  ARG ARG B . n 
B 2 29  THR 29  29  29  THR THR B . n 
B 2 30  ALA 30  30  30  ALA ALA B . n 
B 2 31  VAL 31  31  31  VAL VAL B . n 
B 2 32  ASP 32  32  32  ASP ASP B . n 
B 2 33  LEU 33  33  33  LEU LEU B . n 
B 2 34  ARG 34  34  34  ARG ARG B . n 
B 2 35  GLY 35  35  35  GLY GLY B . n 
B 2 36  ARG 36  36  36  ARG ARG B . n 
B 2 37  GLU 37  37  37  GLU GLU B . n 
B 2 38  VAL 38  38  38  VAL VAL B . n 
B 2 39  GLU 39  39  39  GLU GLU B . n 
B 2 40  VAL 40  40  40  VAL VAL B . n 
B 2 41  LEU 41  41  41  LEU LEU B . n 
B 2 42  GLY 42  42  42  GLY GLY B . n 
B 2 43  GLU 43  43  43  GLU GLU B . n 
B 2 44  VAL 44  44  44  VAL VAL B . n 
B 2 45  PRO 45  45  45  PRO PRO B . n 
B 2 46  ALA 46  46  46  ALA ALA B . n 
B 2 47  ALA 47  47  47  ALA ALA B . n 
B 2 48  GLY 48  48  48  GLY GLY B . n 
B 2 49  GLY 49  49  49  GLY GLY B . n 
B 2 50  SER 50  50  50  SER SER B . n 
B 2 51  PRO 51  51  51  PRO PRO B . n 
B 2 52  LEU 52  52  52  LEU LEU B . n 
B 2 53  ARG 53  53  53  ARG ARG B . n 
B 2 54  GLN 54  54  54  GLN GLN B . n 
B 2 55  TYR 55  55  55  TYR TYR B . n 
B 2 56  PHE 56  56  56  PHE PHE B . n 
B 2 57  PHE 57  57  57  PHE PHE B . n 
B 2 58  GLU 58  58  58  GLU GLU B . n 
B 2 59  THR 59  59  59  THR THR B . n 
B 2 60  ARG 60  60  60  ARG ARG B . n 
B 2 61  CYS 61  61  61  CYS CYS B . n 
B 2 62  LYS 62  62  62  LYS LYS B . n 
B 2 63  ALA 63  63  63  ALA ALA B . n 
B 2 64  ASP 64  64  ?   ?   ?   B . n 
B 2 65  ASN 65  65  ?   ?   ?   B . n 
B 2 66  ALA 66  66  ?   ?   ?   B . n 
B 2 67  GLU 67  67  ?   ?   ?   B . n 
B 2 68  GLU 68  68  68  GLU ALA B . n 
B 2 69  GLY 69  69  69  GLY GLY B . n 
B 2 70  GLY 70  70  70  GLY GLY B . n 
B 2 71  PRO 71  71  71  PRO PRO B . n 
B 2 72  GLY 72  72  72  GLY GLY B . n 
B 2 73  ALA 73  73  73  ALA ALA B . n 
B 2 74  GLY 74  74  74  GLY GLY B . n 
B 2 75  GLY 75  75  75  GLY GLY B . n 
B 2 76  GLY 76  76  76  GLY GLY B . n 
B 2 77  GLY 77  77  77  GLY GLY B . n 
B 2 78  CYS 78  78  78  CYS CYS B . n 
B 2 79  ARG 79  79  79  ARG ARG B . n 
B 2 80  GLY 80  80  80  GLY GLY B . n 
B 2 81  VAL 81  81  81  VAL VAL B . n 
B 2 82  ASP 82  82  82  ASP ASP B . n 
B 2 83  ARG 83  83  83  ARG ARG B . n 
B 2 84  ARG 84  84  84  ARG ARG B . n 
B 2 85  HIS 85  85  85  HIS HIS B . n 
B 2 86  TRP 86  86  86  TRP TRP B . n 
B 2 87  VAL 87  87  87  VAL VAL B . n 
B 2 88  SER 88  88  88  SER SER B . n 
B 2 89  GLU 89  89  89  GLU GLU B . n 
B 2 90  CYS 90  90  90  CYS CYS B . n 
B 2 91  LYS 91  91  91  LYS LYS B . n 
B 2 92  ALA 92  92  92  ALA ALA B . n 
B 2 93  LYS 93  93  93  LYS LYS B . n 
B 2 94  GLN 94  94  94  GLN GLN B . n 
B 2 95  SER 95  95  95  SER SER B . n 
B 2 96  TYR 96  96  96  TYR TYR B . n 
B 2 97  VAL 97  97  97  VAL VAL B . n 
B 2 98  ARG 98  98  98  ARG ARG B . n 
B 2 99  ALA 99  99  99  ALA ALA B . n 
B 2 100 LEU 100 100 100 LEU LEU B . n 
B 2 101 THR 101 101 101 THR THR B . n 
B 2 102 ALA 102 102 102 ALA ALA B . n 
B 2 103 ASP 103 103 103 ASP ASP B . n 
B 2 104 ALA 104 104 104 ALA ALA B . n 
B 2 105 GLN 105 105 105 GLN GLN B . n 
B 2 106 GLY 106 106 106 GLY GLY B . n 
B 2 107 ARG 107 107 107 ARG ARG B . n 
B 2 108 VAL 108 108 108 VAL VAL B . n 
B 2 109 GLY 109 109 109 GLY GLY B . n 
B 2 110 TRP 110 110 110 TRP TRP B . n 
B 2 111 ARG 111 111 111 ARG ARG B . n 
B 2 112 TRP 112 112 112 TRP TRP B . n 
B 2 113 ILE 113 113 113 ILE ILE B . n 
B 2 114 ARG 114 114 114 ARG ARG B . n 
B 2 115 ILE 115 115 115 ILE ILE B . n 
B 2 116 ASP 116 116 116 ASP ASP B . n 
B 2 117 THR 117 117 117 THR THR B . n 
B 2 118 ALA 118 118 118 ALA ALA B . n 
B 2 119 CYS 119 119 119 CYS CYS B . n 
B 2 120 VAL 120 120 120 VAL VAL B . n 
B 2 121 CYS 121 121 121 CYS CYS B . n 
B 2 122 THR 122 122 122 THR THR B . n 
B 2 123 LEU 123 123 123 LEU LEU B . n 
B 2 124 LEU 124 124 124 LEU LEU B . n 
B 2 125 SER 125 125 125 SER SER B . n 
B 2 126 ARG 126 126 126 ARG ARG B . n 
B 2 127 THR 127 127 127 THR THR B . n 
B 2 128 GLY 128 128 128 GLY GLY B . n 
B 2 129 ARG 129 129 129 ARG ARG B . n 
B 2 130 ALA 130 130 130 ALA ALA B . n 
# 
loop_
_pdbx_nonpoly_scheme.asym_id 
_pdbx_nonpoly_scheme.entity_id 
_pdbx_nonpoly_scheme.mon_id 
_pdbx_nonpoly_scheme.ndb_seq_num 
_pdbx_nonpoly_scheme.pdb_seq_num 
_pdbx_nonpoly_scheme.auth_seq_num 
_pdbx_nonpoly_scheme.pdb_mon_id 
_pdbx_nonpoly_scheme.auth_mon_id 
_pdbx_nonpoly_scheme.pdb_strand_id 
_pdbx_nonpoly_scheme.pdb_ins_code 
C 3 HOH 1  120 1  HOH HOH A . 
C 3 HOH 2  121 2  HOH HOH A . 
C 3 HOH 3  122 3  HOH HOH A . 
C 3 HOH 4  123 4  HOH HOH A . 
C 3 HOH 5  124 5  HOH HOH A . 
C 3 HOH 6  125 6  HOH HOH A . 
C 3 HOH 7  126 7  HOH HOH A . 
C 3 HOH 8  127 8  HOH HOH A . 
C 3 HOH 9  128 10 HOH HOH A . 
C 3 HOH 10 129 11 HOH HOH A . 
C 3 HOH 11 130 12 HOH HOH A . 
C 3 HOH 12 131 13 HOH HOH A . 
C 3 HOH 13 132 15 HOH HOH A . 
C 3 HOH 14 133 16 HOH HOH A . 
C 3 HOH 15 134 17 HOH HOH A . 
C 3 HOH 16 135 18 HOH HOH A . 
C 3 HOH 17 136 19 HOH HOH A . 
C 3 HOH 18 137 20 HOH HOH A . 
C 3 HOH 19 138 22 HOH HOH A . 
C 3 HOH 20 139 24 HOH HOH A . 
C 3 HOH 21 140 25 HOH HOH A . 
C 3 HOH 22 141 26 HOH HOH A . 
C 3 HOH 23 142 27 HOH HOH A . 
C 3 HOH 24 143 28 HOH HOH A . 
C 3 HOH 25 144 29 HOH HOH A . 
C 3 HOH 26 145 30 HOH HOH A . 
C 3 HOH 27 146 31 HOH HOH A . 
C 3 HOH 28 147 32 HOH HOH A . 
C 3 HOH 29 148 33 HOH HOH A . 
C 3 HOH 30 149 34 HOH HOH A . 
C 3 HOH 31 150 35 HOH HOH A . 
C 3 HOH 32 151 38 HOH HOH A . 
C 3 HOH 33 152 39 HOH HOH A . 
C 3 HOH 34 153 40 HOH HOH A . 
C 3 HOH 35 154 41 HOH HOH A . 
C 3 HOH 36 155 42 HOH HOH A . 
C 3 HOH 37 156 43 HOH HOH A . 
C 3 HOH 38 157 44 HOH HOH A . 
D 3 HOH 1  131 9  HOH HOH B . 
D 3 HOH 2  132 14 HOH HOH B . 
D 3 HOH 3  133 21 HOH HOH B . 
D 3 HOH 4  134 23 HOH HOH B . 
D 3 HOH 5  135 36 HOH HOH B . 
D 3 HOH 6  136 37 HOH HOH B . 
D 3 HOH 7  137 45 HOH HOH B . 
D 3 HOH 8  138 46 HOH HOH B . 
D 3 HOH 9  139 47 HOH HOH B . 
D 3 HOH 10 140 48 HOH HOH B . 
D 3 HOH 11 141 49 HOH HOH B . 
D 3 HOH 12 142 50 HOH HOH B . 
D 3 HOH 13 143 51 HOH HOH B . 
D 3 HOH 14 144 52 HOH HOH B . 
D 3 HOH 15 145 53 HOH HOH B . 
D 3 HOH 16 146 54 HOH HOH B . 
D 3 HOH 17 147 55 HOH HOH B . 
D 3 HOH 18 148 56 HOH HOH B . 
D 3 HOH 19 149 57 HOH HOH B . 
# 
loop_
_pdbx_unobs_or_zero_occ_atoms.id 
_pdbx_unobs_or_zero_occ_atoms.PDB_model_num 
_pdbx_unobs_or_zero_occ_atoms.polymer_flag 
_pdbx_unobs_or_zero_occ_atoms.occupancy_flag 
_pdbx_unobs_or_zero_occ_atoms.auth_asym_id 
_pdbx_unobs_or_zero_occ_atoms.auth_comp_id 
_pdbx_unobs_or_zero_occ_atoms.auth_seq_id 
_pdbx_unobs_or_zero_occ_atoms.PDB_ins_code 
_pdbx_unobs_or_zero_occ_atoms.auth_atom_id 
_pdbx_unobs_or_zero_occ_atoms.label_alt_id 
_pdbx_unobs_or_zero_occ_atoms.label_asym_id 
_pdbx_unobs_or_zero_occ_atoms.label_comp_id 
_pdbx_unobs_or_zero_occ_atoms.label_seq_id 
_pdbx_unobs_or_zero_occ_atoms.label_atom_id 
1 1 Y 1 B GLU 68 ? CG  ? B GLU 68 CG  
2 1 Y 1 B GLU 68 ? CD  ? B GLU 68 CD  
3 1 Y 1 B GLU 68 ? OE1 ? B GLU 68 OE1 
4 1 Y 1 B GLU 68 ? OE2 ? B GLU 68 OE2 
# 
loop_
_software.name 
_software.classification 
_software.version 
_software.citation_id 
_software.pdbx_ordinal 
DENZO     'data reduction' . ? 1 
SCALEPACK 'data scaling'   . ? 2 
AMoRE     phasing          . ? 3 
X-PLOR    refinement       . ? 4 
# 
_cell.entry_id           1B8M 
_cell.length_a           50.700 
_cell.length_b           105.900 
_cell.length_c           51.800 
_cell.angle_alpha        90.00 
_cell.angle_beta         90.00 
_cell.angle_gamma        90.00 
_cell.Z_PDB              4 
_cell.pdbx_unique_axis   ? 
# 
_symmetry.entry_id                         1B8M 
_symmetry.space_group_name_H-M             'P 21 21 2' 
_symmetry.pdbx_full_space_group_name_H-M   ? 
_symmetry.cell_setting                     ? 
_symmetry.Int_Tables_number                18 
# 
_exptl.entry_id          1B8M 
_exptl.method            'X-RAY DIFFRACTION' 
_exptl.crystals_number   1 
# 
_exptl_crystal.id                    1 
_exptl_crystal.density_meas          ? 
_exptl_crystal.density_Matthews      2.53 
_exptl_crystal.density_percent_sol   50 
_exptl_crystal.description           ? 
# 
_exptl_crystal_grow.crystal_id      1 
_exptl_crystal_grow.method          ? 
_exptl_crystal_grow.temp            ? 
_exptl_crystal_grow.temp_details    ? 
_exptl_crystal_grow.pH              6.0 
_exptl_crystal_grow.pdbx_details    'pH 6.0' 
_exptl_crystal_grow.pdbx_pH_range   ? 
# 
_diffrn.id                     1 
_diffrn.ambient_temp           270.0 
_diffrn.ambient_temp_details   ? 
_diffrn.crystal_id             1 
# 
_diffrn_detector.diffrn_id              1 
_diffrn_detector.detector               'IMAGE PLATE' 
_diffrn_detector.type                   'MAR scanner 300 mm plate' 
_diffrn_detector.pdbx_collection_date   ? 
_diffrn_detector.details                ? 
# 
_diffrn_radiation.diffrn_id                        1 
_diffrn_radiation.wavelength_id                    1 
_diffrn_radiation.pdbx_monochromatic_or_laue_m_l   M 
_diffrn_radiation.monochromator                    ? 
_diffrn_radiation.pdbx_diffrn_protocol             'SINGLE WAVELENGTH' 
_diffrn_radiation.pdbx_scattering_type             x-ray 
# 
_diffrn_radiation_wavelength.id           1 
_diffrn_radiation_wavelength.wavelength   0.97 
_diffrn_radiation_wavelength.wt           1.0 
# 
_diffrn_source.diffrn_id                   1 
_diffrn_source.source                      SYNCHROTRON 
_diffrn_source.type                        'SRS BEAMLINE PX9.6' 
_diffrn_source.pdbx_synchrotron_site       SRS 
_diffrn_source.pdbx_synchrotron_beamline   PX9.6 
_diffrn_source.pdbx_wavelength             0.97 
_diffrn_source.pdbx_wavelength_list        ? 
# 
_reflns.entry_id                     1B8M 
_reflns.observed_criterion_sigma_I   ? 
_reflns.observed_criterion_sigma_F   ? 
_reflns.d_resolution_low             20.0 
_reflns.d_resolution_high            2.75 
_reflns.number_obs                   7858 
_reflns.number_all                   ? 
_reflns.percent_possible_obs         98.0 
_reflns.pdbx_Rmerge_I_obs            0.06 
_reflns.pdbx_Rsym_value              ? 
_reflns.pdbx_netI_over_sigmaI        ? 
_reflns.B_iso_Wilson_estimate        ? 
_reflns.pdbx_redundancy              2.7 
_reflns.R_free_details               ? 
_reflns.limit_h_max                  ? 
_reflns.limit_h_min                  ? 
_reflns.limit_k_max                  ? 
_reflns.limit_k_min                  ? 
_reflns.limit_l_max                  ? 
_reflns.limit_l_min                  ? 
_reflns.observed_criterion_F_max     ? 
_reflns.observed_criterion_F_min     ? 
_reflns.pdbx_diffrn_id               1 
_reflns.pdbx_ordinal                 1 
# 
_refine.entry_id                                 1B8M 
_refine.ls_number_reflns_obs                     7858 
_refine.ls_number_reflns_all                     ? 
_refine.pdbx_ls_sigma_I                          ? 
_refine.pdbx_ls_sigma_F                          0.0 
_refine.pdbx_data_cutoff_high_absF               10000000.0 
_refine.pdbx_data_cutoff_low_absF                0.001 
_refine.pdbx_data_cutoff_high_rms_absF           ? 
_refine.ls_d_res_low                             20.0 
_refine.ls_d_res_high                            2.75 
_refine.ls_percent_reflns_obs                    98.0 
_refine.ls_R_factor_obs                          ? 
_refine.ls_R_factor_all                          ? 
_refine.ls_R_factor_R_work                       0.198 
_refine.ls_R_factor_R_free                       0.279 
_refine.ls_R_factor_R_free_error                 ? 
_refine.ls_R_factor_R_free_error_details         ? 
_refine.ls_percent_reflns_R_free                 5.0 
_refine.ls_number_reflns_R_free                  ? 
_refine.ls_number_parameters                     ? 
_refine.ls_number_restraints                     ? 
_refine.occupancy_min                            ? 
_refine.occupancy_max                            ? 
_refine.B_iso_mean                               36.9 
_refine.aniso_B[1][1]                            ? 
_refine.aniso_B[2][2]                            ? 
_refine.aniso_B[3][3]                            ? 
_refine.aniso_B[1][2]                            ? 
_refine.aniso_B[1][3]                            ? 
_refine.aniso_B[2][3]                            ? 
_refine.solvent_model_details                    ? 
_refine.solvent_model_param_ksol                 ? 
_refine.solvent_model_param_bsol                 ? 
_refine.pdbx_ls_cross_valid_method               THROUGHOUT 
_refine.details                                  ? 
_refine.pdbx_starting_model                      1BNF 
_refine.pdbx_method_to_determine_struct          'MOLECULAR REPLACEMENT' 
_refine.pdbx_isotropic_thermal_model             ? 
_refine.pdbx_stereochemistry_target_values       ? 
_refine.pdbx_stereochem_target_val_spec_case     ? 
_refine.pdbx_R_Free_selection_details            RANDOM 
_refine.pdbx_overall_ESU_R                       ? 
_refine.pdbx_overall_ESU_R_Free                  ? 
_refine.overall_SU_ML                            ? 
_refine.overall_SU_B                             ? 
_refine.ls_redundancy_reflns_obs                 ? 
_refine.B_iso_min                                ? 
_refine.B_iso_max                                ? 
_refine.correlation_coeff_Fo_to_Fc               ? 
_refine.correlation_coeff_Fo_to_Fc_free          ? 
_refine.pdbx_solvent_vdw_probe_radii             ? 
_refine.pdbx_solvent_ion_probe_radii             ? 
_refine.pdbx_solvent_shrinkage_radii             ? 
_refine.overall_SU_R_Cruickshank_DPI             ? 
_refine.overall_SU_R_free                        ? 
_refine.pdbx_refine_id                           'X-RAY DIFFRACTION' 
_refine.pdbx_diffrn_id                           1 
_refine.pdbx_TLS_residual_ADP_flag               ? 
_refine.pdbx_overall_phase_error                 ? 
_refine.pdbx_overall_SU_R_free_Cruickshank_DPI   ? 
_refine.pdbx_overall_SU_R_Blow_DPI               ? 
_refine.pdbx_overall_SU_R_free_Blow_DPI          ? 
# 
_refine_hist.pdbx_refine_id                   'X-RAY DIFFRACTION' 
_refine_hist.cycle_id                         LAST 
_refine_hist.pdbx_number_atoms_protein        1721 
_refine_hist.pdbx_number_atoms_nucleic_acid   0 
_refine_hist.pdbx_number_atoms_ligand         0 
_refine_hist.number_atoms_solvent             57 
_refine_hist.number_atoms_total               1778 
_refine_hist.d_res_high                       2.75 
_refine_hist.d_res_low                        20.0 
# 
loop_
_refine_ls_restr.type 
_refine_ls_restr.dev_ideal 
_refine_ls_restr.dev_ideal_target 
_refine_ls_restr.weight 
_refine_ls_restr.number 
_refine_ls_restr.pdbx_refine_id 
_refine_ls_restr.pdbx_restraint_function 
x_bond_d                0.014 ? ? ? 'X-RAY DIFFRACTION' ? 
x_bond_d_na             ?     ? ? ? 'X-RAY DIFFRACTION' ? 
x_bond_d_prot           ?     ? ? ? 'X-RAY DIFFRACTION' ? 
x_angle_d               ?     ? ? ? 'X-RAY DIFFRACTION' ? 
x_angle_d_na            ?     ? ? ? 'X-RAY DIFFRACTION' ? 
x_angle_d_prot          ?     ? ? ? 'X-RAY DIFFRACTION' ? 
x_angle_deg             2.0   ? ? ? 'X-RAY DIFFRACTION' ? 
x_angle_deg_na          ?     ? ? ? 'X-RAY DIFFRACTION' ? 
x_angle_deg_prot        ?     ? ? ? 'X-RAY DIFFRACTION' ? 
x_dihedral_angle_d      ?     ? ? ? 'X-RAY DIFFRACTION' ? 
x_dihedral_angle_d_na   ?     ? ? ? 'X-RAY DIFFRACTION' ? 
x_dihedral_angle_d_prot ?     ? ? ? 'X-RAY DIFFRACTION' ? 
x_improper_angle_d      ?     ? ? ? 'X-RAY DIFFRACTION' ? 
x_improper_angle_d_na   ?     ? ? ? 'X-RAY DIFFRACTION' ? 
x_improper_angle_d_prot ?     ? ? ? 'X-RAY DIFFRACTION' ? 
x_mcbond_it             ?     ? ? ? 'X-RAY DIFFRACTION' ? 
x_mcangle_it            ?     ? ? ? 'X-RAY DIFFRACTION' ? 
x_scbond_it             ?     ? ? ? 'X-RAY DIFFRACTION' ? 
x_scangle_it            ?     ? ? ? 'X-RAY DIFFRACTION' ? 
# 
_struct.entry_id                  1B8M 
_struct.title                     'BRAIN DERIVED NEUROTROPHIC FACTOR, NEUROTROPHIN-4' 
_struct.pdbx_model_details        ? 
_struct.pdbx_CASP_flag            ? 
_struct.pdbx_model_type_details   ? 
# 
_struct_keywords.entry_id        1B8M 
_struct_keywords.pdbx_keywords   'GROWTH FACTOR/NEUROTROPHIN-4' 
_struct_keywords.text            'COMPLEX (GROWTH FACTOR-GROWTH FACTOR), NEUROTROPHIN, GROWTH FACTOR-NEUROTROPHIN-4 COMPLEX' 
# 
loop_
_struct_asym.id 
_struct_asym.pdbx_blank_PDB_chainid_flag 
_struct_asym.pdbx_modified 
_struct_asym.entity_id 
_struct_asym.details 
A N N 1 ? 
B N N 2 ? 
C N N 3 ? 
D N N 3 ? 
# 
loop_
_struct_ref.id 
_struct_ref.db_name 
_struct_ref.db_code 
_struct_ref.entity_id 
_struct_ref.pdbx_db_accession 
_struct_ref.pdbx_align_begin 
_struct_ref.pdbx_seq_one_letter_code 
_struct_ref.pdbx_db_isoform 
1 GB HUMBDNFB  1 M61176 ? ? ? 
2 GB HUMPPNT4P 2 M86528 ? ? ? 
# 
loop_
_struct_ref_seq.align_id 
_struct_ref_seq.ref_id 
_struct_ref_seq.pdbx_PDB_id_code 
_struct_ref_seq.pdbx_strand_id 
_struct_ref_seq.seq_align_beg 
_struct_ref_seq.pdbx_seq_align_beg_ins_code 
_struct_ref_seq.seq_align_end 
_struct_ref_seq.pdbx_seq_align_end_ins_code 
_struct_ref_seq.pdbx_db_accession 
_struct_ref_seq.db_align_beg 
_struct_ref_seq.pdbx_db_align_beg_ins_code 
_struct_ref_seq.db_align_end 
_struct_ref_seq.pdbx_db_align_end_ins_code 
_struct_ref_seq.pdbx_auth_seq_align_beg 
_struct_ref_seq.pdbx_auth_seq_align_end 
1 1 1B8M A 1 ? 119 ? M61176 133 ? 251 ? 1 119 
2 2 1B8M B 1 ? 130 ? M86528 81  ? 210 ? 1 130 
# 
_pdbx_struct_assembly.id                   1 
_pdbx_struct_assembly.details              author_and_software_defined_assembly 
_pdbx_struct_assembly.method_details       PISA 
_pdbx_struct_assembly.oligomeric_details   dimeric 
_pdbx_struct_assembly.oligomeric_count     2 
# 
loop_
_pdbx_struct_assembly_prop.biol_id 
_pdbx_struct_assembly_prop.type 
_pdbx_struct_assembly_prop.value 
_pdbx_struct_assembly_prop.details 
1 'ABSA (A^2)' 2830  ? 
1 MORE         -17   ? 
1 'SSA (A^2)'  13150 ? 
# 
_pdbx_struct_assembly_gen.assembly_id       1 
_pdbx_struct_assembly_gen.oper_expression   1 
_pdbx_struct_assembly_gen.asym_id_list      A,B,C,D 
# 
_pdbx_struct_oper_list.id                   1 
_pdbx_struct_oper_list.type                 'identity operation' 
_pdbx_struct_oper_list.name                 1_555 
_pdbx_struct_oper_list.symmetry_operation   x,y,z 
_pdbx_struct_oper_list.matrix[1][1]         1.0000000000 
_pdbx_struct_oper_list.matrix[1][2]         0.0000000000 
_pdbx_struct_oper_list.matrix[1][3]         0.0000000000 
_pdbx_struct_oper_list.vector[1]            0.0000000000 
_pdbx_struct_oper_list.matrix[2][1]         0.0000000000 
_pdbx_struct_oper_list.matrix[2][2]         1.0000000000 
_pdbx_struct_oper_list.matrix[2][3]         0.0000000000 
_pdbx_struct_oper_list.vector[2]            0.0000000000 
_pdbx_struct_oper_list.matrix[3][1]         0.0000000000 
_pdbx_struct_oper_list.matrix[3][2]         0.0000000000 
_pdbx_struct_oper_list.matrix[3][3]         1.0000000000 
_pdbx_struct_oper_list.vector[3]            0.0000000000 
# 
_struct_biol.id                    1 
_struct_biol.pdbx_parent_biol_id   ? 
_struct_biol.details               ? 
# 
_struct_conf.conf_type_id            HELX_P 
_struct_conf.id                      HELX_P1 
_struct_conf.pdbx_PDB_helix_id       1 
_struct_conf.beg_label_comp_id       ALA 
_struct_conf.beg_label_asym_id       A 
_struct_conf.beg_label_seq_id        22 
_struct_conf.pdbx_beg_PDB_ins_code   ? 
_struct_conf.end_label_comp_id       LYS 
_struct_conf.end_label_asym_id       A 
_struct_conf.end_label_seq_id        25 
_struct_conf.pdbx_end_PDB_ins_code   ? 
_struct_conf.beg_auth_comp_id        ALA 
_struct_conf.beg_auth_asym_id        A 
_struct_conf.beg_auth_seq_id         22 
_struct_conf.end_auth_comp_id        LYS 
_struct_conf.end_auth_asym_id        A 
_struct_conf.end_auth_seq_id         25 
_struct_conf.pdbx_PDB_helix_class    5 
_struct_conf.details                 ? 
_struct_conf.pdbx_PDB_helix_length   4 
# 
_struct_conf_type.id          HELX_P 
_struct_conf_type.criteria    ? 
_struct_conf_type.reference   ? 
# 
loop_
_struct_conn.id 
_struct_conn.conn_type_id 
_struct_conn.pdbx_leaving_atom_flag 
_struct_conn.pdbx_PDB_id 
_struct_conn.ptnr1_label_asym_id 
_struct_conn.ptnr1_label_comp_id 
_struct_conn.ptnr1_label_seq_id 
_struct_conn.ptnr1_label_atom_id 
_struct_conn.pdbx_ptnr1_label_alt_id 
_struct_conn.pdbx_ptnr1_PDB_ins_code 
_struct_conn.pdbx_ptnr1_standard_comp_id 
_struct_conn.ptnr1_symmetry 
_struct_conn.ptnr2_label_asym_id 
_struct_conn.ptnr2_label_comp_id 
_struct_conn.ptnr2_label_seq_id 
_struct_conn.ptnr2_label_atom_id 
_struct_conn.pdbx_ptnr2_label_alt_id 
_struct_conn.pdbx_ptnr2_PDB_ins_code 
_struct_conn.ptnr1_auth_asym_id 
_struct_conn.ptnr1_auth_comp_id 
_struct_conn.ptnr1_auth_seq_id 
_struct_conn.ptnr2_auth_asym_id 
_struct_conn.ptnr2_auth_comp_id 
_struct_conn.ptnr2_auth_seq_id 
_struct_conn.ptnr2_symmetry 
_struct_conn.pdbx_ptnr3_label_atom_id 
_struct_conn.pdbx_ptnr3_label_seq_id 
_struct_conn.pdbx_ptnr3_label_comp_id 
_struct_conn.pdbx_ptnr3_label_asym_id 
_struct_conn.pdbx_ptnr3_label_alt_id 
_struct_conn.pdbx_ptnr3_PDB_ins_code 
_struct_conn.details 
_struct_conn.pdbx_dist_value 
_struct_conn.pdbx_value_order 
_struct_conn.pdbx_role 
disulf1 disulf ? ? A CYS 13 SG ? ? ? 1_555 A CYS 80  SG ? ? A CYS 13 A CYS 80  1_555 ? ? ? ? ? ? ? 2.006 ? ? 
disulf2 disulf ? ? A CYS 58 SG ? ? ? 1_555 A CYS 109 SG ? ? A CYS 58 A CYS 109 1_555 ? ? ? ? ? ? ? 2.039 ? ? 
disulf3 disulf ? ? A CYS 68 SG ? ? ? 1_555 A CYS 111 SG ? ? A CYS 68 A CYS 111 1_555 ? ? ? ? ? ? ? 2.017 ? ? 
disulf4 disulf ? ? B CYS 17 SG ? ? ? 1_555 B CYS 90  SG ? ? B CYS 17 B CYS 90  1_555 ? ? ? ? ? ? ? 2.024 ? ? 
disulf5 disulf ? ? B CYS 61 SG ? ? ? 1_555 B CYS 119 SG ? ? B CYS 61 B CYS 119 1_555 ? ? ? ? ? ? ? 2.015 ? ? 
disulf6 disulf ? ? B CYS 78 SG ? ? ? 1_555 B CYS 121 SG ? ? B CYS 78 B CYS 121 1_555 ? ? ? ? ? ? ? 2.021 ? ? 
# 
_struct_conn_type.id          disulf 
_struct_conn_type.criteria    ? 
_struct_conn_type.reference   ? 
# 
loop_
_pdbx_modification_feature.ordinal 
_pdbx_modification_feature.label_comp_id 
_pdbx_modification_feature.label_asym_id 
_pdbx_modification_feature.label_seq_id 
_pdbx_modification_feature.label_alt_id 
_pdbx_modification_feature.modified_residue_label_comp_id 
_pdbx_modification_feature.modified_residue_label_asym_id 
_pdbx_modification_feature.modified_residue_label_seq_id 
_pdbx_modification_feature.modified_residue_label_alt_id 
_pdbx_modification_feature.auth_comp_id 
_pdbx_modification_feature.auth_asym_id 
_pdbx_modification_feature.auth_seq_id 
_pdbx_modification_feature.PDB_ins_code 
_pdbx_modification_feature.symmetry 
_pdbx_modification_feature.modified_residue_auth_comp_id 
_pdbx_modification_feature.modified_residue_auth_asym_id 
_pdbx_modification_feature.modified_residue_auth_seq_id 
_pdbx_modification_feature.modified_residue_PDB_ins_code 
_pdbx_modification_feature.modified_residue_symmetry 
_pdbx_modification_feature.comp_id_linking_atom 
_pdbx_modification_feature.modified_residue_id_linking_atom 
_pdbx_modification_feature.modified_residue_id 
_pdbx_modification_feature.ref_pcm_id 
_pdbx_modification_feature.ref_comp_id 
_pdbx_modification_feature.type 
_pdbx_modification_feature.category 
1 CYS A 13 ? CYS A 80  ? CYS A 13 ? 1_555 CYS A 80  ? 1_555 SG SG . . . None 'Disulfide bridge' 
2 CYS A 58 ? CYS A 109 ? CYS A 58 ? 1_555 CYS A 109 ? 1_555 SG SG . . . None 'Disulfide bridge' 
3 CYS A 68 ? CYS A 111 ? CYS A 68 ? 1_555 CYS A 111 ? 1_555 SG SG . . . None 'Disulfide bridge' 
4 CYS B 17 ? CYS B 90  ? CYS B 17 ? 1_555 CYS B 90  ? 1_555 SG SG . . . None 'Disulfide bridge' 
5 CYS B 61 ? CYS B 119 ? CYS B 61 ? 1_555 CYS B 119 ? 1_555 SG SG . . . None 'Disulfide bridge' 
6 CYS B 78 ? CYS B 121 ? CYS B 78 ? 1_555 CYS B 121 ? 1_555 SG SG . . . None 'Disulfide bridge' 
# 
loop_
_struct_sheet.id 
_struct_sheet.type 
_struct_sheet.number_strands 
_struct_sheet.details 
A ? 2 ? 
B ? 2 ? 
C ? 2 ? 
D ? 2 ? 
E ? 2 ? 
F ? 2 ? 
G ? 2 ? 
H ? 2 ? 
# 
loop_
_struct_sheet_order.sheet_id 
_struct_sheet_order.range_id_1 
_struct_sheet_order.range_id_2 
_struct_sheet_order.offset 
_struct_sheet_order.sense 
A 1 2 ? anti-parallel 
B 1 2 ? anti-parallel 
C 1 2 ? anti-parallel 
D 1 2 ? anti-parallel 
E 1 2 ? anti-parallel 
F 1 2 ? anti-parallel 
G 1 2 ? anti-parallel 
H 1 2 ? anti-parallel 
# 
loop_
_struct_sheet_range.sheet_id 
_struct_sheet_range.id 
_struct_sheet_range.beg_label_comp_id 
_struct_sheet_range.beg_label_asym_id 
_struct_sheet_range.beg_label_seq_id 
_struct_sheet_range.pdbx_beg_PDB_ins_code 
_struct_sheet_range.end_label_comp_id 
_struct_sheet_range.end_label_asym_id 
_struct_sheet_range.end_label_seq_id 
_struct_sheet_range.pdbx_end_PDB_ins_code 
_struct_sheet_range.beg_auth_comp_id 
_struct_sheet_range.beg_auth_asym_id 
_struct_sheet_range.beg_auth_seq_id 
_struct_sheet_range.end_auth_comp_id 
_struct_sheet_range.end_auth_asym_id 
_struct_sheet_range.end_auth_seq_id 
A 1 SER A 15  ? THR A 21  ? SER A 15  THR A 21  
A 2 TYR A 52  ? CYS A 58  ? TYR A 52  CYS A 58  
B 1 THR A 27  ? VAL A 29  ? THR A 27  VAL A 29  
B 2 THR A 35  ? THR A 37  ? THR A 35  THR A 37  
C 1 LYS A 41  ? VAL A 44  ? LYS A 41  VAL A 44  
C 2 GLY A 47  ? LYS A 50  ? GLY A 47  LYS A 50  
D 1 ASN A 77  ? MET A 92  ? ASN A 77  MET A 92  
D 2 ILE A 98  ? THR A 114 ? ILE A 98  THR A 114 
E 1 ALA B 19  ? VAL B 24  ? ALA B 19  VAL B 24  
E 2 PHE B 56  ? CYS B 61  ? PHE B 56  CYS B 61  
F 1 THR B 29  ? VAL B 31  ? THR B 29  VAL B 31  
F 2 GLU B 37  ? GLU B 39  ? GLU B 37  GLU B 39  
G 1 GLN B 94  ? ALA B 102 ? GLN B 94  ALA B 102 
G 2 VAL B 108 ? ASP B 116 ? VAL B 108 ASP B 116 
H 1 VAL B 87  ? LYS B 93  ? VAL B 87  LYS B 93  
H 2 ALA B 118 ? SER B 125 ? ALA B 118 SER B 125 
# 
loop_
_pdbx_struct_sheet_hbond.sheet_id 
_pdbx_struct_sheet_hbond.range_id_1 
_pdbx_struct_sheet_hbond.range_id_2 
_pdbx_struct_sheet_hbond.range_1_label_atom_id 
_pdbx_struct_sheet_hbond.range_1_label_comp_id 
_pdbx_struct_sheet_hbond.range_1_label_asym_id 
_pdbx_struct_sheet_hbond.range_1_label_seq_id 
_pdbx_struct_sheet_hbond.range_1_PDB_ins_code 
_pdbx_struct_sheet_hbond.range_1_auth_atom_id 
_pdbx_struct_sheet_hbond.range_1_auth_comp_id 
_pdbx_struct_sheet_hbond.range_1_auth_asym_id 
_pdbx_struct_sheet_hbond.range_1_auth_seq_id 
_pdbx_struct_sheet_hbond.range_2_label_atom_id 
_pdbx_struct_sheet_hbond.range_2_label_comp_id 
_pdbx_struct_sheet_hbond.range_2_label_asym_id 
_pdbx_struct_sheet_hbond.range_2_label_seq_id 
_pdbx_struct_sheet_hbond.range_2_PDB_ins_code 
_pdbx_struct_sheet_hbond.range_2_auth_atom_id 
_pdbx_struct_sheet_hbond.range_2_auth_comp_id 
_pdbx_struct_sheet_hbond.range_2_auth_asym_id 
_pdbx_struct_sheet_hbond.range_2_auth_seq_id 
A 1 2 O ILE A 16 ? O ILE A 16 N LYS A 57  ? N LYS A 57  
B 1 2 O ALA A 28 ? O ALA A 28 N VAL A 36  ? N VAL A 36  
C 1 2 O VAL A 42 ? O VAL A 42 N LEU A 49  ? N LEU A 49  
D 1 2 O ASN A 77 ? O ASN A 77 N THR A 114 ? N THR A 114 
E 1 2 O VAL B 20 ? O VAL B 20 N ARG B 60  ? N ARG B 60  
F 1 2 O ALA B 30 ? O ALA B 30 N VAL B 38  ? N VAL B 38  
G 1 2 O SER B 95 ? O SER B 95 N ILE B 115 ? N ILE B 115 
H 1 2 O VAL B 87 ? O VAL B 87 N SER B 125 ? N SER B 125 
# 
_pdbx_entry_details.entry_id                   1B8M 
_pdbx_entry_details.compound_details           ? 
_pdbx_entry_details.source_details             ? 
_pdbx_entry_details.nonpolymer_details         ? 
_pdbx_entry_details.sequence_details           ? 
_pdbx_entry_details.has_ligand_of_interest     ? 
_pdbx_entry_details.has_protein_modification   Y 
# 
loop_
_pdbx_validate_rmsd_bond.id 
_pdbx_validate_rmsd_bond.PDB_model_num 
_pdbx_validate_rmsd_bond.auth_atom_id_1 
_pdbx_validate_rmsd_bond.auth_asym_id_1 
_pdbx_validate_rmsd_bond.auth_comp_id_1 
_pdbx_validate_rmsd_bond.auth_seq_id_1 
_pdbx_validate_rmsd_bond.PDB_ins_code_1 
_pdbx_validate_rmsd_bond.label_alt_id_1 
_pdbx_validate_rmsd_bond.auth_atom_id_2 
_pdbx_validate_rmsd_bond.auth_asym_id_2 
_pdbx_validate_rmsd_bond.auth_comp_id_2 
_pdbx_validate_rmsd_bond.auth_seq_id_2 
_pdbx_validate_rmsd_bond.PDB_ins_code_2 
_pdbx_validate_rmsd_bond.label_alt_id_2 
_pdbx_validate_rmsd_bond.bond_value 
_pdbx_validate_rmsd_bond.bond_target_value 
_pdbx_validate_rmsd_bond.bond_deviation 
_pdbx_validate_rmsd_bond.bond_standard_deviation 
_pdbx_validate_rmsd_bond.linker_flag 
1 1 CD A GLU 9  ? ? OE2 A GLU 9  ? ? 1.321 1.252 0.069 0.011 N 
2 1 CD B GLU 13 ? ? OE2 B GLU 13 ? ? 1.325 1.252 0.073 0.011 N 
# 
loop_
_pdbx_validate_rmsd_angle.id 
_pdbx_validate_rmsd_angle.PDB_model_num 
_pdbx_validate_rmsd_angle.auth_atom_id_1 
_pdbx_validate_rmsd_angle.auth_asym_id_1 
_pdbx_validate_rmsd_angle.auth_comp_id_1 
_pdbx_validate_rmsd_angle.auth_seq_id_1 
_pdbx_validate_rmsd_angle.PDB_ins_code_1 
_pdbx_validate_rmsd_angle.label_alt_id_1 
_pdbx_validate_rmsd_angle.auth_atom_id_2 
_pdbx_validate_rmsd_angle.auth_asym_id_2 
_pdbx_validate_rmsd_angle.auth_comp_id_2 
_pdbx_validate_rmsd_angle.auth_seq_id_2 
_pdbx_validate_rmsd_angle.PDB_ins_code_2 
_pdbx_validate_rmsd_angle.label_alt_id_2 
_pdbx_validate_rmsd_angle.auth_atom_id_3 
_pdbx_validate_rmsd_angle.auth_asym_id_3 
_pdbx_validate_rmsd_angle.auth_comp_id_3 
_pdbx_validate_rmsd_angle.auth_seq_id_3 
_pdbx_validate_rmsd_angle.PDB_ins_code_3 
_pdbx_validate_rmsd_angle.label_alt_id_3 
_pdbx_validate_rmsd_angle.angle_value 
_pdbx_validate_rmsd_angle.angle_target_value 
_pdbx_validate_rmsd_angle.angle_deviation 
_pdbx_validate_rmsd_angle.angle_standard_deviation 
_pdbx_validate_rmsd_angle.linker_flag 
1 1 NE B ARG 27  ? ? CZ B ARG 27  ? ? NH2 B ARG 27  ? ? 116.62 120.30 -3.68 0.50 N 
2 1 N  B GLY 128 ? ? CA B GLY 128 ? ? C   B GLY 128 ? ? 131.70 113.10 18.60 2.50 N 
# 
loop_
_pdbx_validate_torsion.id 
_pdbx_validate_torsion.PDB_model_num 
_pdbx_validate_torsion.auth_comp_id 
_pdbx_validate_torsion.auth_asym_id 
_pdbx_validate_torsion.auth_seq_id 
_pdbx_validate_torsion.PDB_ins_code 
_pdbx_validate_torsion.label_alt_id 
_pdbx_validate_torsion.phi 
_pdbx_validate_torsion.psi 
1 1 LYS A 46  ? ? 89.82   -7.38   
2 1 MET A 61  ? ? -109.15 40.83   
3 1 ALA B 73  ? ? -0.36   -103.97 
4 1 ASP B 82  ? ? -59.17  94.15   
5 1 ARG B 126 ? ? 78.59   -164.23 
6 1 THR B 127 ? ? 170.41  166.96  
7 1 ARG B 129 ? ? 85.23   64.88   
# 
loop_
_pdbx_unobs_or_zero_occ_residues.id 
_pdbx_unobs_or_zero_occ_residues.PDB_model_num 
_pdbx_unobs_or_zero_occ_residues.polymer_flag 
_pdbx_unobs_or_zero_occ_residues.occupancy_flag 
_pdbx_unobs_or_zero_occ_residues.auth_asym_id 
_pdbx_unobs_or_zero_occ_residues.auth_comp_id 
_pdbx_unobs_or_zero_occ_residues.auth_seq_id 
_pdbx_unobs_or_zero_occ_residues.PDB_ins_code 
_pdbx_unobs_or_zero_occ_residues.label_asym_id 
_pdbx_unobs_or_zero_occ_residues.label_comp_id 
_pdbx_unobs_or_zero_occ_residues.label_seq_id 
1  1 Y 1 A HIS 1   ? A HIS 1   
2  1 Y 1 A SER 2   ? A SER 2   
3  1 Y 1 A ASP 3   ? A ASP 3   
4  1 Y 1 A PRO 4   ? A PRO 4   
5  1 Y 1 A ALA 5   ? A ALA 5   
6  1 Y 1 A ARG 6   ? A ARG 6   
7  1 Y 1 A ARG 7   ? A ARG 7   
8  1 Y 1 A ARG 117 ? A ARG 117 
9  1 Y 1 A GLY 118 ? A GLY 118 
10 1 Y 1 A ARG 119 ? A ARG 119 
11 1 Y 1 B GLY 1   ? B GLY 1   
12 1 Y 1 B VAL 2   ? B VAL 2   
13 1 Y 1 B SER 3   ? B SER 3   
14 1 Y 1 B GLU 4   ? B GLU 4   
15 1 Y 1 B THR 5   ? B THR 5   
16 1 Y 1 B ALA 6   ? B ALA 6   
17 1 Y 1 B PRO 7   ? B PRO 7   
18 1 Y 1 B ALA 8   ? B ALA 8   
19 1 Y 1 B SER 9   ? B SER 9   
20 1 Y 1 B ARG 10  ? B ARG 10  
21 1 Y 1 B ARG 11  ? B ARG 11  
22 1 Y 1 B ASP 64  ? B ASP 64  
23 1 Y 1 B ASN 65  ? B ASN 65  
24 1 Y 1 B ALA 66  ? B ALA 66  
25 1 Y 1 B GLU 67  ? B GLU 67  
# 
loop_
_chem_comp_atom.comp_id 
_chem_comp_atom.atom_id 
_chem_comp_atom.type_symbol 
_chem_comp_atom.pdbx_aromatic_flag 
_chem_comp_atom.pdbx_stereo_config 
_chem_comp_atom.pdbx_ordinal 
ALA N    N N N 1   
ALA CA   C N S 2   
ALA C    C N N 3   
ALA O    O N N 4   
ALA CB   C N N 5   
ALA OXT  O N N 6   
ALA H    H N N 7   
ALA H2   H N N 8   
ALA HA   H N N 9   
ALA HB1  H N N 10  
ALA HB2  H N N 11  
ALA HB3  H N N 12  
ALA HXT  H N N 13  
ARG N    N N N 14  
ARG CA   C N S 15  
ARG C    C N N 16  
ARG O    O N N 17  
ARG CB   C N N 18  
ARG CG   C N N 19  
ARG CD   C N N 20  
ARG NE   N N N 21  
ARG CZ   C N N 22  
ARG NH1  N N N 23  
ARG NH2  N N N 24  
ARG OXT  O N N 25  
ARG H    H N N 26  
ARG H2   H N N 27  
ARG HA   H N N 28  
ARG HB2  H N N 29  
ARG HB3  H N N 30  
ARG HG2  H N N 31  
ARG HG3  H N N 32  
ARG HD2  H N N 33  
ARG HD3  H N N 34  
ARG HE   H N N 35  
ARG HH11 H N N 36  
ARG HH12 H N N 37  
ARG HH21 H N N 38  
ARG HH22 H N N 39  
ARG HXT  H N N 40  
ASN N    N N N 41  
ASN CA   C N S 42  
ASN C    C N N 43  
ASN O    O N N 44  
ASN CB   C N N 45  
ASN CG   C N N 46  
ASN OD1  O N N 47  
ASN ND2  N N N 48  
ASN OXT  O N N 49  
ASN H    H N N 50  
ASN H2   H N N 51  
ASN HA   H N N 52  
ASN HB2  H N N 53  
ASN HB3  H N N 54  
ASN HD21 H N N 55  
ASN HD22 H N N 56  
ASN HXT  H N N 57  
ASP N    N N N 58  
ASP CA   C N S 59  
ASP C    C N N 60  
ASP O    O N N 61  
ASP CB   C N N 62  
ASP CG   C N N 63  
ASP OD1  O N N 64  
ASP OD2  O N N 65  
ASP OXT  O N N 66  
ASP H    H N N 67  
ASP H2   H N N 68  
ASP HA   H N N 69  
ASP HB2  H N N 70  
ASP HB3  H N N 71  
ASP HD2  H N N 72  
ASP HXT  H N N 73  
CYS N    N N N 74  
CYS CA   C N R 75  
CYS C    C N N 76  
CYS O    O N N 77  
CYS CB   C N N 78  
CYS SG   S N N 79  
CYS OXT  O N N 80  
CYS H    H N N 81  
CYS H2   H N N 82  
CYS HA   H N N 83  
CYS HB2  H N N 84  
CYS HB3  H N N 85  
CYS HG   H N N 86  
CYS HXT  H N N 87  
GLN N    N N N 88  
GLN CA   C N S 89  
GLN C    C N N 90  
GLN O    O N N 91  
GLN CB   C N N 92  
GLN CG   C N N 93  
GLN CD   C N N 94  
GLN OE1  O N N 95  
GLN NE2  N N N 96  
GLN OXT  O N N 97  
GLN H    H N N 98  
GLN H2   H N N 99  
GLN HA   H N N 100 
GLN HB2  H N N 101 
GLN HB3  H N N 102 
GLN HG2  H N N 103 
GLN HG3  H N N 104 
GLN HE21 H N N 105 
GLN HE22 H N N 106 
GLN HXT  H N N 107 
GLU N    N N N 108 
GLU CA   C N S 109 
GLU C    C N N 110 
GLU O    O N N 111 
GLU CB   C N N 112 
GLU CG   C N N 113 
GLU CD   C N N 114 
GLU OE1  O N N 115 
GLU OE2  O N N 116 
GLU OXT  O N N 117 
GLU H    H N N 118 
GLU H2   H N N 119 
GLU HA   H N N 120 
GLU HB2  H N N 121 
GLU HB3  H N N 122 
GLU HG2  H N N 123 
GLU HG3  H N N 124 
GLU HE2  H N N 125 
GLU HXT  H N N 126 
GLY N    N N N 127 
GLY CA   C N N 128 
GLY C    C N N 129 
GLY O    O N N 130 
GLY OXT  O N N 131 
GLY H    H N N 132 
GLY H2   H N N 133 
GLY HA2  H N N 134 
GLY HA3  H N N 135 
GLY HXT  H N N 136 
HIS N    N N N 137 
HIS CA   C N S 138 
HIS C    C N N 139 
HIS O    O N N 140 
HIS CB   C N N 141 
HIS CG   C Y N 142 
HIS ND1  N Y N 143 
HIS CD2  C Y N 144 
HIS CE1  C Y N 145 
HIS NE2  N Y N 146 
HIS OXT  O N N 147 
HIS H    H N N 148 
HIS H2   H N N 149 
HIS HA   H N N 150 
HIS HB2  H N N 151 
HIS HB3  H N N 152 
HIS HD1  H N N 153 
HIS HD2  H N N 154 
HIS HE1  H N N 155 
HIS HE2  H N N 156 
HIS HXT  H N N 157 
HOH O    O N N 158 
HOH H1   H N N 159 
HOH H2   H N N 160 
ILE N    N N N 161 
ILE CA   C N S 162 
ILE C    C N N 163 
ILE O    O N N 164 
ILE CB   C N S 165 
ILE CG1  C N N 166 
ILE CG2  C N N 167 
ILE CD1  C N N 168 
ILE OXT  O N N 169 
ILE H    H N N 170 
ILE H2   H N N 171 
ILE HA   H N N 172 
ILE HB   H N N 173 
ILE HG12 H N N 174 
ILE HG13 H N N 175 
ILE HG21 H N N 176 
ILE HG22 H N N 177 
ILE HG23 H N N 178 
ILE HD11 H N N 179 
ILE HD12 H N N 180 
ILE HD13 H N N 181 
ILE HXT  H N N 182 
LEU N    N N N 183 
LEU CA   C N S 184 
LEU C    C N N 185 
LEU O    O N N 186 
LEU CB   C N N 187 
LEU CG   C N N 188 
LEU CD1  C N N 189 
LEU CD2  C N N 190 
LEU OXT  O N N 191 
LEU H    H N N 192 
LEU H2   H N N 193 
LEU HA   H N N 194 
LEU HB2  H N N 195 
LEU HB3  H N N 196 
LEU HG   H N N 197 
LEU HD11 H N N 198 
LEU HD12 H N N 199 
LEU HD13 H N N 200 
LEU HD21 H N N 201 
LEU HD22 H N N 202 
LEU HD23 H N N 203 
LEU HXT  H N N 204 
LYS N    N N N 205 
LYS CA   C N S 206 
LYS C    C N N 207 
LYS O    O N N 208 
LYS CB   C N N 209 
LYS CG   C N N 210 
LYS CD   C N N 211 
LYS CE   C N N 212 
LYS NZ   N N N 213 
LYS OXT  O N N 214 
LYS H    H N N 215 
LYS H2   H N N 216 
LYS HA   H N N 217 
LYS HB2  H N N 218 
LYS HB3  H N N 219 
LYS HG2  H N N 220 
LYS HG3  H N N 221 
LYS HD2  H N N 222 
LYS HD3  H N N 223 
LYS HE2  H N N 224 
LYS HE3  H N N 225 
LYS HZ1  H N N 226 
LYS HZ2  H N N 227 
LYS HZ3  H N N 228 
LYS HXT  H N N 229 
MET N    N N N 230 
MET CA   C N S 231 
MET C    C N N 232 
MET O    O N N 233 
MET CB   C N N 234 
MET CG   C N N 235 
MET SD   S N N 236 
MET CE   C N N 237 
MET OXT  O N N 238 
MET H    H N N 239 
MET H2   H N N 240 
MET HA   H N N 241 
MET HB2  H N N 242 
MET HB3  H N N 243 
MET HG2  H N N 244 
MET HG3  H N N 245 
MET HE1  H N N 246 
MET HE2  H N N 247 
MET HE3  H N N 248 
MET HXT  H N N 249 
PHE N    N N N 250 
PHE CA   C N S 251 
PHE C    C N N 252 
PHE O    O N N 253 
PHE CB   C N N 254 
PHE CG   C Y N 255 
PHE CD1  C Y N 256 
PHE CD2  C Y N 257 
PHE CE1  C Y N 258 
PHE CE2  C Y N 259 
PHE CZ   C Y N 260 
PHE OXT  O N N 261 
PHE H    H N N 262 
PHE H2   H N N 263 
PHE HA   H N N 264 
PHE HB2  H N N 265 
PHE HB3  H N N 266 
PHE HD1  H N N 267 
PHE HD2  H N N 268 
PHE HE1  H N N 269 
PHE HE2  H N N 270 
PHE HZ   H N N 271 
PHE HXT  H N N 272 
PRO N    N N N 273 
PRO CA   C N S 274 
PRO C    C N N 275 
PRO O    O N N 276 
PRO CB   C N N 277 
PRO CG   C N N 278 
PRO CD   C N N 279 
PRO OXT  O N N 280 
PRO H    H N N 281 
PRO HA   H N N 282 
PRO HB2  H N N 283 
PRO HB3  H N N 284 
PRO HG2  H N N 285 
PRO HG3  H N N 286 
PRO HD2  H N N 287 
PRO HD3  H N N 288 
PRO HXT  H N N 289 
SER N    N N N 290 
SER CA   C N S 291 
SER C    C N N 292 
SER O    O N N 293 
SER CB   C N N 294 
SER OG   O N N 295 
SER OXT  O N N 296 
SER H    H N N 297 
SER H2   H N N 298 
SER HA   H N N 299 
SER HB2  H N N 300 
SER HB3  H N N 301 
SER HG   H N N 302 
SER HXT  H N N 303 
THR N    N N N 304 
THR CA   C N S 305 
THR C    C N N 306 
THR O    O N N 307 
THR CB   C N R 308 
THR OG1  O N N 309 
THR CG2  C N N 310 
THR OXT  O N N 311 
THR H    H N N 312 
THR H2   H N N 313 
THR HA   H N N 314 
THR HB   H N N 315 
THR HG1  H N N 316 
THR HG21 H N N 317 
THR HG22 H N N 318 
THR HG23 H N N 319 
THR HXT  H N N 320 
TRP N    N N N 321 
TRP CA   C N S 322 
TRP C    C N N 323 
TRP O    O N N 324 
TRP CB   C N N 325 
TRP CG   C Y N 326 
TRP CD1  C Y N 327 
TRP CD2  C Y N 328 
TRP NE1  N Y N 329 
TRP CE2  C Y N 330 
TRP CE3  C Y N 331 
TRP CZ2  C Y N 332 
TRP CZ3  C Y N 333 
TRP CH2  C Y N 334 
TRP OXT  O N N 335 
TRP H    H N N 336 
TRP H2   H N N 337 
TRP HA   H N N 338 
TRP HB2  H N N 339 
TRP HB3  H N N 340 
TRP HD1  H N N 341 
TRP HE1  H N N 342 
TRP HE3  H N N 343 
TRP HZ2  H N N 344 
TRP HZ3  H N N 345 
TRP HH2  H N N 346 
TRP HXT  H N N 347 
TYR N    N N N 348 
TYR CA   C N S 349 
TYR C    C N N 350 
TYR O    O N N 351 
TYR CB   C N N 352 
TYR CG   C Y N 353 
TYR CD1  C Y N 354 
TYR CD2  C Y N 355 
TYR CE1  C Y N 356 
TYR CE2  C Y N 357 
TYR CZ   C Y N 358 
TYR OH   O N N 359 
TYR OXT  O N N 360 
TYR H    H N N 361 
TYR H2   H N N 362 
TYR HA   H N N 363 
TYR HB2  H N N 364 
TYR HB3  H N N 365 
TYR HD1  H N N 366 
TYR HD2  H N N 367 
TYR HE1  H N N 368 
TYR HE2  H N N 369 
TYR HH   H N N 370 
TYR HXT  H N N 371 
VAL N    N N N 372 
VAL CA   C N S 373 
VAL C    C N N 374 
VAL O    O N N 375 
VAL CB   C N N 376 
VAL CG1  C N N 377 
VAL CG2  C N N 378 
VAL OXT  O N N 379 
VAL H    H N N 380 
VAL H2   H N N 381 
VAL HA   H N N 382 
VAL HB   H N N 383 
VAL HG11 H N N 384 
VAL HG12 H N N 385 
VAL HG13 H N N 386 
VAL HG21 H N N 387 
VAL HG22 H N N 388 
VAL HG23 H N N 389 
VAL HXT  H N N 390 
# 
loop_
_chem_comp_bond.comp_id 
_chem_comp_bond.atom_id_1 
_chem_comp_bond.atom_id_2 
_chem_comp_bond.value_order 
_chem_comp_bond.pdbx_aromatic_flag 
_chem_comp_bond.pdbx_stereo_config 
_chem_comp_bond.pdbx_ordinal 
ALA N   CA   sing N N 1   
ALA N   H    sing N N 2   
ALA N   H2   sing N N 3   
ALA CA  C    sing N N 4   
ALA CA  CB   sing N N 5   
ALA CA  HA   sing N N 6   
ALA C   O    doub N N 7   
ALA C   OXT  sing N N 8   
ALA CB  HB1  sing N N 9   
ALA CB  HB2  sing N N 10  
ALA CB  HB3  sing N N 11  
ALA OXT HXT  sing N N 12  
ARG N   CA   sing N N 13  
ARG N   H    sing N N 14  
ARG N   H2   sing N N 15  
ARG CA  C    sing N N 16  
ARG CA  CB   sing N N 17  
ARG CA  HA   sing N N 18  
ARG C   O    doub N N 19  
ARG C   OXT  sing N N 20  
ARG CB  CG   sing N N 21  
ARG CB  HB2  sing N N 22  
ARG CB  HB3  sing N N 23  
ARG CG  CD   sing N N 24  
ARG CG  HG2  sing N N 25  
ARG CG  HG3  sing N N 26  
ARG CD  NE   sing N N 27  
ARG CD  HD2  sing N N 28  
ARG CD  HD3  sing N N 29  
ARG NE  CZ   sing N N 30  
ARG NE  HE   sing N N 31  
ARG CZ  NH1  sing N N 32  
ARG CZ  NH2  doub N N 33  
ARG NH1 HH11 sing N N 34  
ARG NH1 HH12 sing N N 35  
ARG NH2 HH21 sing N N 36  
ARG NH2 HH22 sing N N 37  
ARG OXT HXT  sing N N 38  
ASN N   CA   sing N N 39  
ASN N   H    sing N N 40  
ASN N   H2   sing N N 41  
ASN CA  C    sing N N 42  
ASN CA  CB   sing N N 43  
ASN CA  HA   sing N N 44  
ASN C   O    doub N N 45  
ASN C   OXT  sing N N 46  
ASN CB  CG   sing N N 47  
ASN CB  HB2  sing N N 48  
ASN CB  HB3  sing N N 49  
ASN CG  OD1  doub N N 50  
ASN CG  ND2  sing N N 51  
ASN ND2 HD21 sing N N 52  
ASN ND2 HD22 sing N N 53  
ASN OXT HXT  sing N N 54  
ASP N   CA   sing N N 55  
ASP N   H    sing N N 56  
ASP N   H2   sing N N 57  
ASP CA  C    sing N N 58  
ASP CA  CB   sing N N 59  
ASP CA  HA   sing N N 60  
ASP C   O    doub N N 61  
ASP C   OXT  sing N N 62  
ASP CB  CG   sing N N 63  
ASP CB  HB2  sing N N 64  
ASP CB  HB3  sing N N 65  
ASP CG  OD1  doub N N 66  
ASP CG  OD2  sing N N 67  
ASP OD2 HD2  sing N N 68  
ASP OXT HXT  sing N N 69  
CYS N   CA   sing N N 70  
CYS N   H    sing N N 71  
CYS N   H2   sing N N 72  
CYS CA  C    sing N N 73  
CYS CA  CB   sing N N 74  
CYS CA  HA   sing N N 75  
CYS C   O    doub N N 76  
CYS C   OXT  sing N N 77  
CYS CB  SG   sing N N 78  
CYS CB  HB2  sing N N 79  
CYS CB  HB3  sing N N 80  
CYS SG  HG   sing N N 81  
CYS OXT HXT  sing N N 82  
GLN N   CA   sing N N 83  
GLN N   H    sing N N 84  
GLN N   H2   sing N N 85  
GLN CA  C    sing N N 86  
GLN CA  CB   sing N N 87  
GLN CA  HA   sing N N 88  
GLN C   O    doub N N 89  
GLN C   OXT  sing N N 90  
GLN CB  CG   sing N N 91  
GLN CB  HB2  sing N N 92  
GLN CB  HB3  sing N N 93  
GLN CG  CD   sing N N 94  
GLN CG  HG2  sing N N 95  
GLN CG  HG3  sing N N 96  
GLN CD  OE1  doub N N 97  
GLN CD  NE2  sing N N 98  
GLN NE2 HE21 sing N N 99  
GLN NE2 HE22 sing N N 100 
GLN OXT HXT  sing N N 101 
GLU N   CA   sing N N 102 
GLU N   H    sing N N 103 
GLU N   H2   sing N N 104 
GLU CA  C    sing N N 105 
GLU CA  CB   sing N N 106 
GLU CA  HA   sing N N 107 
GLU C   O    doub N N 108 
GLU C   OXT  sing N N 109 
GLU CB  CG   sing N N 110 
GLU CB  HB2  sing N N 111 
GLU CB  HB3  sing N N 112 
GLU CG  CD   sing N N 113 
GLU CG  HG2  sing N N 114 
GLU CG  HG3  sing N N 115 
GLU CD  OE1  doub N N 116 
GLU CD  OE2  sing N N 117 
GLU OE2 HE2  sing N N 118 
GLU OXT HXT  sing N N 119 
GLY N   CA   sing N N 120 
GLY N   H    sing N N 121 
GLY N   H2   sing N N 122 
GLY CA  C    sing N N 123 
GLY CA  HA2  sing N N 124 
GLY CA  HA3  sing N N 125 
GLY C   O    doub N N 126 
GLY C   OXT  sing N N 127 
GLY OXT HXT  sing N N 128 
HIS N   CA   sing N N 129 
HIS N   H    sing N N 130 
HIS N   H2   sing N N 131 
HIS CA  C    sing N N 132 
HIS CA  CB   sing N N 133 
HIS CA  HA   sing N N 134 
HIS C   O    doub N N 135 
HIS C   OXT  sing N N 136 
HIS CB  CG   sing N N 137 
HIS CB  HB2  sing N N 138 
HIS CB  HB3  sing N N 139 
HIS CG  ND1  sing Y N 140 
HIS CG  CD2  doub Y N 141 
HIS ND1 CE1  doub Y N 142 
HIS ND1 HD1  sing N N 143 
HIS CD2 NE2  sing Y N 144 
HIS CD2 HD2  sing N N 145 
HIS CE1 NE2  sing Y N 146 
HIS CE1 HE1  sing N N 147 
HIS NE2 HE2  sing N N 148 
HIS OXT HXT  sing N N 149 
HOH O   H1   sing N N 150 
HOH O   H2   sing N N 151 
ILE N   CA   sing N N 152 
ILE N   H    sing N N 153 
ILE N   H2   sing N N 154 
ILE CA  C    sing N N 155 
ILE CA  CB   sing N N 156 
ILE CA  HA   sing N N 157 
ILE C   O    doub N N 158 
ILE C   OXT  sing N N 159 
ILE CB  CG1  sing N N 160 
ILE CB  CG2  sing N N 161 
ILE CB  HB   sing N N 162 
ILE CG1 CD1  sing N N 163 
ILE CG1 HG12 sing N N 164 
ILE CG1 HG13 sing N N 165 
ILE CG2 HG21 sing N N 166 
ILE CG2 HG22 sing N N 167 
ILE CG2 HG23 sing N N 168 
ILE CD1 HD11 sing N N 169 
ILE CD1 HD12 sing N N 170 
ILE CD1 HD13 sing N N 171 
ILE OXT HXT  sing N N 172 
LEU N   CA   sing N N 173 
LEU N   H    sing N N 174 
LEU N   H2   sing N N 175 
LEU CA  C    sing N N 176 
LEU CA  CB   sing N N 177 
LEU CA  HA   sing N N 178 
LEU C   O    doub N N 179 
LEU C   OXT  sing N N 180 
LEU CB  CG   sing N N 181 
LEU CB  HB2  sing N N 182 
LEU CB  HB3  sing N N 183 
LEU CG  CD1  sing N N 184 
LEU CG  CD2  sing N N 185 
LEU CG  HG   sing N N 186 
LEU CD1 HD11 sing N N 187 
LEU CD1 HD12 sing N N 188 
LEU CD1 HD13 sing N N 189 
LEU CD2 HD21 sing N N 190 
LEU CD2 HD22 sing N N 191 
LEU CD2 HD23 sing N N 192 
LEU OXT HXT  sing N N 193 
LYS N   CA   sing N N 194 
LYS N   H    sing N N 195 
LYS N   H2   sing N N 196 
LYS CA  C    sing N N 197 
LYS CA  CB   sing N N 198 
LYS CA  HA   sing N N 199 
LYS C   O    doub N N 200 
LYS C   OXT  sing N N 201 
LYS CB  CG   sing N N 202 
LYS CB  HB2  sing N N 203 
LYS CB  HB3  sing N N 204 
LYS CG  CD   sing N N 205 
LYS CG  HG2  sing N N 206 
LYS CG  HG3  sing N N 207 
LYS CD  CE   sing N N 208 
LYS CD  HD2  sing N N 209 
LYS CD  HD3  sing N N 210 
LYS CE  NZ   sing N N 211 
LYS CE  HE2  sing N N 212 
LYS CE  HE3  sing N N 213 
LYS NZ  HZ1  sing N N 214 
LYS NZ  HZ2  sing N N 215 
LYS NZ  HZ3  sing N N 216 
LYS OXT HXT  sing N N 217 
MET N   CA   sing N N 218 
MET N   H    sing N N 219 
MET N   H2   sing N N 220 
MET CA  C    sing N N 221 
MET CA  CB   sing N N 222 
MET CA  HA   sing N N 223 
MET C   O    doub N N 224 
MET C   OXT  sing N N 225 
MET CB  CG   sing N N 226 
MET CB  HB2  sing N N 227 
MET CB  HB3  sing N N 228 
MET CG  SD   sing N N 229 
MET CG  HG2  sing N N 230 
MET CG  HG3  sing N N 231 
MET SD  CE   sing N N 232 
MET CE  HE1  sing N N 233 
MET CE  HE2  sing N N 234 
MET CE  HE3  sing N N 235 
MET OXT HXT  sing N N 236 
PHE N   CA   sing N N 237 
PHE N   H    sing N N 238 
PHE N   H2   sing N N 239 
PHE CA  C    sing N N 240 
PHE CA  CB   sing N N 241 
PHE CA  HA   sing N N 242 
PHE C   O    doub N N 243 
PHE C   OXT  sing N N 244 
PHE CB  CG   sing N N 245 
PHE CB  HB2  sing N N 246 
PHE CB  HB3  sing N N 247 
PHE CG  CD1  doub Y N 248 
PHE CG  CD2  sing Y N 249 
PHE CD1 CE1  sing Y N 250 
PHE CD1 HD1  sing N N 251 
PHE CD2 CE2  doub Y N 252 
PHE CD2 HD2  sing N N 253 
PHE CE1 CZ   doub Y N 254 
PHE CE1 HE1  sing N N 255 
PHE CE2 CZ   sing Y N 256 
PHE CE2 HE2  sing N N 257 
PHE CZ  HZ   sing N N 258 
PHE OXT HXT  sing N N 259 
PRO N   CA   sing N N 260 
PRO N   CD   sing N N 261 
PRO N   H    sing N N 262 
PRO CA  C    sing N N 263 
PRO CA  CB   sing N N 264 
PRO CA  HA   sing N N 265 
PRO C   O    doub N N 266 
PRO C   OXT  sing N N 267 
PRO CB  CG   sing N N 268 
PRO CB  HB2  sing N N 269 
PRO CB  HB3  sing N N 270 
PRO CG  CD   sing N N 271 
PRO CG  HG2  sing N N 272 
PRO CG  HG3  sing N N 273 
PRO CD  HD2  sing N N 274 
PRO CD  HD3  sing N N 275 
PRO OXT HXT  sing N N 276 
SER N   CA   sing N N 277 
SER N   H    sing N N 278 
SER N   H2   sing N N 279 
SER CA  C    sing N N 280 
SER CA  CB   sing N N 281 
SER CA  HA   sing N N 282 
SER C   O    doub N N 283 
SER C   OXT  sing N N 284 
SER CB  OG   sing N N 285 
SER CB  HB2  sing N N 286 
SER CB  HB3  sing N N 287 
SER OG  HG   sing N N 288 
SER OXT HXT  sing N N 289 
THR N   CA   sing N N 290 
THR N   H    sing N N 291 
THR N   H2   sing N N 292 
THR CA  C    sing N N 293 
THR CA  CB   sing N N 294 
THR CA  HA   sing N N 295 
THR C   O    doub N N 296 
THR C   OXT  sing N N 297 
THR CB  OG1  sing N N 298 
THR CB  CG2  sing N N 299 
THR CB  HB   sing N N 300 
THR OG1 HG1  sing N N 301 
THR CG2 HG21 sing N N 302 
THR CG2 HG22 sing N N 303 
THR CG2 HG23 sing N N 304 
THR OXT HXT  sing N N 305 
TRP N   CA   sing N N 306 
TRP N   H    sing N N 307 
TRP N   H2   sing N N 308 
TRP CA  C    sing N N 309 
TRP CA  CB   sing N N 310 
TRP CA  HA   sing N N 311 
TRP C   O    doub N N 312 
TRP C   OXT  sing N N 313 
TRP CB  CG   sing N N 314 
TRP CB  HB2  sing N N 315 
TRP CB  HB3  sing N N 316 
TRP CG  CD1  doub Y N 317 
TRP CG  CD2  sing Y N 318 
TRP CD1 NE1  sing Y N 319 
TRP CD1 HD1  sing N N 320 
TRP CD2 CE2  doub Y N 321 
TRP CD2 CE3  sing Y N 322 
TRP NE1 CE2  sing Y N 323 
TRP NE1 HE1  sing N N 324 
TRP CE2 CZ2  sing Y N 325 
TRP CE3 CZ3  doub Y N 326 
TRP CE3 HE3  sing N N 327 
TRP CZ2 CH2  doub Y N 328 
TRP CZ2 HZ2  sing N N 329 
TRP CZ3 CH2  sing Y N 330 
TRP CZ3 HZ3  sing N N 331 
TRP CH2 HH2  sing N N 332 
TRP OXT HXT  sing N N 333 
TYR N   CA   sing N N 334 
TYR N   H    sing N N 335 
TYR N   H2   sing N N 336 
TYR CA  C    sing N N 337 
TYR CA  CB   sing N N 338 
TYR CA  HA   sing N N 339 
TYR C   O    doub N N 340 
TYR C   OXT  sing N N 341 
TYR CB  CG   sing N N 342 
TYR CB  HB2  sing N N 343 
TYR CB  HB3  sing N N 344 
TYR CG  CD1  doub Y N 345 
TYR CG  CD2  sing Y N 346 
TYR CD1 CE1  sing Y N 347 
TYR CD1 HD1  sing N N 348 
TYR CD2 CE2  doub Y N 349 
TYR CD2 HD2  sing N N 350 
TYR CE1 CZ   doub Y N 351 
TYR CE1 HE1  sing N N 352 
TYR CE2 CZ   sing Y N 353 
TYR CE2 HE2  sing N N 354 
TYR CZ  OH   sing N N 355 
TYR OH  HH   sing N N 356 
TYR OXT HXT  sing N N 357 
VAL N   CA   sing N N 358 
VAL N   H    sing N N 359 
VAL N   H2   sing N N 360 
VAL CA  C    sing N N 361 
VAL CA  CB   sing N N 362 
VAL CA  HA   sing N N 363 
VAL C   O    doub N N 364 
VAL C   OXT  sing N N 365 
VAL CB  CG1  sing N N 366 
VAL CB  CG2  sing N N 367 
VAL CB  HB   sing N N 368 
VAL CG1 HG11 sing N N 369 
VAL CG1 HG12 sing N N 370 
VAL CG1 HG13 sing N N 371 
VAL CG2 HG21 sing N N 372 
VAL CG2 HG22 sing N N 373 
VAL CG2 HG23 sing N N 374 
VAL OXT HXT  sing N N 375 
# 
_pdbx_initial_refinement_model.id               1 
_pdbx_initial_refinement_model.entity_id_list   ? 
_pdbx_initial_refinement_model.type             'experimental model' 
_pdbx_initial_refinement_model.source_name      PDB 
_pdbx_initial_refinement_model.accession_code   1BNF 
_pdbx_initial_refinement_model.details          ? 
# 
_atom_sites.entry_id                    1B8M 
_atom_sites.fract_transf_matrix[1][1]   -0.00784136 
_atom_sites.fract_transf_matrix[1][2]   0.00210663 
_atom_sites.fract_transf_matrix[1][3]   0.01797530 
_atom_sites.fract_transf_matrix[2][1]   0.00641492 
_atom_sites.fract_transf_matrix[2][2]   -0.00598111 
_atom_sites.fract_transf_matrix[2][3]   0.00349934 
_atom_sites.fract_transf_matrix[3][1]   0.01190761 
_atom_sites.fract_transf_matrix[3][2]   0.01479585 
_atom_sites.fract_transf_matrix[3][3]   0.00346044 
_atom_sites.fract_transf_vector[1]      0.046593 
_atom_sites.fract_transf_vector[2]      0.218685 
_atom_sites.fract_transf_vector[3]      0.278309 
# 
loop_
_atom_type.symbol 
C 
N 
O 
S 
# 
loop_
_atom_site.group_PDB 
_atom_site.id 
_atom_site.type_symbol 
_atom_site.label_atom_id 
_atom_site.label_alt_id 
_atom_site.label_comp_id 
_atom_site.label_asym_id 
_atom_site.label_entity_id 
_atom_site.label_seq_id 
_atom_site.pdbx_PDB_ins_code 
_atom_site.Cartn_x 
_atom_site.Cartn_y 
_atom_site.Cartn_z 
_atom_site.occupancy 
_atom_site.B_iso_or_equiv 
_atom_site.pdbx_formal_charge 
_atom_site.auth_seq_id 
_atom_site.auth_comp_id 
_atom_site.auth_asym_id 
_atom_site.auth_atom_id 
_atom_site.pdbx_PDB_model_num 
ATOM   1    N N   . GLY A 1 8   ? 7.676   9.843   12.185  1.00 70.68  ? 8   GLY A N   1 
ATOM   2    C CA  . GLY A 1 8   ? 8.677   10.626  11.378  1.00 70.68  ? 8   GLY A CA  1 
ATOM   3    C C   . GLY A 1 8   ? 8.068   11.623  10.392  1.00 70.68  ? 8   GLY A C   1 
ATOM   4    O O   . GLY A 1 8   ? 8.132   12.837  10.611  1.00 70.68  ? 8   GLY A O   1 
ATOM   5    N N   . GLU A 1 9   ? 7.471   11.113  9.313   1.00 67.11  ? 9   GLU A N   1 
ATOM   6    C CA  . GLU A 1 9   ? 6.848   11.952  8.285   1.00 67.11  ? 9   GLU A CA  1 
ATOM   7    C C   . GLU A 1 9   ? 5.471   12.454  8.680   1.00 67.11  ? 9   GLU A C   1 
ATOM   8    O O   . GLU A 1 9   ? 4.759   11.793  9.429   1.00 67.11  ? 9   GLU A O   1 
ATOM   9    C CB  . GLU A 1 9   ? 6.681   11.178  6.982   1.00 86.48  ? 9   GLU A CB  1 
ATOM   10   C CG  . GLU A 1 9   ? 7.956   10.731  6.330   1.00 86.48  ? 9   GLU A CG  1 
ATOM   11   C CD  . GLU A 1 9   ? 7.699   10.124  4.970   1.00 86.48  ? 9   GLU A CD  1 
ATOM   12   O OE1 . GLU A 1 9   ? 6.903   9.190   4.821   1.00 86.48  ? 9   GLU A OE1 1 
ATOM   13   O OE2 . GLU A 1 9   ? 8.365   10.660  3.963   1.00 86.48  ? 9   GLU A OE2 1 
ATOM   14   N N   . LEU A 1 10  ? 5.086   13.605  8.138   1.00 31.95  ? 10  LEU A N   1 
ATOM   15   C CA  . LEU A 1 10  ? 3.768   14.174  8.407   1.00 31.95  ? 10  LEU A CA  1 
ATOM   16   C C   . LEU A 1 10  ? 2.938   14.151  7.144   1.00 31.95  ? 10  LEU A C   1 
ATOM   17   O O   . LEU A 1 10  ? 3.260   14.842  6.185   1.00 31.95  ? 10  LEU A O   1 
ATOM   18   C CB  . LEU A 1 10  ? 3.859   15.629  8.893   1.00 13.63  ? 10  LEU A CB  1 
ATOM   19   C CG  . LEU A 1 10  ? 2.531   16.233  9.346   1.00 13.63  ? 10  LEU A CG  1 
ATOM   20   C CD1 . LEU A 1 10  ? 2.057   15.522  10.580  1.00 13.63  ? 10  LEU A CD1 1 
ATOM   21   C CD2 . LEU A 1 10  ? 2.730   17.663  9.614   1.00 13.63  ? 10  LEU A CD2 1 
ATOM   22   N N   . SER A 1 11  ? 1.863   13.373  7.180   1.00 9.51   ? 11  SER A N   1 
ATOM   23   C CA  . SER A 1 11  ? 0.932   13.213  6.078   1.00 9.51   ? 11  SER A CA  1 
ATOM   24   C C   . SER A 1 11  ? -0.233  14.149  6.262   1.00 9.51   ? 11  SER A C   1 
ATOM   25   O O   . SER A 1 11  ? -0.592  14.538  7.377   1.00 9.51   ? 11  SER A O   1 
ATOM   26   C CB  . SER A 1 11  ? 0.367   11.798  6.042   1.00 33.44  ? 11  SER A CB  1 
ATOM   27   O OG  . SER A 1 11  ? 1.394   10.852  5.866   1.00 33.44  ? 11  SER A OG  1 
ATOM   28   N N   . VAL A 1 12  ? -0.874  14.437  5.150   1.00 14.26  ? 12  VAL A N   1 
ATOM   29   C CA  . VAL A 1 12  ? -2.021  15.268  5.151   1.00 14.26  ? 12  VAL A CA  1 
ATOM   30   C C   . VAL A 1 12  ? -3.172  14.551  5.902   1.00 14.26  ? 12  VAL A C   1 
ATOM   31   O O   . VAL A 1 12  ? -4.021  15.209  6.490   1.00 14.26  ? 12  VAL A O   1 
ATOM   32   C CB  . VAL A 1 12  ? -2.356  15.611  3.703   1.00 36.22  ? 12  VAL A CB  1 
ATOM   33   C CG1 . VAL A 1 12  ? -2.680  14.376  2.902   1.00 36.22  ? 12  VAL A CG1 1 
ATOM   34   C CG2 . VAL A 1 12  ? -3.459  16.544  3.656   1.00 36.22  ? 12  VAL A CG2 1 
ATOM   35   N N   . CYS A 1 13  ? -3.175  13.206  5.929   1.00 10.02  ? 13  CYS A N   1 
ATOM   36   C CA  . CYS A 1 13  ? -4.241  12.398  6.585   1.00 10.02  ? 13  CYS A CA  1 
ATOM   37   C C   . CYS A 1 13  ? -3.682  11.423  7.617   1.00 10.02  ? 13  CYS A C   1 
ATOM   38   O O   . CYS A 1 13  ? -2.625  10.787  7.403   1.00 10.02  ? 13  CYS A O   1 
ATOM   39   C CB  . CYS A 1 13  ? -4.959  11.542  5.554   1.00 19.12  ? 13  CYS A CB  1 
ATOM   40   S SG  . CYS A 1 13  ? -6.048  12.433  4.441   1.00 19.12  ? 13  CYS A SG  1 
ATOM   41   N N   . ASP A 1 14  ? -4.385  11.295  8.731   1.00 18.98  ? 14  ASP A N   1 
ATOM   42   C CA  . ASP A 1 14  ? -3.965  10.352  9.773   1.00 18.98  ? 14  ASP A CA  1 
ATOM   43   C C   . ASP A 1 14  ? -4.427  8.930   9.483   1.00 18.98  ? 14  ASP A C   1 
ATOM   44   O O   . ASP A 1 14  ? -5.593  8.701   9.108   1.00 18.98  ? 14  ASP A O   1 
ATOM   45   C CB  . ASP A 1 14  ? -4.501  10.774  11.146  1.00 27.41  ? 14  ASP A CB  1 
ATOM   46   C CG  . ASP A 1 14  ? -3.700  11.893  11.741  1.00 27.41  ? 14  ASP A CG  1 
ATOM   47   O OD1 . ASP A 1 14  ? -2.489  11.943  11.427  1.00 27.41  ? 14  ASP A OD1 1 
ATOM   48   O OD2 . ASP A 1 14  ? -4.272  12.718  12.487  1.00 27.41  ? 14  ASP A OD2 1 
ATOM   49   N N   . SER A 1 15  ? -3.532  7.974   9.694   1.00 18.24  ? 15  SER A N   1 
ATOM   50   C CA  . SER A 1 15  ? -3.853  6.580   9.462   1.00 18.24  ? 15  SER A CA  1 
ATOM   51   C C   . SER A 1 15  ? -3.290  5.652   10.549  1.00 18.24  ? 15  SER A C   1 
ATOM   52   O O   . SER A 1 15  ? -2.428  6.053   11.324  1.00 18.24  ? 15  SER A O   1 
ATOM   53   C CB  . SER A 1 15  ? -3.353  6.184   8.083   1.00 17.10  ? 15  SER A CB  1 
ATOM   54   O OG  . SER A 1 15  ? -1.954  6.293   7.990   1.00 17.10  ? 15  SER A OG  1 
ATOM   55   N N   . ILE A 1 16  ? -3.881  4.471   10.693  1.00 22.99  ? 16  ILE A N   1 
ATOM   56   C CA  . ILE A 1 16  ? -3.458  3.461   11.657  1.00 22.99  ? 16  ILE A CA  1 
ATOM   57   C C   . ILE A 1 16  ? -3.276  2.169   10.842  1.00 22.99  ? 16  ILE A C   1 
ATOM   58   O O   . ILE A 1 16  ? -3.927  2.010   9.816   1.00 22.99  ? 16  ILE A O   1 
ATOM   59   C CB  . ILE A 1 16  ? -4.526  3.259   12.754  1.00 35.85  ? 16  ILE A CB  1 
ATOM   60   C CG1 . ILE A 1 16  ? -3.933  2.408   13.880  1.00 35.85  ? 16  ILE A CG1 1 
ATOM   61   C CG2 . ILE A 1 16  ? -5.797  2.637   12.162  1.00 35.85  ? 16  ILE A CG2 1 
ATOM   62   C CD1 . ILE A 1 16  ? -4.838  2.158   15.089  1.00 35.85  ? 16  ILE A CD1 1 
ATOM   63   N N   . SER A 1 17  ? -2.361  1.288   11.242  1.00 22.28  ? 17  SER A N   1 
ATOM   64   C CA  . SER A 1 17  ? -2.111  0.030   10.534  1.00 22.28  ? 17  SER A CA  1 
ATOM   65   C C   . SER A 1 17  ? -2.102  -1.113  11.538  1.00 22.28  ? 17  SER A C   1 
ATOM   66   O O   . SER A 1 17  ? -1.708  -0.912  12.722  1.00 22.28  ? 17  SER A O   1 
ATOM   67   C CB  . SER A 1 17  ? -0.739  0.049   9.879   1.00 18.72  ? 17  SER A CB  1 
ATOM   68   O OG  . SER A 1 17  ? -0.440  1.312   9.331   1.00 18.72  ? 17  SER A OG  1 
ATOM   69   N N   . GLU A 1 18  ? -2.459  -2.318  11.084  1.00 15.87  ? 18  GLU A N   1 
ATOM   70   C CA  . GLU A 1 18  ? -2.450  -3.473  11.976  1.00 15.87  ? 18  GLU A CA  1 
ATOM   71   C C   . GLU A 1 18  ? -2.381  -4.794  11.271  1.00 15.87  ? 18  GLU A C   1 
ATOM   72   O O   . GLU A 1 18  ? -2.832  -4.936  10.135  1.00 15.87  ? 18  GLU A O   1 
ATOM   73   C CB  . GLU A 1 18  ? -3.671  -3.454  12.868  1.00 56.12  ? 18  GLU A CB  1 
ATOM   74   C CG  . GLU A 1 18  ? -4.944  -3.334  12.107  1.00 56.12  ? 18  GLU A CG  1 
ATOM   75   C CD  . GLU A 1 18  ? -6.081  -3.003  13.020  1.00 56.12  ? 18  GLU A CD  1 
ATOM   76   O OE1 . GLU A 1 18  ? -6.505  -3.917  13.773  1.00 56.12  ? 18  GLU A OE1 1 
ATOM   77   O OE2 . GLU A 1 18  ? -6.526  -1.828  12.998  1.00 56.12  ? 18  GLU A OE2 1 
ATOM   78   N N   . TRP A 1 19  ? -1.804  -5.767  11.947  1.00 19.58  ? 19  TRP A N   1 
ATOM   79   C CA  . TRP A 1 19  ? -1.700  -7.093  11.385  1.00 19.58  ? 19  TRP A CA  1 
ATOM   80   C C   . TRP A 1 19  ? -3.027  -7.785  11.594  1.00 19.58  ? 19  TRP A C   1 
ATOM   81   O O   . TRP A 1 19  ? -3.405  -8.008  12.736  1.00 19.58  ? 19  TRP A O   1 
ATOM   82   C CB  . TRP A 1 19  ? -0.604  -7.853  12.098  1.00 25.07  ? 19  TRP A CB  1 
ATOM   83   C CG  . TRP A 1 19  ? 0.737   -7.258  11.800  1.00 25.07  ? 19  TRP A CG  1 
ATOM   84   C CD1 . TRP A 1 19  ? 1.436   -6.403  12.581  1.00 25.07  ? 19  TRP A CD1 1 
ATOM   85   C CD2 . TRP A 1 19  ? 1.536   -7.481  10.623  1.00 25.07  ? 19  TRP A CD2 1 
ATOM   86   N NE1 . TRP A 1 19  ? 2.622   -6.086  11.981  1.00 25.07  ? 19  TRP A NE1 1 
ATOM   87   C CE2 . TRP A 1 19  ? 2.714   -6.728  10.778  1.00 25.07  ? 19  TRP A CE2 1 
ATOM   88   C CE3 . TRP A 1 19  ? 1.364   -8.243  9.452   1.00 25.07  ? 19  TRP A CE3 1 
ATOM   89   C CZ2 . TRP A 1 19  ? 3.728   -6.709  9.817   1.00 25.07  ? 19  TRP A CZ2 1 
ATOM   90   C CZ3 . TRP A 1 19  ? 2.363   -8.224  8.500   1.00 25.07  ? 19  TRP A CZ3 1 
ATOM   91   C CH2 . TRP A 1 19  ? 3.539   -7.458  8.689   1.00 25.07  ? 19  TRP A CH2 1 
ATOM   92   N N   . VAL A 1 20  ? -3.769  -8.047  10.516  1.00 21.06  ? 20  VAL A N   1 
ATOM   93   C CA  . VAL A 1 20  ? -5.061  -8.716  10.605  1.00 21.06  ? 20  VAL A CA  1 
ATOM   94   C C   . VAL A 1 20  ? -4.858  -10.186 10.357  1.00 21.06  ? 20  VAL A C   1 
ATOM   95   O O   . VAL A 1 20  ? -4.161  -10.579 9.436   1.00 21.06  ? 20  VAL A O   1 
ATOM   96   C CB  . VAL A 1 20  ? -6.063  -8.164  9.583   1.00 20.91  ? 20  VAL A CB  1 
ATOM   97   C CG1 . VAL A 1 20  ? -7.450  -8.795  9.793   1.00 20.91  ? 20  VAL A CG1 1 
ATOM   98   C CG2 . VAL A 1 20  ? -6.160  -6.663  9.736   1.00 20.91  ? 20  VAL A CG2 1 
ATOM   99   N N   . THR A 1 21  ? -5.479  -10.997 11.187  1.00 24.04  ? 21  THR A N   1 
ATOM   100  C CA  . THR A 1 21  ? -5.368  -12.451 11.106  1.00 24.04  ? 21  THR A CA  1 
ATOM   101  C C   . THR A 1 21  ? -6.375  -12.965 10.059  1.00 24.04  ? 21  THR A C   1 
ATOM   102  O O   . THR A 1 21  ? -7.365  -12.283 9.780   1.00 24.04  ? 21  THR A O   1 
ATOM   103  C CB  . THR A 1 21  ? -5.648  -13.024 12.540  1.00 27.64  ? 21  THR A CB  1 
ATOM   104  O OG1 . THR A 1 21  ? -4.853  -14.172 12.793  1.00 27.64  ? 21  THR A OG1 1 
ATOM   105  C CG2 . THR A 1 21  ? -7.092  -13.391 12.715  1.00 27.64  ? 21  THR A CG2 1 
ATOM   106  N N   . ALA A 1 22  ? -6.126  -14.127 9.456   1.00 18.61  ? 22  ALA A N   1 
ATOM   107  C CA  . ALA A 1 22  ? -7.070  -14.682 8.474   1.00 18.61  ? 22  ALA A CA  1 
ATOM   108  C C   . ALA A 1 22  ? -8.445  -14.885 9.138   1.00 18.61  ? 22  ALA A C   1 
ATOM   109  O O   . ALA A 1 22  ? -9.505  -14.608 8.544   1.00 18.61  ? 22  ALA A O   1 
ATOM   110  C CB  . ALA A 1 22  ? -6.575  -15.985 7.957   1.00 9.27   ? 22  ALA A CB  1 
ATOM   111  N N   . ALA A 1 23  ? -8.430  -15.348 10.389  1.00 19.02  ? 23  ALA A N   1 
ATOM   112  C CA  . ALA A 1 23  ? -9.647  -15.547 11.141  1.00 19.02  ? 23  ALA A CA  1 
ATOM   113  C C   . ALA A 1 23  ? -10.484 -14.257 11.179  1.00 19.02  ? 23  ALA A C   1 
ATOM   114  O O   . ALA A 1 23  ? -11.735 -14.310 11.120  1.00 19.02  ? 23  ALA A O   1 
ATOM   115  C CB  . ALA A 1 23  ? -9.315  -16.012 12.542  1.00 2.00   ? 23  ALA A CB  1 
ATOM   116  N N   . ASP A 1 24  ? -9.821  -13.098 11.240  1.00 15.35  ? 24  ASP A N   1 
ATOM   117  C CA  . ASP A 1 24  ? -10.554 -11.830 11.297  1.00 15.35  ? 24  ASP A CA  1 
ATOM   118  C C   . ASP A 1 24  ? -10.889 -11.294 9.929   1.00 15.35  ? 24  ASP A C   1 
ATOM   119  O O   . ASP A 1 24  ? -11.553 -10.248 9.790   1.00 15.35  ? 24  ASP A O   1 
ATOM   120  C CB  . ASP A 1 24  ? -9.834  -10.779 12.148  1.00 41.10  ? 24  ASP A CB  1 
ATOM   121  C CG  . ASP A 1 24  ? -10.034 -11.002 13.645  1.00 41.10  ? 24  ASP A CG  1 
ATOM   122  O OD1 . ASP A 1 24  ? -11.198 -10.988 14.131  1.00 41.10  ? 24  ASP A OD1 1 
ATOM   123  O OD2 . ASP A 1 24  ? -9.014  -11.206 14.330  1.00 41.10  ? 24  ASP A OD2 1 
ATOM   124  N N   . LYS A 1 25  ? -10.489 -12.051 8.914   1.00 21.25  ? 25  LYS A N   1 
ATOM   125  C CA  . LYS A 1 25  ? -10.781 -11.688 7.534   1.00 21.25  ? 25  LYS A CA  1 
ATOM   126  C C   . LYS A 1 25  ? -10.991 -13.005 6.784   1.00 21.25  ? 25  LYS A C   1 
ATOM   127  O O   . LYS A 1 25  ? -10.193 -13.371 5.927   1.00 21.25  ? 25  LYS A O   1 
ATOM   128  C CB  . LYS A 1 25  ? -9.608  -10.918 6.951   1.00 35.97  ? 25  LYS A CB  1 
ATOM   129  C CG  . LYS A 1 25  ? -9.970  -10.187 5.700   1.00 35.97  ? 25  LYS A CG  1 
ATOM   130  C CD  . LYS A 1 25  ? -8.745  -9.619  4.988   1.00 35.97  ? 25  LYS A CD  1 
ATOM   131  C CE  . LYS A 1 25  ? -8.977  -8.167  4.703   1.00 35.97  ? 25  LYS A CE  1 
ATOM   132  N NZ  . LYS A 1 25  ? -9.291  -7.531  6.007   1.00 35.97  ? 25  LYS A NZ  1 
ATOM   133  N N   . LYS A 1 26  ? -12.024 -13.748 7.169   1.00 16.23  ? 26  LYS A N   1 
ATOM   134  C CA  . LYS A 1 26  ? -12.325 -15.050 6.568   1.00 16.23  ? 26  LYS A CA  1 
ATOM   135  C C   . LYS A 1 26  ? -12.862 -15.061 5.116   1.00 16.23  ? 26  LYS A C   1 
ATOM   136  O O   . LYS A 1 26  ? -12.701 -16.049 4.381   1.00 16.23  ? 26  LYS A O   1 
ATOM   137  C CB  . LYS A 1 26  ? -13.248 -15.819 7.484   1.00 19.69  ? 26  LYS A CB  1 
ATOM   138  C CG  . LYS A 1 26  ? -13.095 -17.274 7.386   1.00 19.69  ? 26  LYS A CG  1 
ATOM   139  C CD  . LYS A 1 26  ? -11.714 -17.642 7.671   1.00 19.69  ? 26  LYS A CD  1 
ATOM   140  C CE  . LYS A 1 26  ? -11.591 -19.056 7.226   1.00 19.69  ? 26  LYS A CE  1 
ATOM   141  N NZ  . LYS A 1 26  ? -10.215 -19.533 7.481   1.00 19.69  ? 26  LYS A NZ  1 
ATOM   142  N N   . THR A 1 27  ? -13.527 -13.994 4.707   1.00 19.41  ? 27  THR A N   1 
ATOM   143  C CA  . THR A 1 27  ? -13.999 -13.917 3.336   1.00 19.41  ? 27  THR A CA  1 
ATOM   144  C C   . THR A 1 27  ? -13.565 -12.537 2.857   1.00 19.41  ? 27  THR A C   1 
ATOM   145  O O   . THR A 1 27  ? -13.344 -11.623 3.686   1.00 19.41  ? 27  THR A O   1 
ATOM   146  C CB  . THR A 1 27  ? -15.537 -14.155 3.142   1.00 39.07  ? 27  THR A CB  1 
ATOM   147  O OG1 . THR A 1 27  ? -16.270 -13.007 3.543   1.00 39.07  ? 27  THR A OG1 1 
ATOM   148  C CG2 . THR A 1 27  ? -16.019 -15.322 3.955   1.00 39.07  ? 27  THR A CG2 1 
ATOM   149  N N   . ALA A 1 28  ? -13.309 -12.430 1.551   1.00 20.56  ? 28  ALA A N   1 
ATOM   150  C CA  . ALA A 1 28  ? -12.843 -11.186 0.934   1.00 20.56  ? 28  ALA A CA  1 
ATOM   151  C C   . ALA A 1 28  ? -13.206 -11.216 -0.524  1.00 20.56  ? 28  ALA A C   1 
ATOM   152  O O   . ALA A 1 28  ? -13.501 -12.283 -1.055  1.00 20.56  ? 28  ALA A O   1 
ATOM   153  C CB  . ALA A 1 28  ? -11.345 -11.048 1.086   1.00 36.31  ? 28  ALA A CB  1 
ATOM   154  N N   . VAL A 1 29  ? -13.249 -10.045 -1.151  1.00 32.44  ? 29  VAL A N   1 
ATOM   155  C CA  . VAL A 1 29  ? -13.587 -9.941  -2.566  1.00 32.44  ? 29  VAL A CA  1 
ATOM   156  C C   . VAL A 1 29  ? -12.329 -9.980  -3.420  1.00 32.44  ? 29  VAL A C   1 
ATOM   157  O O   . VAL A 1 29  ? -11.323 -9.323  -3.099  1.00 32.44  ? 29  VAL A O   1 
ATOM   158  C CB  . VAL A 1 29  ? -14.348 -8.656  -2.875  1.00 21.89  ? 29  VAL A CB  1 
ATOM   159  C CG1 . VAL A 1 29  ? -14.801 -8.679  -4.335  1.00 21.89  ? 29  VAL A CG1 1 
ATOM   160  C CG2 . VAL A 1 29  ? -15.543 -8.510  -1.936  1.00 21.89  ? 29  VAL A CG2 1 
ATOM   161  N N   . ASP A 1 30  ? -12.377 -10.744 -4.508  1.00 18.74  ? 30  ASP A N   1 
ATOM   162  C CA  . ASP A 1 30  ? -11.211 -10.883 -5.381  1.00 18.74  ? 30  ASP A CA  1 
ATOM   163  C C   . ASP A 1 30  ? -11.331 -9.939  -6.544  1.00 18.74  ? 30  ASP A C   1 
ATOM   164  O O   . ASP A 1 30  ? -12.355 -9.282  -6.699  1.00 18.74  ? 30  ASP A O   1 
ATOM   165  C CB  . ASP A 1 30  ? -10.999 -12.352 -5.832  1.00 32.43  ? 30  ASP A CB  1 
ATOM   166  C CG  . ASP A 1 30  ? -11.992 -12.831 -6.913  1.00 32.43  ? 30  ASP A CG  1 
ATOM   167  O OD1 . ASP A 1 30  ? -12.841 -12.059 -7.408  1.00 32.43  ? 30  ASP A OD1 1 
ATOM   168  O OD2 . ASP A 1 30  ? -11.907 -14.017 -7.299  1.00 32.43  ? 30  ASP A OD2 1 
ATOM   169  N N   . MET A 1 31  ? -10.280 -9.893  -7.351  1.00 28.43  ? 31  MET A N   1 
ATOM   170  C CA  . MET A 1 31  ? -10.187 -9.069  -8.543  1.00 28.43  ? 31  MET A CA  1 
ATOM   171  C C   . MET A 1 31  ? -11.423 -9.111  -9.454  1.00 28.43  ? 31  MET A C   1 
ATOM   172  O O   . MET A 1 31  ? -11.953 -8.062  -9.835  1.00 28.43  ? 31  MET A O   1 
ATOM   173  C CB  . MET A 1 31  ? -8.952  -9.498  -9.324  1.00 50.77  ? 31  MET A CB  1 
ATOM   174  C CG  . MET A 1 31  ? -8.635  -8.632  -10.520 1.00 50.77  ? 31  MET A CG  1 
ATOM   175  S SD  . MET A 1 31  ? -6.883  -8.674  -10.827 1.00 50.77  ? 31  MET A SD  1 
ATOM   176  C CE  . MET A 1 31  ? -6.347  -7.552  -9.529  1.00 50.77  ? 31  MET A CE  1 
ATOM   177  N N   . SER A 1 32  ? -11.910 -10.309 -9.773  1.00 53.59  ? 32  SER A N   1 
ATOM   178  C CA  . SER A 1 32  ? -13.083 -10.443 -10.647 1.00 53.59  ? 32  SER A CA  1 
ATOM   179  C C   . SER A 1 32  ? -14.419 -9.997  -10.033 1.00 53.59  ? 32  SER A C   1 
ATOM   180  O O   . SER A 1 32  ? -15.448 -10.002 -10.712 1.00 53.59  ? 32  SER A O   1 
ATOM   181  C CB  . SER A 1 32  ? -13.203 -11.876 -11.165 1.00 42.72  ? 32  SER A CB  1 
ATOM   182  O OG  . SER A 1 32  ? -13.432 -12.790 -10.105 1.00 42.72  ? 32  SER A OG  1 
ATOM   183  N N   . GLY A 1 33  ? -14.404 -9.616  -8.759  1.00 33.61  ? 33  GLY A N   1 
ATOM   184  C CA  . GLY A 1 33  ? -15.609 -9.166  -8.093  1.00 33.61  ? 33  GLY A CA  1 
ATOM   185  C C   . GLY A 1 33  ? -16.287 -10.284 -7.333  1.00 33.61  ? 33  GLY A C   1 
ATOM   186  O O   . GLY A 1 33  ? -17.403 -10.124 -6.871  1.00 33.61  ? 33  GLY A O   1 
ATOM   187  N N   . GLY A 1 34  ? -15.618 -11.414 -7.182  1.00 28.02  ? 34  GLY A N   1 
ATOM   188  C CA  . GLY A 1 34  ? -16.217 -12.518 -6.458  1.00 28.02  ? 34  GLY A CA  1 
ATOM   189  C C   . GLY A 1 34  ? -15.812 -12.613 -4.995  1.00 28.02  ? 34  GLY A C   1 
ATOM   190  O O   . GLY A 1 34  ? -14.853 -11.981 -4.572  1.00 28.02  ? 34  GLY A O   1 
ATOM   191  N N   . THR A 1 35  ? -16.561 -13.375 -4.208  1.00 27.54  ? 35  THR A N   1 
ATOM   192  C CA  . THR A 1 35  ? -16.264 -13.550 -2.790  1.00 27.54  ? 35  THR A CA  1 
ATOM   193  C C   . THR A 1 35  ? -15.505 -14.841 -2.644  1.00 27.54  ? 35  THR A C   1 
ATOM   194  O O   . THR A 1 35  ? -15.892 -15.864 -3.192  1.00 27.54  ? 35  THR A O   1 
ATOM   195  C CB  . THR A 1 35  ? -17.535 -13.639 -1.968  1.00 28.90  ? 35  THR A CB  1 
ATOM   196  O OG1 . THR A 1 35  ? -18.251 -12.421 -2.143  1.00 28.90  ? 35  THR A OG1 1 
ATOM   197  C CG2 . THR A 1 35  ? -17.231 -13.821 -0.494  1.00 28.90  ? 35  THR A CG2 1 
ATOM   198  N N   . VAL A 1 36  ? -14.449 -14.803 -1.859  1.00 16.35  ? 36  VAL A N   1 
ATOM   199  C CA  . VAL A 1 36  ? -13.640 -15.961 -1.690  1.00 16.35  ? 36  VAL A CA  1 
ATOM   200  C C   . VAL A 1 36  ? -13.398 -16.124 -0.198  1.00 16.35  ? 36  VAL A C   1 
ATOM   201  O O   . VAL A 1 36  ? -13.633 -15.187 0.554   1.00 16.35  ? 36  VAL A O   1 
ATOM   202  C CB  . VAL A 1 36  ? -12.308 -15.784 -2.506  1.00 42.91  ? 36  VAL A CB  1 
ATOM   203  C CG1 . VAL A 1 36  ? -12.599 -15.734 -4.019  1.00 42.91  ? 36  VAL A CG1 1 
ATOM   204  C CG2 . VAL A 1 36  ? -11.593 -14.506 -2.090  1.00 42.91  ? 36  VAL A CG2 1 
ATOM   205  N N   . THR A 1 37  ? -12.994 -17.322 0.220   1.00 11.94  ? 37  THR A N   1 
ATOM   206  C CA  . THR A 1 37  ? -12.710 -17.638 1.615   1.00 11.94  ? 37  THR A CA  1 
ATOM   207  C C   . THR A 1 37  ? -11.195 -17.658 1.752   1.00 11.94  ? 37  THR A C   1 
ATOM   208  O O   . THR A 1 37  ? -10.506 -18.347 0.992   1.00 11.94  ? 37  THR A O   1 
ATOM   209  C CB  . THR A 1 37  ? -13.277 -19.062 1.985   1.00 15.70  ? 37  THR A CB  1 
ATOM   210  O OG1 . THR A 1 37  ? -14.720 -19.028 1.928   1.00 15.70  ? 37  THR A OG1 1 
ATOM   211  C CG2 . THR A 1 37  ? -12.782 -19.563 3.367   1.00 15.70  ? 37  THR A CG2 1 
ATOM   212  N N   . VAL A 1 38  ? -10.679 -16.907 2.716   1.00 19.32  ? 38  VAL A N   1 
ATOM   213  C CA  . VAL A 1 38  ? -9.249  -16.827 2.926   1.00 19.32  ? 38  VAL A CA  1 
ATOM   214  C C   . VAL A 1 38  ? -8.818  -17.929 3.877   1.00 19.32  ? 38  VAL A C   1 
ATOM   215  O O   . VAL A 1 38  ? -9.340  -18.016 4.972   1.00 19.32  ? 38  VAL A O   1 
ATOM   216  C CB  . VAL A 1 38  ? -8.883  -15.429 3.479   1.00 2.00   ? 38  VAL A CB  1 
ATOM   217  C CG1 . VAL A 1 38  ? -7.447  -15.401 3.977   1.00 2.00   ? 38  VAL A CG1 1 
ATOM   218  C CG2 . VAL A 1 38  ? -9.070  -14.397 2.412   1.00 2.00   ? 38  VAL A CG2 1 
ATOM   219  N N   . LEU A 1 39  ? -7.876  -18.776 3.469   1.00 19.49  ? 39  LEU A N   1 
ATOM   220  C CA  . LEU A 1 39  ? -7.422  -19.872 4.336   1.00 19.49  ? 39  LEU A CA  1 
ATOM   221  C C   . LEU A 1 39  ? -6.597  -19.452 5.554   1.00 19.49  ? 39  LEU A C   1 
ATOM   222  O O   . LEU A 1 39  ? -6.041  -18.368 5.573   1.00 19.49  ? 39  LEU A O   1 
ATOM   223  C CB  . LEU A 1 39  ? -6.665  -20.910 3.529   1.00 22.65  ? 39  LEU A CB  1 
ATOM   224  C CG  . LEU A 1 39  ? -7.330  -21.338 2.220   1.00 22.65  ? 39  LEU A CG  1 
ATOM   225  C CD1 . LEU A 1 39  ? -6.555  -22.550 1.771   1.00 22.65  ? 39  LEU A CD1 1 
ATOM   226  C CD2 . LEU A 1 39  ? -8.829  -21.676 2.336   1.00 22.65  ? 39  LEU A CD2 1 
ATOM   227  N N   . GLU A 1 40  ? -6.526  -20.319 6.563   1.00 20.34  ? 40  GLU A N   1 
ATOM   228  C CA  . GLU A 1 40  ? -5.802  -20.030 7.799   1.00 20.34  ? 40  GLU A CA  1 
ATOM   229  C C   . GLU A 1 40  ? -4.302  -20.178 7.654   1.00 20.34  ? 40  GLU A C   1 
ATOM   230  O O   . GLU A 1 40  ? -3.536  -19.408 8.244   1.00 20.34  ? 40  GLU A O   1 
ATOM   231  C CB  . GLU A 1 40  ? -6.265  -20.951 8.950   1.00 64.92  ? 40  GLU A CB  1 
ATOM   232  C CG  . GLU A 1 40  ? -7.701  -20.762 9.457   1.00 64.92  ? 40  GLU A CG  1 
ATOM   233  C CD  . GLU A 1 40  ? -7.882  -19.506 10.301  1.00 64.92  ? 40  GLU A CD  1 
ATOM   234  O OE1 . GLU A 1 40  ? -7.237  -19.409 11.373  1.00 64.92  ? 40  GLU A OE1 1 
ATOM   235  O OE2 . GLU A 1 40  ? -8.671  -18.614 9.891   1.00 64.92  ? 40  GLU A OE2 1 
ATOM   236  N N   . LYS A 1 41  ? -3.876  -21.172 6.882   1.00 33.76  ? 41  LYS A N   1 
ATOM   237  C CA  . LYS A 1 41  ? -2.451  -21.466 6.709   1.00 33.76  ? 41  LYS A CA  1 
ATOM   238  C C   . LYS A 1 41  ? -2.065  -21.711 5.239   1.00 33.76  ? 41  LYS A C   1 
ATOM   239  O O   . LYS A 1 41  ? -2.885  -22.181 4.431   1.00 33.76  ? 41  LYS A O   1 
ATOM   240  C CB  . LYS A 1 41  ? -2.057  -22.692 7.572   1.00 80.13  ? 41  LYS A CB  1 
ATOM   241  C CG  . LYS A 1 41  ? -2.449  -22.626 9.078   1.00 80.13  ? 41  LYS A CG  1 
ATOM   242  C CD  . LYS A 1 41  ? -2.093  -23.910 9.842   1.00 80.13  ? 41  LYS A CD  1 
ATOM   243  C CE  . LYS A 1 41  ? -2.677  -23.920 11.250  1.00 80.13  ? 41  LYS A CE  1 
ATOM   244  N NZ  . LYS A 1 41  ? -4.169  -23.874 11.201  1.00 80.13  ? 41  LYS A NZ  1 
ATOM   245  N N   . VAL A 1 42  ? -0.842  -21.313 4.877   1.00 40.97  ? 42  VAL A N   1 
ATOM   246  C CA  . VAL A 1 42  ? -0.338  -21.508 3.512   1.00 40.97  ? 42  VAL A CA  1 
ATOM   247  C C   . VAL A 1 42  ? 0.788   -22.543 3.555   1.00 40.97  ? 42  VAL A C   1 
ATOM   248  O O   . VAL A 1 42  ? 1.738   -22.442 4.339   1.00 40.97  ? 42  VAL A O   1 
ATOM   249  C CB  . VAL A 1 42  ? 0.106   -20.173 2.802   1.00 36.86  ? 42  VAL A CB  1 
ATOM   250  C CG1 . VAL A 1 42  ? -1.051  -19.194 2.733   1.00 36.86  ? 42  VAL A CG1 1 
ATOM   251  C CG2 . VAL A 1 42  ? 1.261   -19.530 3.523   1.00 36.86  ? 42  VAL A CG2 1 
ATOM   252  N N   . PRO A 1 43  ? 0.635   -23.609 2.777   1.00 49.99  ? 43  PRO A N   1 
ATOM   253  C CA  . PRO A 1 43  ? 1.634   -24.665 2.746   1.00 49.99  ? 43  PRO A CA  1 
ATOM   254  C C   . PRO A 1 43  ? 2.860   -24.238 1.985   1.00 49.99  ? 43  PRO A C   1 
ATOM   255  O O   . PRO A 1 43  ? 2.773   -23.660 0.891   1.00 49.99  ? 43  PRO A O   1 
ATOM   256  C CB  . PRO A 1 43  ? 0.911   -25.798 2.026   1.00 47.06  ? 43  PRO A CB  1 
ATOM   257  C CG  . PRO A 1 43  ? -0.552  -25.421 2.137   1.00 47.06  ? 43  PRO A CG  1 
ATOM   258  C CD  . PRO A 1 43  ? -0.504  -23.960 1.921   1.00 47.06  ? 43  PRO A CD  1 
ATOM   259  N N   . VAL A 1 44  ? 3.999   -24.518 2.594   1.00 86.93  ? 44  VAL A N   1 
ATOM   260  C CA  . VAL A 1 44  ? 5.289   -24.214 2.025   1.00 86.93  ? 44  VAL A CA  1 
ATOM   261  C C   . VAL A 1 44  ? 6.115   -25.463 2.283   1.00 86.93  ? 44  VAL A C   1 
ATOM   262  O O   . VAL A 1 44  ? 5.787   -26.255 3.167   1.00 86.93  ? 44  VAL A O   1 
ATOM   263  C CB  . VAL A 1 44  ? 5.939   -22.972 2.719   1.00 36.32  ? 44  VAL A CB  1 
ATOM   264  C CG1 . VAL A 1 44  ? 5.141   -21.735 2.397   1.00 36.32  ? 44  VAL A CG1 1 
ATOM   265  C CG2 . VAL A 1 44  ? 6.018   -23.148 4.251   1.00 36.32  ? 44  VAL A CG2 1 
ATOM   266  N N   . SER A 1 45  ? 7.117   -25.713 1.458   1.00 108.71 ? 45  SER A N   1 
ATOM   267  C CA  . SER A 1 45  ? 7.946   -26.871 1.719   1.00 108.71 ? 45  SER A CA  1 
ATOM   268  C C   . SER A 1 45  ? 8.590   -26.533 3.069   1.00 108.71 ? 45  SER A C   1 
ATOM   269  O O   . SER A 1 45  ? 8.881   -25.361 3.342   1.00 108.71 ? 45  SER A O   1 
ATOM   270  C CB  . SER A 1 45  ? 9.004   -27.039 0.631   1.00 147.70 ? 45  SER A CB  1 
ATOM   271  O OG  . SER A 1 45  ? 9.599   -28.321 0.716   1.00 147.70 ? 45  SER A OG  1 
ATOM   272  N N   . LYS A 1 46  ? 8.730   -27.543 3.924   1.00 97.97  ? 46  LYS A N   1 
ATOM   273  C CA  . LYS A 1 46  ? 9.307   -27.415 5.270   1.00 97.97  ? 46  LYS A CA  1 
ATOM   274  C C   . LYS A 1 46  ? 8.255   -27.093 6.331   1.00 97.97  ? 46  LYS A C   1 
ATOM   275  O O   . LYS A 1 46  ? 8.561   -27.074 7.518   1.00 97.97  ? 46  LYS A O   1 
ATOM   276  C CB  . LYS A 1 46  ? 10.442  -26.375 5.333   1.00 102.93 ? 46  LYS A CB  1 
ATOM   277  C CG  . LYS A 1 46  ? 11.710  -26.743 4.568   1.00 102.93 ? 46  LYS A CG  1 
ATOM   278  C CD  . LYS A 1 46  ? 12.633  -25.537 4.450   1.00 102.93 ? 46  LYS A CD  1 
ATOM   279  C CE  . LYS A 1 46  ? 13.880  -25.853 3.650   1.00 102.93 ? 46  LYS A CE  1 
ATOM   280  N NZ  . LYS A 1 46  ? 14.704  -24.627 3.489   1.00 102.93 ? 46  LYS A NZ  1 
ATOM   281  N N   . GLY A 1 47  ? 7.024   -26.824 5.917   1.00 47.50  ? 47  GLY A N   1 
ATOM   282  C CA  . GLY A 1 47  ? 5.992   -26.533 6.896   1.00 47.50  ? 47  GLY A CA  1 
ATOM   283  C C   . GLY A 1 47  ? 4.804   -25.727 6.406   1.00 47.50  ? 47  GLY A C   1 
ATOM   284  O O   . GLY A 1 47  ? 4.328   -25.906 5.289   1.00 47.50  ? 47  GLY A O   1 
ATOM   285  N N   . GLN A 1 48  ? 4.293   -24.869 7.280   1.00 61.30  ? 48  GLN A N   1 
ATOM   286  C CA  . GLN A 1 48  ? 3.153   -24.019 6.966   1.00 61.30  ? 48  GLN A CA  1 
ATOM   287  C C   . GLN A 1 48  ? 3.332   -22.645 7.591   1.00 61.30  ? 48  GLN A C   1 
ATOM   288  O O   . GLN A 1 48  ? 3.944   -22.522 8.647   1.00 61.30  ? 48  GLN A O   1 
ATOM   289  C CB  . GLN A 1 48  ? 1.865   -24.643 7.489   1.00 73.12  ? 48  GLN A CB  1 
ATOM   290  C CG  . GLN A 1 48  ? 1.392   -25.813 6.671   1.00 73.12  ? 48  GLN A CG  1 
ATOM   291  C CD  . GLN A 1 48  ? 0.040   -26.323 7.116   1.00 73.12  ? 48  GLN A CD  1 
ATOM   292  O OE1 . GLN A 1 48  ? -0.087  -26.952 8.170   1.00 73.12  ? 48  GLN A OE1 1 
ATOM   293  N NE2 . GLN A 1 48  ? -0.989  -26.039 6.323   1.00 73.12  ? 48  GLN A NE2 1 
ATOM   294  N N   . LEU A 1 49  ? 2.836   -21.610 6.917   1.00 88.65  ? 49  LEU A N   1 
ATOM   295  C CA  . LEU A 1 49  ? 2.922   -20.233 7.420   1.00 88.65  ? 49  LEU A CA  1 
ATOM   296  C C   . LEU A 1 49  ? 1.492   -19.768 7.712   1.00 88.65  ? 49  LEU A C   1 
ATOM   297  O O   . LEU A 1 49  ? 0.553   -20.230 7.063   1.00 88.65  ? 49  LEU A O   1 
ATOM   298  C CB  . LEU A 1 49  ? 3.537   -19.287 6.360   1.00 42.49  ? 49  LEU A CB  1 
ATOM   299  C CG  . LEU A 1 49  ? 4.898   -19.492 5.689   1.00 42.49  ? 49  LEU A CG  1 
ATOM   300  C CD1 . LEU A 1 49  ? 5.033   -18.512 4.567   1.00 42.49  ? 49  LEU A CD1 1 
ATOM   301  C CD2 . LEU A 1 49  ? 6.015   -19.327 6.684   1.00 42.49  ? 49  LEU A CD2 1 
ATOM   302  N N   . LYS A 1 50  ? 1.315   -18.882 8.688   1.00 40.79  ? 50  LYS A N   1 
ATOM   303  C CA  . LYS A 1 50  ? -0.026  -18.373 8.989   1.00 40.79  ? 50  LYS A CA  1 
ATOM   304  C C   . LYS A 1 50  ? -0.283  -17.156 8.072   1.00 40.79  ? 50  LYS A C   1 
ATOM   305  O O   . LYS A 1 50  ? 0.641   -16.403 7.784   1.00 40.79  ? 50  LYS A O   1 
ATOM   306  C CB  . LYS A 1 50  ? -0.154  -18.004 10.480  1.00 63.87  ? 50  LYS A CB  1 
ATOM   307  C CG  . LYS A 1 50  ? -1.595  -18.043 11.006  1.00 63.87  ? 50  LYS A CG  1 
ATOM   308  C CD  . LYS A 1 50  ? -1.681  -17.755 12.504  1.00 63.87  ? 50  LYS A CD  1 
ATOM   309  C CE  . LYS A 1 50  ? -1.060  -18.870 13.366  1.00 63.87  ? 50  LYS A CE  1 
ATOM   310  N NZ  . LYS A 1 50  ? -1.964  -20.044 13.607  1.00 63.87  ? 50  LYS A NZ  1 
ATOM   311  N N   . GLN A 1 51  ? -1.489  -17.039 7.512   1.00 20.53  ? 51  GLN A N   1 
ATOM   312  C CA  . GLN A 1 51  ? -1.838  -15.895 6.649   1.00 20.53  ? 51  GLN A CA  1 
ATOM   313  C C   . GLN A 1 51  ? -2.251  -14.709 7.516   1.00 20.53  ? 51  GLN A C   1 
ATOM   314  O O   . GLN A 1 51  ? -3.128  -14.845 8.356   1.00 20.53  ? 51  GLN A O   1 
ATOM   315  C CB  . GLN A 1 51  ? -2.989  -16.224 5.685   1.00 25.73  ? 51  GLN A CB  1 
ATOM   316  C CG  . GLN A 1 51  ? -2.573  -16.962 4.441   1.00 25.73  ? 51  GLN A CG  1 
ATOM   317  C CD  . GLN A 1 51  ? -3.567  -16.825 3.269   1.00 25.73  ? 51  GLN A CD  1 
ATOM   318  O OE1 . GLN A 1 51  ? -3.296  -16.121 2.267   1.00 25.73  ? 51  GLN A OE1 1 
ATOM   319  N NE2 . GLN A 1 51  ? -4.705  -17.512 3.376   1.00 25.73  ? 51  GLN A NE2 1 
ATOM   320  N N   . TYR A 1 52  ? -1.549  -13.589 7.358   1.00 20.16  ? 52  TYR A N   1 
ATOM   321  C CA  . TYR A 1 52  ? -1.814  -12.329 8.048   1.00 20.16  ? 52  TYR A CA  1 
ATOM   322  C C   . TYR A 1 52  ? -1.812  -11.321 6.948   1.00 20.16  ? 52  TYR A C   1 
ATOM   323  O O   . TYR A 1 52  ? -1.185  -11.543 5.900   1.00 20.16  ? 52  TYR A O   1 
ATOM   324  C CB  . TYR A 1 52  ? -0.670  -11.912 8.923   1.00 26.18  ? 52  TYR A CB  1 
ATOM   325  C CG  . TYR A 1 52  ? -0.557  -12.663 10.179  1.00 26.18  ? 52  TYR A CG  1 
ATOM   326  C CD1 . TYR A 1 52  ? -1.321  -12.300 11.290  1.00 26.18  ? 52  TYR A CD1 1 
ATOM   327  C CD2 . TYR A 1 52  ? 0.348   -13.720 10.288  1.00 26.18  ? 52  TYR A CD2 1 
ATOM   328  C CE1 . TYR A 1 52  ? -1.181  -12.964 12.490  1.00 26.18  ? 52  TYR A CE1 1 
ATOM   329  C CE2 . TYR A 1 52  ? 0.500   -14.395 11.461  1.00 26.18  ? 52  TYR A CE2 1 
ATOM   330  C CZ  . TYR A 1 52  ? -0.258  -14.014 12.576  1.00 26.18  ? 52  TYR A CZ  1 
ATOM   331  O OH  . TYR A 1 52  ? -0.028  -14.642 13.800  1.00 26.18  ? 52  TYR A OH  1 
ATOM   332  N N   . PHE A 1 53  ? -2.482  -10.207 7.185   1.00 15.95  ? 53  PHE A N   1 
ATOM   333  C CA  . PHE A 1 53  ? -2.531  -9.125  6.233   1.00 15.95  ? 53  PHE A CA  1 
ATOM   334  C C   . PHE A 1 53  ? -2.166  -7.892  6.987   1.00 15.95  ? 53  PHE A C   1 
ATOM   335  O O   . PHE A 1 53  ? -2.392  -7.797  8.193   1.00 15.95  ? 53  PHE A O   1 
ATOM   336  C CB  . PHE A 1 53  ? -3.899  -9.022  5.620   1.00 32.59  ? 53  PHE A CB  1 
ATOM   337  C CG  . PHE A 1 53  ? -4.240  -10.210 4.803   1.00 32.59  ? 53  PHE A CG  1 
ATOM   338  C CD1 . PHE A 1 53  ? -3.583  -10.439 3.584   1.00 32.59  ? 53  PHE A CD1 1 
ATOM   339  C CD2 . PHE A 1 53  ? -5.146  -11.153 5.266   1.00 32.59  ? 53  PHE A CD2 1 
ATOM   340  C CE1 . PHE A 1 53  ? -3.822  -11.586 2.848   1.00 32.59  ? 53  PHE A CE1 1 
ATOM   341  C CE2 . PHE A 1 53  ? -5.388  -12.306 4.529   1.00 32.59  ? 53  PHE A CE2 1 
ATOM   342  C CZ  . PHE A 1 53  ? -4.724  -12.521 3.322   1.00 32.59  ? 53  PHE A CZ  1 
ATOM   343  N N   . TYR A 1 54  ? -1.533  -6.964  6.298   1.00 10.24  ? 54  TYR A N   1 
ATOM   344  C CA  . TYR A 1 54  ? -1.095  -5.737  6.926   1.00 10.24  ? 54  TYR A CA  1 
ATOM   345  C C   . TYR A 1 54  ? -1.993  -4.643  6.455   1.00 10.24  ? 54  TYR A C   1 
ATOM   346  O O   . TYR A 1 54  ? -1.782  -4.116  5.372   1.00 10.24  ? 54  TYR A O   1 
ATOM   347  C CB  . TYR A 1 54  ? 0.347   -5.454  6.530   1.00 25.40  ? 54  TYR A CB  1 
ATOM   348  C CG  . TYR A 1 54  ? 0.930   -4.249  7.210   1.00 25.40  ? 54  TYR A CG  1 
ATOM   349  C CD1 . TYR A 1 54  ? 1.403   -4.319  8.520   1.00 25.40  ? 54  TYR A CD1 1 
ATOM   350  C CD2 . TYR A 1 54  ? 1.032   -3.023  6.531   1.00 25.40  ? 54  TYR A CD2 1 
ATOM   351  C CE1 . TYR A 1 54  ? 1.967   -3.198  9.131   1.00 25.40  ? 54  TYR A CE1 1 
ATOM   352  C CE2 . TYR A 1 54  ? 1.584   -1.916  7.125   1.00 25.40  ? 54  TYR A CE2 1 
ATOM   353  C CZ  . TYR A 1 54  ? 2.053   -2.002  8.415   1.00 25.40  ? 54  TYR A CZ  1 
ATOM   354  O OH  . TYR A 1 54  ? 2.642   -0.889  8.980   1.00 25.40  ? 54  TYR A OH  1 
ATOM   355  N N   . GLU A 1 55  ? -3.026  -4.302  7.216   1.00 17.24  ? 55  GLU A N   1 
ATOM   356  C CA  . GLU A 1 55  ? -3.878  -3.233  6.719   1.00 17.24  ? 55  GLU A CA  1 
ATOM   357  C C   . GLU A 1 55  ? -3.713  -1.878  7.366   1.00 17.24  ? 55  GLU A C   1 
ATOM   358  O O   . GLU A 1 55  ? -3.353  -1.769  8.518   1.00 17.24  ? 55  GLU A O   1 
ATOM   359  C CB  . GLU A 1 55  ? -5.340  -3.645  6.531   1.00 35.52  ? 55  GLU A CB  1 
ATOM   360  C CG  . GLU A 1 55  ? -6.093  -4.140  7.708   1.00 35.52  ? 55  GLU A CG  1 
ATOM   361  C CD  . GLU A 1 55  ? -7.500  -4.541  7.310   1.00 35.52  ? 55  GLU A CD  1 
ATOM   362  O OE1 . GLU A 1 55  ? -7.645  -5.125  6.206   1.00 35.52  ? 55  GLU A OE1 1 
ATOM   363  O OE2 . GLU A 1 55  ? -8.460  -4.251  8.069   1.00 35.52  ? 55  GLU A OE2 1 
ATOM   364  N N   . THR A 1 56  ? -3.922  -0.854  6.560   1.00 10.04  ? 56  THR A N   1 
ATOM   365  C CA  . THR A 1 56  ? -3.765  0.526   6.947   1.00 10.04  ? 56  THR A CA  1 
ATOM   366  C C   . THR A 1 56  ? -5.060  1.212   6.573   1.00 10.04  ? 56  THR A C   1 
ATOM   367  O O   . THR A 1 56  ? -5.483  1.092   5.431   1.00 10.04  ? 56  THR A O   1 
ATOM   368  C CB  . THR A 1 56  ? -2.623  1.146   6.114   1.00 10.65  ? 56  THR A CB  1 
ATOM   369  O OG1 . THR A 1 56  ? -1.411  0.408   6.371   1.00 10.65  ? 56  THR A OG1 1 
ATOM   370  C CG2 . THR A 1 56  ? -2.449  2.614   6.425   1.00 10.65  ? 56  THR A CG2 1 
ATOM   371  N N   . LYS A 1 57  ? -5.697  1.921   7.505   1.00 20.41  ? 57  LYS A N   1 
ATOM   372  C CA  . LYS A 1 57  ? -6.949  2.598   7.183   1.00 20.41  ? 57  LYS A CA  1 
ATOM   373  C C   . LYS A 1 57  ? -6.918  3.960   7.820   1.00 20.41  ? 57  LYS A C   1 
ATOM   374  O O   . LYS A 1 57  ? -5.982  4.250   8.544   1.00 20.41  ? 57  LYS A O   1 
ATOM   375  C CB  . LYS A 1 57  ? -8.168  1.801   7.662   1.00 34.04  ? 57  LYS A CB  1 
ATOM   376  C CG  . LYS A 1 57  ? -8.098  1.244   9.067   1.00 34.04  ? 57  LYS A CG  1 
ATOM   377  C CD  . LYS A 1 57  ? -9.318  0.356   9.289   1.00 34.04  ? 57  LYS A CD  1 
ATOM   378  C CE  . LYS A 1 57  ? -9.201  -0.578  10.500  1.00 34.04  ? 57  LYS A CE  1 
ATOM   379  N NZ  . LYS A 1 57  ? -10.324 -1.606  10.489  1.00 34.04  ? 57  LYS A NZ  1 
ATOM   380  N N   . CYS A 1 58  ? -7.870  4.826   7.471   1.00 30.78  ? 58  CYS A N   1 
ATOM   381  C CA  . CYS A 1 58  ? -7.924  6.148   8.079   1.00 30.78  ? 58  CYS A CA  1 
ATOM   382  C C   . CYS A 1 58  ? -8.194  5.956   9.575   1.00 30.78  ? 58  CYS A C   1 
ATOM   383  O O   . CYS A 1 58  ? -8.987  5.095   9.979   1.00 30.78  ? 58  CYS A O   1 
ATOM   384  C CB  . CYS A 1 58  ? -9.016  7.029   7.471   1.00 15.42  ? 58  CYS A CB  1 
ATOM   385  S SG  . CYS A 1 58  ? -8.705  7.681   5.790   1.00 15.42  ? 58  CYS A SG  1 
ATOM   386  N N   . ASN A 1 59  ? -7.513  6.758   10.383  1.00 33.02  ? 59  ASN A N   1 
ATOM   387  C CA  . ASN A 1 59  ? -7.613  6.704   11.828  1.00 33.02  ? 59  ASN A CA  1 
ATOM   388  C C   . ASN A 1 59  ? -8.891  7.345   12.345  1.00 33.02  ? 59  ASN A C   1 
ATOM   389  O O   . ASN A 1 59  ? -9.111  8.551   12.202  1.00 33.02  ? 59  ASN A O   1 
ATOM   390  C CB  . ASN A 1 59  ? -6.417  7.406   12.439  1.00 26.61  ? 59  ASN A CB  1 
ATOM   391  C CG  . ASN A 1 59  ? -6.216  7.062   13.876  1.00 26.61  ? 59  ASN A CG  1 
ATOM   392  O OD1 . ASN A 1 59  ? -7.166  6.834   14.616  1.00 26.61  ? 59  ASN A OD1 1 
ATOM   393  N ND2 . ASN A 1 59  ? -4.969  7.019   14.286  1.00 26.61  ? 59  ASN A ND2 1 
ATOM   394  N N   . PRO A 1 60  ? -9.735  6.541   12.995  1.00 45.46  ? 60  PRO A N   1 
ATOM   395  C CA  . PRO A 1 60  ? -10.986 7.069   13.525  1.00 45.46  ? 60  PRO A CA  1 
ATOM   396  C C   . PRO A 1 60  ? -10.768 7.869   14.826  1.00 45.46  ? 60  PRO A C   1 
ATOM   397  O O   . PRO A 1 60  ? -11.648 8.617   15.244  1.00 45.46  ? 60  PRO A O   1 
ATOM   398  C CB  . PRO A 1 60  ? -11.815 5.804   13.710  1.00 30.04  ? 60  PRO A CB  1 
ATOM   399  C CG  . PRO A 1 60  ? -10.775 4.766   14.111  1.00 30.04  ? 60  PRO A CG  1 
ATOM   400  C CD  . PRO A 1 60  ? -9.584  5.090   13.254  1.00 30.04  ? 60  PRO A CD  1 
ATOM   401  N N   . MET A 1 61  ? -9.606  7.699   15.465  1.00 55.49  ? 61  MET A N   1 
ATOM   402  C CA  . MET A 1 61  ? -9.266  8.433   16.690  1.00 55.49  ? 61  MET A CA  1 
ATOM   403  C C   . MET A 1 61  ? -8.162  9.463   16.355  1.00 55.49  ? 61  MET A C   1 
ATOM   404  O O   . MET A 1 61  ? -7.228  9.658   17.147  1.00 55.49  ? 61  MET A O   1 
ATOM   405  C CB  . MET A 1 61  ? -8.694  7.493   17.763  1.00 87.89  ? 61  MET A CB  1 
ATOM   406  C CG  . MET A 1 61  ? -9.560  6.363   18.284  1.00 87.89  ? 61  MET A CG  1 
ATOM   407  S SD  . MET A 1 61  ? -8.502  5.352   19.395  1.00 87.89  ? 61  MET A SD  1 
ATOM   408  C CE  . MET A 1 61  ? -7.498  4.369   18.177  1.00 87.89  ? 61  MET A CE  1 
ATOM   409  N N   . GLY A 1 62  ? -8.265  10.129  15.204  1.00 37.45  ? 62  GLY A N   1 
ATOM   410  C CA  . GLY A 1 62  ? -7.233  11.073  14.798  1.00 37.45  ? 62  GLY A CA  1 
ATOM   411  C C   . GLY A 1 62  ? -7.661  12.510  14.583  1.00 37.45  ? 62  GLY A C   1 
ATOM   412  O O   . GLY A 1 62  ? -8.817  12.873  14.800  1.00 37.45  ? 62  GLY A O   1 
ATOM   413  N N   . TYR A 1 63  ? -6.751  13.301  14.026  1.00 20.41  ? 63  TYR A N   1 
ATOM   414  C CA  . TYR A 1 63  ? -6.993  14.724  13.839  1.00 20.41  ? 63  TYR A CA  1 
ATOM   415  C C   . TYR A 1 63  ? -7.439  15.239  12.495  1.00 20.41  ? 63  TYR A C   1 
ATOM   416  O O   . TYR A 1 63  ? -7.660  16.448  12.335  1.00 20.41  ? 63  TYR A O   1 
ATOM   417  C CB  . TYR A 1 63  ? -5.771  15.498  14.298  1.00 18.61  ? 63  TYR A CB  1 
ATOM   418  C CG  . TYR A 1 63  ? -5.504  15.287  15.754  1.00 18.61  ? 63  TYR A CG  1 
ATOM   419  C CD1 . TYR A 1 63  ? -6.124  16.104  16.704  1.00 18.61  ? 63  TYR A CD1 1 
ATOM   420  C CD2 . TYR A 1 63  ? -4.678  14.228  16.202  1.00 18.61  ? 63  TYR A CD2 1 
ATOM   421  C CE1 . TYR A 1 63  ? -5.946  15.886  18.063  1.00 18.61  ? 63  TYR A CE1 1 
ATOM   422  C CE2 . TYR A 1 63  ? -4.487  13.995  17.567  1.00 18.61  ? 63  TYR A CE2 1 
ATOM   423  C CZ  . TYR A 1 63  ? -5.135  14.840  18.489  1.00 18.61  ? 63  TYR A CZ  1 
ATOM   424  O OH  . TYR A 1 63  ? -5.002  14.664  19.846  1.00 18.61  ? 63  TYR A OH  1 
ATOM   425  N N   . THR A 1 64  ? -7.597  14.331  11.538  1.00 38.96  ? 64  THR A N   1 
ATOM   426  C CA  . THR A 1 64  ? -8.006  14.714  10.197  1.00 38.96  ? 64  THR A CA  1 
ATOM   427  C C   . THR A 1 64  ? -9.373  14.166  9.802   1.00 38.96  ? 64  THR A C   1 
ATOM   428  O O   . THR A 1 64  ? -9.571  13.747  8.670   1.00 38.96  ? 64  THR A O   1 
ATOM   429  C CB  . THR A 1 64  ? -6.899  14.359  9.145   1.00 24.19  ? 64  THR A CB  1 
ATOM   430  O OG1 . THR A 1 64  ? -6.630  12.937  9.121   1.00 24.19  ? 64  THR A OG1 1 
ATOM   431  C CG2 . THR A 1 64  ? -5.585  15.108  9.490   1.00 24.19  ? 64  THR A CG2 1 
ATOM   432  N N   . LYS A 1 65  ? -10.314 14.157  10.743  1.00 38.21  ? 65  LYS A N   1 
ATOM   433  C CA  . LYS A 1 65  ? -11.674 13.695  10.467  1.00 38.21  ? 65  LYS A CA  1 
ATOM   434  C C   . LYS A 1 65  ? -12.476 14.769  9.739   1.00 38.21  ? 65  LYS A C   1 
ATOM   435  O O   . LYS A 1 65  ? -13.328 14.453  8.913   1.00 38.21  ? 65  LYS A O   1 
ATOM   436  C CB  . LYS A 1 65  ? -12.397 13.328  11.754  1.00 45.66  ? 65  LYS A CB  1 
ATOM   437  C CG  . LYS A 1 65  ? -12.078 11.961  12.246  1.00 45.66  ? 65  LYS A CG  1 
ATOM   438  C CD  . LYS A 1 65  ? -12.785 11.679  13.553  1.00 45.66  ? 65  LYS A CD  1 
ATOM   439  C CE  . LYS A 1 65  ? -12.068 12.361  14.734  1.00 45.66  ? 65  LYS A CE  1 
ATOM   440  N NZ  . LYS A 1 65  ? -12.391 11.722  16.060  1.00 45.66  ? 65  LYS A NZ  1 
ATOM   441  N N   . GLU A 1 66  ? -12.171 16.036  10.033  1.00 31.96  ? 66  GLU A N   1 
ATOM   442  C CA  . GLU A 1 66  ? -12.848 17.192  9.445   1.00 31.96  ? 66  GLU A CA  1 
ATOM   443  C C   . GLU A 1 66  ? -12.373 17.493  8.033   1.00 31.96  ? 66  GLU A C   1 
ATOM   444  O O   . GLU A 1 66  ? -13.106 18.040  7.216   1.00 31.96  ? 66  GLU A O   1 
ATOM   445  C CB  . GLU A 1 66  ? -12.595 18.446  10.301  1.00 89.57  ? 66  GLU A CB  1 
ATOM   446  C CG  . GLU A 1 66  ? -12.924 18.316  11.788  1.00 89.57  ? 66  GLU A CG  1 
ATOM   447  C CD  . GLU A 1 66  ? -14.406 18.201  12.047  1.00 89.57  ? 66  GLU A CD  1 
ATOM   448  O OE1 . GLU A 1 66  ? -15.146 19.116  11.630  1.00 89.57  ? 66  GLU A OE1 1 
ATOM   449  O OE2 . GLU A 1 66  ? -14.827 17.193  12.657  1.00 89.57  ? 66  GLU A OE2 1 
ATOM   450  N N   . GLY A 1 67  ? -11.095 17.274  7.792   1.00 22.08  ? 67  GLY A N   1 
ATOM   451  C CA  . GLY A 1 67  ? -10.547 17.540  6.482   1.00 22.08  ? 67  GLY A CA  1 
ATOM   452  C C   . GLY A 1 67  ? -9.096  17.172  6.568   1.00 22.08  ? 67  GLY A C   1 
ATOM   453  O O   . GLY A 1 67  ? -8.599  16.894  7.657   1.00 22.08  ? 67  GLY A O   1 
ATOM   454  N N   . CYS A 1 68  ? -8.416  17.082  5.442   1.00 15.16  ? 68  CYS A N   1 
ATOM   455  C CA  . CYS A 1 68  ? -7.001  16.765  5.511   1.00 15.16  ? 68  CYS A CA  1 
ATOM   456  C C   . CYS A 1 68  ? -6.217  17.998  5.980   1.00 15.16  ? 68  CYS A C   1 
ATOM   457  O O   . CYS A 1 68  ? -6.653  19.129  5.789   1.00 15.16  ? 68  CYS A O   1 
ATOM   458  C CB  . CYS A 1 68  ? -6.486  16.339  4.150   1.00 21.70  ? 68  CYS A CB  1 
ATOM   459  S SG  . CYS A 1 68  ? -7.698  15.567  3.071   1.00 21.70  ? 68  CYS A SG  1 
ATOM   460  N N   . ARG A 1 69  ? -5.080  17.750  6.618   1.00 24.19  ? 69  ARG A N   1 
ATOM   461  C CA  . ARG A 1 69  ? -4.170  18.776  7.124   1.00 24.19  ? 69  ARG A CA  1 
ATOM   462  C C   . ARG A 1 69  ? -3.602  19.642  6.017   1.00 24.19  ? 69  ARG A C   1 
ATOM   463  O O   . ARG A 1 69  ? -3.434  19.180  4.903   1.00 24.19  ? 69  ARG A O   1 
ATOM   464  C CB  . ARG A 1 69  ? -2.978  18.098  7.774   1.00 22.56  ? 69  ARG A CB  1 
ATOM   465  C CG  . ARG A 1 69  ? -3.052  18.089  9.219   1.00 22.56  ? 69  ARG A CG  1 
ATOM   466  C CD  . ARG A 1 69  ? -1.740  17.702  9.773   1.00 22.56  ? 69  ARG A CD  1 
ATOM   467  N NE  . ARG A 1 69  ? -1.616  16.259  9.770   1.00 22.56  ? 69  ARG A NE  1 
ATOM   468  C CZ  . ARG A 1 69  ? -2.197  15.462  10.658  1.00 22.56  ? 69  ARG A CZ  1 
ATOM   469  N NH1 . ARG A 1 69  ? -2.937  15.949  11.644  1.00 22.56  ? 69  ARG A NH1 1 
ATOM   470  N NH2 . ARG A 1 69  ? -2.021  14.170  10.564  1.00 22.56  ? 69  ARG A NH2 1 
ATOM   471  N N   . GLY A 1 70  ? -3.306  20.897  6.325   1.00 31.37  ? 70  GLY A N   1 
ATOM   472  C CA  . GLY A 1 70  ? -2.676  21.777  5.349   1.00 31.37  ? 70  GLY A CA  1 
ATOM   473  C C   . GLY A 1 70  ? -3.370  22.169  4.063   1.00 31.37  ? 70  GLY A C   1 
ATOM   474  O O   . GLY A 1 70  ? -2.813  22.924  3.279   1.00 31.37  ? 70  GLY A O   1 
ATOM   475  N N   . ILE A 1 71  ? -4.576  21.685  3.832   1.00 22.34  ? 71  ILE A N   1 
ATOM   476  C CA  . ILE A 1 71  ? -5.292  22.049  2.627   1.00 22.34  ? 71  ILE A CA  1 
ATOM   477  C C   . ILE A 1 71  ? -5.622  23.543  2.664   1.00 22.34  ? 71  ILE A C   1 
ATOM   478  O O   . ILE A 1 71  ? -5.737  24.137  3.734   1.00 22.34  ? 71  ILE A O   1 
ATOM   479  C CB  . ILE A 1 71  ? -6.572  21.197  2.483   1.00 17.72  ? 71  ILE A CB  1 
ATOM   480  C CG1 . ILE A 1 71  ? -6.173  19.764  2.109   1.00 17.72  ? 71  ILE A CG1 1 
ATOM   481  C CG2 . ILE A 1 71  ? -7.531  21.800  1.488   1.00 17.72  ? 71  ILE A CG2 1 
ATOM   482  C CD1 . ILE A 1 71  ? -5.119  19.677  1.028   1.00 17.72  ? 71  ILE A CD1 1 
ATOM   483  N N   . ASP A 1 72  ? -5.707  24.155  1.489   1.00 29.64  ? 72  ASP A N   1 
ATOM   484  C CA  . ASP A 1 72  ? -6.018  25.567  1.341   1.00 29.64  ? 72  ASP A CA  1 
ATOM   485  C C   . ASP A 1 72  ? -7.542  25.769  1.421   1.00 29.64  ? 72  ASP A C   1 
ATOM   486  O O   . ASP A 1 72  ? -8.229  25.753  0.400   1.00 29.64  ? 72  ASP A O   1 
ATOM   487  C CB  . ASP A 1 72  ? -5.469  26.043  -0.012  1.00 42.66  ? 72  ASP A CB  1 
ATOM   488  C CG  . ASP A 1 72  ? -5.723  27.517  -0.288  1.00 42.66  ? 72  ASP A CG  1 
ATOM   489  O OD1 . ASP A 1 72  ? -6.390  28.196  0.513   1.00 42.66  ? 72  ASP A OD1 1 
ATOM   490  O OD2 . ASP A 1 72  ? -5.242  28.002  -1.331  1.00 42.66  ? 72  ASP A OD2 1 
ATOM   491  N N   . LYS A 1 73  ? -8.037  26.046  2.627   1.00 27.66  ? 73  LYS A N   1 
ATOM   492  C CA  . LYS A 1 73  ? -9.460  26.247  2.901   1.00 27.66  ? 73  LYS A CA  1 
ATOM   493  C C   . LYS A 1 73  ? -10.113 27.334  2.039   1.00 27.66  ? 73  LYS A C   1 
ATOM   494  O O   . LYS A 1 73  ? -11.336 27.332  1.857   1.00 27.66  ? 73  LYS A O   1 
ATOM   495  C CB  . LYS A 1 73  ? -9.651  26.601  4.373   1.00 50.97  ? 73  LYS A CB  1 
ATOM   496  C CG  . LYS A 1 73  ? -8.720  25.868  5.331   1.00 50.97  ? 73  LYS A CG  1 
ATOM   497  C CD  . LYS A 1 73  ? -9.175  24.450  5.590   1.00 50.97  ? 73  LYS A CD  1 
ATOM   498  C CE  . LYS A 1 73  ? -10.345 24.417  6.559   1.00 50.97  ? 73  LYS A CE  1 
ATOM   499  N NZ  . LYS A 1 73  ? -9.960  24.960  7.893   1.00 50.97  ? 73  LYS A NZ  1 
ATOM   500  N N   . ARG A 1 74  ? -9.315  28.260  1.509   1.00 44.60  ? 74  ARG A N   1 
ATOM   501  C CA  . ARG A 1 74  ? -9.857  29.337  0.662   1.00 44.60  ? 74  ARG A CA  1 
ATOM   502  C C   . ARG A 1 74  ? -10.541 28.849  -0.665  1.00 44.60  ? 74  ARG A C   1 
ATOM   503  O O   . ARG A 1 74  ? -11.531 29.445  -1.118  1.00 44.60  ? 74  ARG A O   1 
ATOM   504  C CB  . ARG A 1 74  ? -8.748  30.359  0.314   1.00 66.39  ? 74  ARG A CB  1 
ATOM   505  C CG  . ARG A 1 74  ? -7.849  30.820  1.476   1.00 66.39  ? 74  ARG A CG  1 
ATOM   506  C CD  . ARG A 1 74  ? -6.421  31.180  0.987   1.00 66.39  ? 74  ARG A CD  1 
ATOM   507  N NE  . ARG A 1 74  ? -6.393  32.304  0.054   1.00 66.39  ? 74  ARG A NE  1 
ATOM   508  C CZ  . ARG A 1 74  ? -5.378  32.606  -0.759  1.00 66.39  ? 74  ARG A CZ  1 
ATOM   509  N NH1 . ARG A 1 74  ? -4.274  31.867  -0.781  1.00 66.39  ? 74  ARG A NH1 1 
ATOM   510  N NH2 . ARG A 1 74  ? -5.461  33.675  -1.547  1.00 66.39  ? 74  ARG A NH2 1 
ATOM   511  N N   . HIS A 1 75  ? -10.013 27.769  -1.265  1.00 38.84  ? 75  HIS A N   1 
ATOM   512  C CA  . HIS A 1 75  ? -10.494 27.223  -2.539  1.00 38.84  ? 75  HIS A CA  1 
ATOM   513  C C   . HIS A 1 75  ? -11.083 25.810  -2.532  1.00 38.84  ? 75  HIS A C   1 
ATOM   514  O O   . HIS A 1 75  ? -11.804 25.443  -3.484  1.00 38.84  ? 75  HIS A O   1 
ATOM   515  C CB  . HIS A 1 75  ? -9.346  27.209  -3.547  1.00 56.25  ? 75  HIS A CB  1 
ATOM   516  C CG  . HIS A 1 75  ? -8.654  28.528  -3.708  1.00 56.25  ? 75  HIS A CG  1 
ATOM   517  N ND1 . HIS A 1 75  ? -7.280  28.654  -3.694  1.00 56.25  ? 75  HIS A ND1 1 
ATOM   518  C CD2 . HIS A 1 75  ? -9.142  29.776  -3.914  1.00 56.25  ? 75  HIS A CD2 1 
ATOM   519  C CE1 . HIS A 1 75  ? -6.951  29.918  -3.888  1.00 56.25  ? 75  HIS A CE1 1 
ATOM   520  N NE2 . HIS A 1 75  ? -8.062  30.620  -4.024  1.00 56.25  ? 75  HIS A NE2 1 
ATOM   521  N N   . TRP A 1 76  ? -10.775 25.018  -1.492  1.00 27.52  ? 76  TRP A N   1 
ATOM   522  C CA  . TRP A 1 76  ? -11.222 23.614  -1.422  1.00 27.52  ? 76  TRP A CA  1 
ATOM   523  C C   . TRP A 1 76  ? -11.726 23.051  -0.101  1.00 27.52  ? 76  TRP A C   1 
ATOM   524  O O   . TRP A 1 76  ? -11.366 23.506  0.980   1.00 27.52  ? 76  TRP A O   1 
ATOM   525  C CB  . TRP A 1 76  ? -10.052 22.673  -1.748  1.00 27.85  ? 76  TRP A CB  1 
ATOM   526  C CG  . TRP A 1 76  ? -9.173  23.035  -2.876  1.00 27.85  ? 76  TRP A CG  1 
ATOM   527  C CD1 . TRP A 1 76  ? -7.945  23.626  -2.807  1.00 27.85  ? 76  TRP A CD1 1 
ATOM   528  C CD2 . TRP A 1 76  ? -9.417  22.765  -4.250  1.00 27.85  ? 76  TRP A CD2 1 
ATOM   529  N NE1 . TRP A 1 76  ? -7.403  23.739  -4.064  1.00 27.85  ? 76  TRP A NE1 1 
ATOM   530  C CE2 . TRP A 1 76  ? -8.292  23.221  -4.969  1.00 27.85  ? 76  TRP A CE2 1 
ATOM   531  C CE3 . TRP A 1 76  ? -10.482 22.186  -4.953  1.00 27.85  ? 76  TRP A CE3 1 
ATOM   532  C CZ2 . TRP A 1 76  ? -8.202  23.106  -6.362  1.00 27.85  ? 76  TRP A CZ2 1 
ATOM   533  C CZ3 . TRP A 1 76  ? -10.390 22.075  -6.336  1.00 27.85  ? 76  TRP A CZ3 1 
ATOM   534  C CH2 . TRP A 1 76  ? -9.261  22.535  -7.023  1.00 27.85  ? 76  TRP A CH2 1 
ATOM   535  N N   . ASN A 1 77  ? -12.426 21.934  -0.225  1.00 24.81  ? 77  ASN A N   1 
ATOM   536  C CA  . ASN A 1 77  ? -12.860 21.142  0.916   1.00 24.81  ? 77  ASN A CA  1 
ATOM   537  C C   . ASN A 1 77  ? -12.040 19.861  0.726   1.00 24.81  ? 77  ASN A C   1 
ATOM   538  O O   . ASN A 1 77  ? -11.504 19.601  -0.362  1.00 24.81  ? 77  ASN A O   1 
ATOM   539  C CB  . ASN A 1 77  ? -14.352 20.857  0.895   1.00 55.59  ? 77  ASN A CB  1 
ATOM   540  C CG  . ASN A 1 77  ? -15.150 21.993  1.472   1.00 55.59  ? 77  ASN A CG  1 
ATOM   541  O OD1 . ASN A 1 77  ? -14.776 22.548  2.505   1.00 55.59  ? 77  ASN A OD1 1 
ATOM   542  N ND2 . ASN A 1 77  ? -16.254 22.348  0.824   1.00 55.59  ? 77  ASN A ND2 1 
ATOM   543  N N   . SER A 1 78  ? -11.862 19.090  1.780   1.00 28.61  ? 78  SER A N   1 
ATOM   544  C CA  . SER A 1 78  ? -11.072 17.888  1.640   1.00 28.61  ? 78  SER A CA  1 
ATOM   545  C C   . SER A 1 78  ? -11.703 16.804  2.453   1.00 28.61  ? 78  SER A C   1 
ATOM   546  O O   . SER A 1 78  ? -12.592 17.076  3.255   1.00 28.61  ? 78  SER A O   1 
ATOM   547  C CB  . SER A 1 78  ? -9.628  18.136  2.105   1.00 24.72  ? 78  SER A CB  1 
ATOM   548  O OG  . SER A 1 78  ? -9.540  18.539  3.471   1.00 24.72  ? 78  SER A OG  1 
ATOM   549  N N   . GLN A 1 79  ? -11.227 15.578  2.264   1.00 22.05  ? 79  GLN A N   1 
ATOM   550  C CA  . GLN A 1 79  ? -11.757 14.450  3.003   1.00 22.05  ? 79  GLN A CA  1 
ATOM   551  C C   . GLN A 1 79  ? -10.722 13.354  2.984   1.00 22.05  ? 79  GLN A C   1 
ATOM   552  O O   . GLN A 1 79  ? -10.096 13.137  1.971   1.00 22.05  ? 79  GLN A O   1 
ATOM   553  C CB  . GLN A 1 79  ? -13.040 13.980  2.337   1.00 79.57  ? 79  GLN A CB  1 
ATOM   554  C CG  . GLN A 1 79  ? -14.121 13.569  3.309   1.00 79.57  ? 79  GLN A CG  1 
ATOM   555  C CD  . GLN A 1 79  ? -15.367 13.024  2.615   1.00 79.57  ? 79  GLN A CD  1 
ATOM   556  O OE1 . GLN A 1 79  ? -16.276 12.496  3.266   1.00 79.57  ? 79  GLN A OE1 1 
ATOM   557  N NE2 . GLN A 1 79  ? -15.420 13.153  1.292   1.00 79.57  ? 79  GLN A NE2 1 
ATOM   558  N N   . CYS A 1 80  ? -10.455 12.741  4.126   1.00 16.32  ? 80  CYS A N   1 
ATOM   559  C CA  . CYS A 1 80  ? -9.504  11.644  4.174   1.00 16.32  ? 80  CYS A CA  1 
ATOM   560  C C   . CYS A 1 80  ? -10.335 10.360  4.041   1.00 16.32  ? 80  CYS A C   1 
ATOM   561  O O   . CYS A 1 80  ? -11.267 10.145  4.820   1.00 16.32  ? 80  CYS A O   1 
ATOM   562  C CB  . CYS A 1 80  ? -8.752  11.652  5.508   1.00 22.05  ? 80  CYS A CB  1 
ATOM   563  S SG  . CYS A 1 80  ? -7.518  12.982  5.691   1.00 22.05  ? 80  CYS A SG  1 
ATOM   564  N N   . ARG A 1 81  ? -10.032 9.522   3.050   1.00 15.51  ? 81  ARG A N   1 
ATOM   565  C CA  . ARG A 1 81  ? -10.790 8.285   2.820   1.00 15.51  ? 81  ARG A CA  1 
ATOM   566  C C   . ARG A 1 81  ? -9.877  7.065   2.744   1.00 15.51  ? 81  ARG A C   1 
ATOM   567  O O   . ARG A 1 81  ? -8.791  7.144   2.171   1.00 15.51  ? 81  ARG A O   1 
ATOM   568  C CB  . ARG A 1 81  ? -11.558 8.392   1.497   1.00 72.42  ? 81  ARG A CB  1 
ATOM   569  C CG  . ARG A 1 81  ? -12.603 9.477   1.410   1.00 72.42  ? 81  ARG A CG  1 
ATOM   570  C CD  . ARG A 1 81  ? -13.022 9.635   -0.043  1.00 72.42  ? 81  ARG A CD  1 
ATOM   571  N NE  . ARG A 1 81  ? -14.057 10.655  -0.259  1.00 72.42  ? 81  ARG A NE  1 
ATOM   572  C CZ  . ARG A 1 81  ? -14.433 11.112  -1.462  1.00 72.42  ? 81  ARG A CZ  1 
ATOM   573  N NH1 . ARG A 1 81  ? -13.864 10.641  -2.574  1.00 72.42  ? 81  ARG A NH1 1 
ATOM   574  N NH2 . ARG A 1 81  ? -15.360 12.062  -1.565  1.00 72.42  ? 81  ARG A NH2 1 
ATOM   575  N N   . THR A 1 82  ? -10.290 5.936   3.309   1.00 21.85  ? 82  THR A N   1 
ATOM   576  C CA  . THR A 1 82  ? -9.481  4.715   3.217   1.00 21.85  ? 82  THR A CA  1 
ATOM   577  C C   . THR A 1 82  ? -9.520  4.178   1.767   1.00 21.85  ? 82  THR A C   1 
ATOM   578  O O   . THR A 1 82  ? -10.584 4.156   1.157   1.00 21.85  ? 82  THR A O   1 
ATOM   579  C CB  . THR A 1 82  ? -10.071 3.606   4.099   1.00 21.83  ? 82  THR A CB  1 
ATOM   580  O OG1 . THR A 1 82  ? -10.315 4.116   5.413   1.00 21.83  ? 82  THR A OG1 1 
ATOM   581  C CG2 . THR A 1 82  ? -9.139  2.384   4.155   1.00 21.83  ? 82  THR A CG2 1 
ATOM   582  N N   . THR A 1 83  ? -8.391  3.784   1.191   1.00 18.58  ? 83  THR A N   1 
ATOM   583  C CA  . THR A 1 83  ? -8.433  3.222   -0.158  1.00 18.58  ? 83  THR A CA  1 
ATOM   584  C C   . THR A 1 83  ? -7.969  1.771   -0.114  1.00 18.58  ? 83  THR A C   1 
ATOM   585  O O   . THR A 1 83  ? -7.206  1.388   0.773   1.00 18.58  ? 83  THR A O   1 
ATOM   586  C CB  . THR A 1 83  ? -7.592  4.021   -1.209  1.00 18.14  ? 83  THR A CB  1 
ATOM   587  O OG1 . THR A 1 83  ? -6.186  3.916   -0.914  1.00 18.14  ? 83  THR A OG1 1 
ATOM   588  C CG2 . THR A 1 83  ? -8.033  5.457   -1.223  1.00 18.14  ? 83  THR A CG2 1 
ATOM   589  N N   . GLN A 1 84  ? -8.441  0.964   -1.060  1.00 26.28  ? 84  GLN A N   1 
ATOM   590  C CA  . GLN A 1 84  ? -8.067  -0.442  -1.102  1.00 26.28  ? 84  GLN A CA  1 
ATOM   591  C C   . GLN A 1 84  ? -6.983  -0.694  -2.174  1.00 26.28  ? 84  GLN A C   1 
ATOM   592  O O   . GLN A 1 84  ? -6.701  0.177   -3.006  1.00 26.28  ? 84  GLN A O   1 
ATOM   593  C CB  . GLN A 1 84  ? -9.306  -1.289  -1.379  1.00 50.35  ? 84  GLN A CB  1 
ATOM   594  C CG  . GLN A 1 84  ? -10.577 -0.895  -0.622  1.00 50.35  ? 84  GLN A CG  1 
ATOM   595  C CD  . GLN A 1 84  ? -11.597 -2.040  -0.608  1.00 50.35  ? 84  GLN A CD  1 
ATOM   596  O OE1 . GLN A 1 84  ? -11.470 -2.985  0.178   1.00 50.35  ? 84  GLN A OE1 1 
ATOM   597  N NE2 . GLN A 1 84  ? -12.583 -1.984  -1.509  1.00 50.35  ? 84  GLN A NE2 1 
ATOM   598  N N   . SER A 1 85  ? -6.409  -1.895  -2.175  1.00 29.15  ? 85  SER A N   1 
ATOM   599  C CA  . SER A 1 85  ? -5.351  -2.290  -3.119  1.00 29.15  ? 85  SER A CA  1 
ATOM   600  C C   . SER A 1 85  ? -5.397  -3.821  -3.137  1.00 29.15  ? 85  SER A C   1 
ATOM   601  O O   . SER A 1 85  ? -5.881  -4.421  -2.184  1.00 29.15  ? 85  SER A O   1 
ATOM   602  C CB  . SER A 1 85  ? -3.990  -1.814  -2.579  1.00 48.73  ? 85  SER A CB  1 
ATOM   603  O OG  . SER A 1 85  ? -2.899  -2.148  -3.417  1.00 48.73  ? 85  SER A OG  1 
ATOM   604  N N   . TYR A 1 86  ? -4.921  -4.454  -4.206  1.00 22.50  ? 86  TYR A N   1 
ATOM   605  C CA  . TYR A 1 86  ? -4.935  -5.925  -4.292  1.00 22.50  ? 86  TYR A CA  1 
ATOM   606  C C   . TYR A 1 86  ? -3.676  -6.553  -3.764  1.00 22.50  ? 86  TYR A C   1 
ATOM   607  O O   . TYR A 1 86  ? -2.563  -6.117  -4.080  1.00 22.50  ? 86  TYR A O   1 
ATOM   608  C CB  . TYR A 1 86  ? -5.208  -6.427  -5.718  1.00 50.81  ? 86  TYR A CB  1 
ATOM   609  C CG  . TYR A 1 86  ? -6.584  -6.076  -6.221  1.00 50.81  ? 86  TYR A CG  1 
ATOM   610  C CD1 . TYR A 1 86  ? -7.713  -6.773  -5.798  1.00 50.81  ? 86  TYR A CD1 1 
ATOM   611  C CD2 . TYR A 1 86  ? -6.760  -5.015  -7.093  1.00 50.81  ? 86  TYR A CD2 1 
ATOM   612  C CE1 . TYR A 1 86  ? -8.999  -6.402  -6.239  1.00 50.81  ? 86  TYR A CE1 1 
ATOM   613  C CE2 . TYR A 1 86  ? -8.010  -4.640  -7.535  1.00 50.81  ? 86  TYR A CE2 1 
ATOM   614  C CZ  . TYR A 1 86  ? -9.129  -5.319  -7.111  1.00 50.81  ? 86  TYR A CZ  1 
ATOM   615  O OH  . TYR A 1 86  ? -10.354 -4.850  -7.534  1.00 50.81  ? 86  TYR A OH  1 
ATOM   616  N N   . VAL A 1 87  ? -3.874  -7.567  -2.935  1.00 13.43  ? 87  VAL A N   1 
ATOM   617  C CA  . VAL A 1 87  ? -2.794  -8.321  -2.299  1.00 13.43  ? 87  VAL A CA  1 
ATOM   618  C C   . VAL A 1 87  ? -3.159  -9.777  -2.549  1.00 13.43  ? 87  VAL A C   1 
ATOM   619  O O   . VAL A 1 87  ? -4.331  -10.152 -2.507  1.00 13.43  ? 87  VAL A O   1 
ATOM   620  C CB  . VAL A 1 87  ? -2.709  -8.047  -0.764  1.00 19.48  ? 87  VAL A CB  1 
ATOM   621  C CG1 . VAL A 1 87  ? -3.946  -8.570  -0.062  1.00 19.48  ? 87  VAL A CG1 1 
ATOM   622  C CG2 . VAL A 1 87  ? -1.515  -8.709  -0.162  1.00 19.48  ? 87  VAL A CG2 1 
ATOM   623  N N   . ARG A 1 88  ? -2.154  -10.568 -2.880  1.00 18.64  ? 88  ARG A N   1 
ATOM   624  C CA  . ARG A 1 88  ? -2.361  -11.955 -3.198  1.00 18.64  ? 88  ARG A CA  1 
ATOM   625  C C   . ARG A 1 88  ? -2.440  -12.786 -1.950  1.00 18.64  ? 88  ARG A C   1 
ATOM   626  O O   . ARG A 1 88  ? -1.682  -12.548 -1.000  1.00 18.64  ? 88  ARG A O   1 
ATOM   627  C CB  . ARG A 1 88  ? -1.259  -12.425 -4.132  1.00 32.97  ? 88  ARG A CB  1 
ATOM   628  C CG  . ARG A 1 88  ? -1.164  -13.884 -4.289  1.00 32.97  ? 88  ARG A CG  1 
ATOM   629  C CD  . ARG A 1 88  ? -0.261  -14.163 -5.429  1.00 32.97  ? 88  ARG A CD  1 
ATOM   630  N NE  . ARG A 1 88  ? -1.012  -14.251 -6.674  1.00 32.97  ? 88  ARG A NE  1 
ATOM   631  C CZ  . ARG A 1 88  ? -0.484  -14.643 -7.829  1.00 32.97  ? 88  ARG A CZ  1 
ATOM   632  N NH1 . ARG A 1 88  ? 0.810   -14.934 -7.912  1.00 32.97  ? 88  ARG A NH1 1 
ATOM   633  N NH2 . ARG A 1 88  ? -1.249  -14.710 -8.911  1.00 32.97  ? 88  ARG A NH2 1 
ATOM   634  N N   . ALA A 1 89  ? -3.372  -13.745 -1.951  1.00 31.19  ? 89  ALA A N   1 
ATOM   635  C CA  . ALA A 1 89  ? -3.610  -14.615 -0.798  1.00 31.19  ? 89  ALA A CA  1 
ATOM   636  C C   . ALA A 1 89  ? -4.087  -15.980 -1.233  1.00 31.19  ? 89  ALA A C   1 
ATOM   637  O O   . ALA A 1 89  ? -4.658  -16.090 -2.312  1.00 31.19  ? 89  ALA A O   1 
ATOM   638  C CB  . ALA A 1 89  ? -4.668  -13.987 0.079   1.00 8.82   ? 89  ALA A CB  1 
ATOM   639  N N   . LEU A 1 90  ? -3.836  -17.011 -0.412  1.00 16.60  ? 90  LEU A N   1 
ATOM   640  C CA  . LEU A 1 90  ? -4.299  -18.383 -0.694  1.00 16.60  ? 90  LEU A CA  1 
ATOM   641  C C   . LEU A 1 90  ? -5.775  -18.407 -0.289  1.00 16.60  ? 90  LEU A C   1 
ATOM   642  O O   . LEU A 1 90  ? -6.115  -18.344 0.889   1.00 16.60  ? 90  LEU A O   1 
ATOM   643  C CB  . LEU A 1 90  ? -3.514  -19.413 0.101   1.00 13.99  ? 90  LEU A CB  1 
ATOM   644  C CG  . LEU A 1 90  ? -3.746  -20.858 -0.378  1.00 13.99  ? 90  LEU A CG  1 
ATOM   645  C CD1 . LEU A 1 90  ? -3.413  -20.967 -1.883  1.00 13.99  ? 90  LEU A CD1 1 
ATOM   646  C CD2 . LEU A 1 90  ? -2.899  -21.856 0.435   1.00 13.99  ? 90  LEU A CD2 1 
ATOM   647  N N   . THR A 1 91  ? -6.643  -18.442 -1.286  1.00 25.88  ? 91  THR A N   1 
ATOM   648  C CA  . THR A 1 91  ? -8.079  -18.389 -1.097  1.00 25.88  ? 91  THR A CA  1 
ATOM   649  C C   . THR A 1 91  ? -8.792  -19.652 -1.586  1.00 25.88  ? 91  THR A C   1 
ATOM   650  O O   . THR A 1 91  ? -8.165  -20.554 -2.144  1.00 25.88  ? 91  THR A O   1 
ATOM   651  C CB  . THR A 1 91  ? -8.607  -17.238 -1.936  1.00 15.71  ? 91  THR A CB  1 
ATOM   652  O OG1 . THR A 1 91  ? -8.025  -17.341 -3.241  1.00 15.71  ? 91  THR A OG1 1 
ATOM   653  C CG2 . THR A 1 91  ? -8.220  -15.891 -1.345  1.00 15.71  ? 91  THR A CG2 1 
ATOM   654  N N   . MET A 1 92  ? -10.107 -19.705 -1.396  1.00 21.00  ? 92  MET A N   1 
ATOM   655  C CA  . MET A 1 92  ? -10.910 -20.830 -1.870  1.00 21.00  ? 92  MET A CA  1 
ATOM   656  C C   . MET A 1 92  ? -12.242 -20.254 -2.309  1.00 21.00  ? 92  MET A C   1 
ATOM   657  O O   . MET A 1 92  ? -12.937 -19.671 -1.472  1.00 21.00  ? 92  MET A O   1 
ATOM   658  C CB  . MET A 1 92  ? -11.147 -21.854 -0.765  1.00 31.67  ? 92  MET A CB  1 
ATOM   659  C CG  . MET A 1 92  ? -12.127 -22.968 -1.199  1.00 31.67  ? 92  MET A CG  1 
ATOM   660  S SD  . MET A 1 92  ? -12.704 -24.149 0.063   1.00 31.67  ? 92  MET A SD  1 
ATOM   661  C CE  . MET A 1 92  ? -12.139 -23.458 1.702   1.00 31.67  ? 92  MET A CE  1 
ATOM   662  N N   . ASP A 1 93  ? -12.586 -20.375 -3.597  1.00 23.92  ? 93  ASP A N   1 
ATOM   663  C CA  . ASP A 1 93  ? -13.848 -19.809 -4.118  1.00 23.92  ? 93  ASP A CA  1 
ATOM   664  C C   . ASP A 1 93  ? -15.126 -20.584 -3.800  1.00 23.92  ? 93  ASP A C   1 
ATOM   665  O O   . ASP A 1 93  ? -15.081 -21.608 -3.103  1.00 23.92  ? 93  ASP A O   1 
ATOM   666  C CB  . ASP A 1 93  ? -13.772 -19.448 -5.619  1.00 47.57  ? 93  ASP A CB  1 
ATOM   667  C CG  . ASP A 1 93  ? -13.675 -20.659 -6.544  1.00 47.57  ? 93  ASP A CG  1 
ATOM   668  O OD1 . ASP A 1 93  ? -13.806 -21.831 -6.109  1.00 47.57  ? 93  ASP A OD1 1 
ATOM   669  O OD2 . ASP A 1 93  ? -13.463 -20.415 -7.754  1.00 47.57  ? 93  ASP A OD2 1 
ATOM   670  N N   . SER A 1 94  ? -16.254 -20.099 -4.310  1.00 44.75  ? 94  SER A N   1 
ATOM   671  C CA  . SER A 1 94  ? -17.547 -20.728 -4.056  1.00 44.75  ? 94  SER A CA  1 
ATOM   672  C C   . SER A 1 94  ? -17.667 -22.193 -4.518  1.00 44.75  ? 94  SER A C   1 
ATOM   673  O O   . SER A 1 94  ? -18.496 -22.945 -3.980  1.00 44.75  ? 94  SER A O   1 
ATOM   674  C CB  . SER A 1 94  ? -18.689 -19.860 -4.619  1.00 51.12  ? 94  SER A CB  1 
ATOM   675  O OG  . SER A 1 94  ? -18.429 -19.440 -5.958  1.00 51.12  ? 94  SER A OG  1 
ATOM   676  N N   . LYS A 1 95  ? -16.834 -22.597 -5.489  1.00 57.58  ? 95  LYS A N   1 
ATOM   677  C CA  . LYS A 1 95  ? -16.828 -23.975 -6.000  1.00 57.58  ? 95  LYS A CA  1 
ATOM   678  C C   . LYS A 1 95  ? -15.733 -24.848 -5.366  1.00 57.58  ? 95  LYS A C   1 
ATOM   679  O O   . LYS A 1 95  ? -15.314 -25.853 -5.945  1.00 57.58  ? 95  LYS A O   1 
ATOM   680  C CB  . LYS A 1 95  ? -16.713 -24.004 -7.531  1.00 63.21  ? 95  LYS A CB  1 
ATOM   681  C CG  . LYS A 1 95  ? -18.038 -24.146 -8.281  1.00 63.21  ? 95  LYS A CG  1 
ATOM   682  C CD  . LYS A 1 95  ? -18.779 -22.823 -8.482  1.00 63.21  ? 95  LYS A CD  1 
ATOM   683  C CE  . LYS A 1 95  ? -18.134 -21.932 -9.562  1.00 63.21  ? 95  LYS A CE  1 
ATOM   684  N NZ  . LYS A 1 95  ? -17.142 -20.930 -9.020  1.00 63.21  ? 95  LYS A NZ  1 
ATOM   685  N N   . LYS A 1 96  ? -15.245 -24.417 -4.204  1.00 43.60  ? 96  LYS A N   1 
ATOM   686  C CA  . LYS A 1 96  ? -14.234 -25.128 -3.413  1.00 43.60  ? 96  LYS A CA  1 
ATOM   687  C C   . LYS A 1 96  ? -12.813 -25.192 -3.969  1.00 43.60  ? 96  LYS A C   1 
ATOM   688  O O   . LYS A 1 96  ? -11.966 -25.902 -3.416  1.00 43.60  ? 96  LYS A O   1 
ATOM   689  C CB  . LYS A 1 96  ? -14.717 -26.547 -3.077  1.00 72.38  ? 96  LYS A CB  1 
ATOM   690  C CG  . LYS A 1 96  ? -16.084 -26.622 -2.399  1.00 72.38  ? 96  LYS A CG  1 
ATOM   691  C CD  . LYS A 1 96  ? -16.056 -26.027 -0.997  1.00 72.38  ? 96  LYS A CD  1 
ATOM   692  C CE  . LYS A 1 96  ? -17.453 -25.935 -0.379  1.00 72.38  ? 96  LYS A CE  1 
ATOM   693  N NZ  . LYS A 1 96  ? -17.418 -25.387 1.019   1.00 72.38  ? 96  LYS A NZ  1 
ATOM   694  N N   . ARG A 1 97  ? -12.541 -24.442 -5.037  1.00 31.98  ? 97  ARG A N   1 
ATOM   695  C CA  . ARG A 1 97  ? -11.217 -24.446 -5.644  1.00 31.98  ? 97  ARG A CA  1 
ATOM   696  C C   . ARG A 1 97  ? -10.179 -23.600 -4.922  1.00 31.98  ? 97  ARG A C   1 
ATOM   697  O O   . ARG A 1 97  ? -10.300 -22.369 -4.868  1.00 31.98  ? 97  ARG A O   1 
ATOM   698  C CB  . ARG A 1 97  ? -11.306 -24.016 -7.095  1.00 74.08  ? 97  ARG A CB  1 
ATOM   699  C CG  . ARG A 1 97  ? -11.653 -25.142 -8.018  1.00 74.08  ? 97  ARG A CG  1 
ATOM   700  C CD  . ARG A 1 97  ? -11.648 -24.672 -9.444  1.00 74.08  ? 97  ARG A CD  1 
ATOM   701  N NE  . ARG A 1 97  ? -12.580 -23.562 -9.603  1.00 74.08  ? 97  ARG A NE  1 
ATOM   702  C CZ  . ARG A 1 97  ? -13.810 -23.675 -10.093 1.00 74.08  ? 97  ARG A CZ  1 
ATOM   703  N NH1 . ARG A 1 97  ? -14.264 -24.852 -10.518 1.00 74.08  ? 97  ARG A NH1 1 
ATOM   704  N NH2 . ARG A 1 97  ? -14.575 -22.595 -10.185 1.00 74.08  ? 97  ARG A NH2 1 
ATOM   705  N N   . ILE A 1 98  ? -9.168  -24.258 -4.364  1.00 32.96  ? 98  ILE A N   1 
ATOM   706  C CA  . ILE A 1 98  ? -8.074  -23.586 -3.650  1.00 32.96  ? 98  ILE A CA  1 
ATOM   707  C C   . ILE A 1 98  ? -7.060  -22.930 -4.606  1.00 32.96  ? 98  ILE A C   1 
ATOM   708  O O   . ILE A 1 98  ? -6.454  -23.606 -5.446  1.00 32.96  ? 98  ILE A O   1 
ATOM   709  C CB  . ILE A 1 98  ? -7.246  -24.599 -2.811  1.00 18.90  ? 98  ILE A CB  1 
ATOM   710  C CG1 . ILE A 1 98  ? -8.136  -25.397 -1.861  1.00 18.90  ? 98  ILE A CG1 1 
ATOM   711  C CG2 . ILE A 1 98  ? -6.054  -23.895 -2.146  1.00 18.90  ? 98  ILE A CG2 1 
ATOM   712  C CD1 . ILE A 1 98  ? -9.169  -24.574 -1.198  1.00 18.90  ? 98  ILE A CD1 1 
ATOM   713  N N   . GLY A 1 99  ? -6.809  -21.642 -4.455  1.00 37.23  ? 99  GLY A N   1 
ATOM   714  C CA  . GLY A 1 99  ? -5.835  -21.035 -5.337  1.00 37.23  ? 99  GLY A CA  1 
ATOM   715  C C   . GLY A 1 99  ? -5.353  -19.673 -4.884  1.00 37.23  ? 99  GLY A C   1 
ATOM   716  O O   . GLY A 1 99  ? -5.943  -19.067 -3.983  1.00 37.23  ? 99  GLY A O   1 
ATOM   717  N N   . TRP A 1 100 ? -4.235  -19.223 -5.448  1.00 26.61  ? 100 TRP A N   1 
ATOM   718  C CA  . TRP A 1 100 ? -3.721  -17.909 -5.124  1.00 26.61  ? 100 TRP A CA  1 
ATOM   719  C C   . TRP A 1 100 ? -4.529  -16.915 -5.941  1.00 26.61  ? 100 TRP A C   1 
ATOM   720  O O   . TRP A 1 100 ? -4.609  -17.059 -7.158  1.00 26.61  ? 100 TRP A O   1 
ATOM   721  C CB  . TRP A 1 100 ? -2.246  -17.796 -5.477  1.00 22.59  ? 100 TRP A CB  1 
ATOM   722  C CG  . TRP A 1 100 ? -1.382  -18.477 -4.493  1.00 22.59  ? 100 TRP A CG  1 
ATOM   723  C CD1 . TRP A 1 100 ? -0.910  -19.749 -4.572  1.00 22.59  ? 100 TRP A CD1 1 
ATOM   724  C CD2 . TRP A 1 100 ? -0.893  -17.942 -3.255  1.00 22.59  ? 100 TRP A CD2 1 
ATOM   725  N NE1 . TRP A 1 100 ? -0.157  -20.046 -3.462  1.00 22.59  ? 100 TRP A NE1 1 
ATOM   726  C CE2 . TRP A 1 100 ? -0.133  -18.956 -2.631  1.00 22.59  ? 100 TRP A CE2 1 
ATOM   727  C CE3 . TRP A 1 100 ? -1.031  -16.711 -2.603  1.00 22.59  ? 100 TRP A CE3 1 
ATOM   728  C CZ2 . TRP A 1 100 ? 0.494   -18.776 -1.386  1.00 22.59  ? 100 TRP A CZ2 1 
ATOM   729  C CZ3 . TRP A 1 100 ? -0.406  -16.534 -1.363  1.00 22.59  ? 100 TRP A CZ3 1 
ATOM   730  C CH2 . TRP A 1 100 ? 0.339   -17.566 -0.773  1.00 22.59  ? 100 TRP A CH2 1 
ATOM   731  N N   . ARG A 1 101 ? -5.186  -15.957 -5.277  1.00 18.47  ? 101 ARG A N   1 
ATOM   732  C CA  . ARG A 1 101 ? -5.976  -14.947 -5.975  1.00 18.47  ? 101 ARG A CA  1 
ATOM   733  C C   . ARG A 1 101 ? -5.599  -13.600 -5.380  1.00 18.47  ? 101 ARG A C   1 
ATOM   734  O O   . ARG A 1 101 ? -4.884  -13.548 -4.370  1.00 18.47  ? 101 ARG A O   1 
ATOM   735  C CB  . ARG A 1 101 ? -7.465  -15.210 -5.800  1.00 22.59  ? 101 ARG A CB  1 
ATOM   736  C CG  . ARG A 1 101 ? -7.922  -16.529 -6.381  1.00 22.59  ? 101 ARG A CG  1 
ATOM   737  C CD  . ARG A 1 101 ? -9.410  -16.782 -6.135  1.00 22.59  ? 101 ARG A CD  1 
ATOM   738  N NE  . ARG A 1 101 ? -9.848  -18.046 -6.710  1.00 22.59  ? 101 ARG A NE  1 
ATOM   739  C CZ  . ARG A 1 101 ? -9.650  -19.255 -6.168  1.00 22.59  ? 101 ARG A CZ  1 
ATOM   740  N NH1 . ARG A 1 101 ? -9.051  -19.434 -4.986  1.00 22.59  ? 101 ARG A NH1 1 
ATOM   741  N NH2 . ARG A 1 101 ? -10.092 -20.318 -6.807  1.00 22.59  ? 101 ARG A NH2 1 
ATOM   742  N N   . PHE A 1 102 ? -5.985  -12.519 -6.056  1.00 10.91  ? 102 PHE A N   1 
ATOM   743  C CA  . PHE A 1 102 ? -5.714  -11.180 -5.579  1.00 10.91  ? 102 PHE A CA  1 
ATOM   744  C C   . PHE A 1 102 ? -6.993  -10.689 -4.971  1.00 10.91  ? 102 PHE A C   1 
ATOM   745  O O   . PHE A 1 102 ? -8.019  -10.556 -5.649  1.00 10.91  ? 102 PHE A O   1 
ATOM   746  C CB  . PHE A 1 102 ? -5.309  -10.266 -6.727  1.00 13.51  ? 102 PHE A CB  1 
ATOM   747  C CG  . PHE A 1 102 ? -3.858  -10.397 -7.122  1.00 13.51  ? 102 PHE A CG  1 
ATOM   748  C CD1 . PHE A 1 102 ? -2.861  -9.763  -6.378  1.00 13.51  ? 102 PHE A CD1 1 
ATOM   749  C CD2 . PHE A 1 102 ? -3.479  -11.195 -8.197  1.00 13.51  ? 102 PHE A CD2 1 
ATOM   750  C CE1 . PHE A 1 102 ? -1.521  -9.926  -6.690  1.00 13.51  ? 102 PHE A CE1 1 
ATOM   751  C CE2 . PHE A 1 102 ? -2.135  -11.368 -8.519  1.00 13.51  ? 102 PHE A CE2 1 
ATOM   752  C CZ  . PHE A 1 102 ? -1.148  -10.736 -7.766  1.00 13.51  ? 102 PHE A CZ  1 
ATOM   753  N N   . ILE A 1 103 ? -6.952  -10.463 -3.678  1.00 12.49  ? 103 ILE A N   1 
ATOM   754  C CA  . ILE A 1 103 ? -8.125  -9.985  -2.953  1.00 12.49  ? 103 ILE A CA  1 
ATOM   755  C C   . ILE A 1 103 ? -7.875  -8.522  -2.557  1.00 12.49  ? 103 ILE A C   1 
ATOM   756  O O   . ILE A 1 103 ? -6.717  -8.108  -2.438  1.00 12.49  ? 103 ILE A O   1 
ATOM   757  C CB  . ILE A 1 103 ? -8.354  -10.848 -1.692  1.00 11.80  ? 103 ILE A CB  1 
ATOM   758  C CG1 . ILE A 1 103 ? -7.065  -10.901 -0.874  1.00 11.80  ? 103 ILE A CG1 1 
ATOM   759  C CG2 . ILE A 1 103 ? -8.719  -12.259 -2.101  1.00 11.80  ? 103 ILE A CG2 1 
ATOM   760  C CD1 . ILE A 1 103 ? -7.206  -11.477 0.510   1.00 11.80  ? 103 ILE A CD1 1 
ATOM   761  N N   . ARG A 1 104 ? -8.925  -7.725  -2.396  1.00 30.04  ? 104 ARG A N   1 
ATOM   762  C CA  . ARG A 1 104 ? -8.681  -6.348  -2.015  1.00 30.04  ? 104 ARG A CA  1 
ATOM   763  C C   . ARG A 1 104 ? -8.739  -6.182  -0.508  1.00 30.04  ? 104 ARG A C   1 
ATOM   764  O O   . ARG A 1 104 ? -9.543  -6.840  0.153   1.00 30.04  ? 104 ARG A O   1 
ATOM   765  C CB  . ARG A 1 104 ? -9.600  -5.370  -2.748  1.00 67.57  ? 104 ARG A CB  1 
ATOM   766  C CG  . ARG A 1 104 ? -11.034 -5.404  -2.368  1.00 67.57  ? 104 ARG A CG  1 
ATOM   767  C CD  . ARG A 1 104 ? -11.765 -4.373  -3.186  1.00 67.57  ? 104 ARG A CD  1 
ATOM   768  N NE  . ARG A 1 104 ? -12.069 -4.866  -4.525  1.00 67.57  ? 104 ARG A NE  1 
ATOM   769  C CZ  . ARG A 1 104 ? -13.287 -4.809  -5.067  1.00 67.57  ? 104 ARG A CZ  1 
ATOM   770  N NH1 . ARG A 1 104 ? -14.281 -4.246  -4.378  1.00 67.57  ? 104 ARG A NH1 1 
ATOM   771  N NH2 . ARG A 1 104 ? -13.514 -5.290  -6.294  1.00 67.57  ? 104 ARG A NH2 1 
ATOM   772  N N   . ILE A 1 105 ? -7.769  -5.436  0.030   1.00 23.53  ? 105 ILE A N   1 
ATOM   773  C CA  . ILE A 1 105 ? -7.658  -5.143  1.458   1.00 23.53  ? 105 ILE A CA  1 
ATOM   774  C C   . ILE A 1 105 ? -7.332  -3.664  1.631   1.00 23.53  ? 105 ILE A C   1 
ATOM   775  O O   . ILE A 1 105 ? -6.850  -3.026  0.695   1.00 23.53  ? 105 ILE A O   1 
ATOM   776  C CB  . ILE A 1 105 ? -6.565  -5.991  2.147   1.00 36.05  ? 105 ILE A CB  1 
ATOM   777  C CG1 . ILE A 1 105 ? -5.176  -5.449  1.836   1.00 36.05  ? 105 ILE A CG1 1 
ATOM   778  C CG2 . ILE A 1 105 ? -6.621  -7.403  1.646   1.00 36.05  ? 105 ILE A CG2 1 
ATOM   779  C CD1 . ILE A 1 105 ? -4.110  -5.986  2.766   1.00 36.05  ? 105 ILE A CD1 1 
ATOM   780  N N   . ASP A 1 106 ? -7.620  -3.113  2.808   1.00 17.30  ? 106 ASP A N   1 
ATOM   781  C CA  . ASP A 1 106 ? -7.333  -1.685  3.098   1.00 17.30  ? 106 ASP A CA  1 
ATOM   782  C C   . ASP A 1 106 ? -5.799  -1.387  3.150   1.00 17.30  ? 106 ASP A C   1 
ATOM   783  O O   . ASP A 1 106 ? -5.087  -1.942  3.995   1.00 17.30  ? 106 ASP A O   1 
ATOM   784  C CB  . ASP A 1 106 ? -7.999  -1.275  4.420   1.00 21.97  ? 106 ASP A CB  1 
ATOM   785  C CG  . ASP A 1 106 ? -9.529  -1.198  4.325   1.00 21.97  ? 106 ASP A CG  1 
ATOM   786  O OD1 . ASP A 1 106 ? -10.083 -1.020  3.217   1.00 21.97  ? 106 ASP A OD1 1 
ATOM   787  O OD2 . ASP A 1 106 ? -10.189 -1.296  5.379   1.00 21.97  ? 106 ASP A OD2 1 
ATOM   788  N N   . THR A 1 107 ? -5.302  -0.492  2.281   1.00 20.53  ? 107 THR A N   1 
ATOM   789  C CA  . THR A 1 107 ? -3.863  -0.210  2.249   1.00 20.53  ? 107 THR A CA  1 
ATOM   790  C C   . THR A 1 107 ? -3.359  1.235   2.444   1.00 20.53  ? 107 THR A C   1 
ATOM   791  O O   . THR A 1 107 ? -2.148  1.477   2.552   1.00 20.53  ? 107 THR A O   1 
ATOM   792  C CB  . THR A 1 107 ? -3.250  -0.747  0.975   1.00 17.94  ? 107 THR A CB  1 
ATOM   793  O OG1 . THR A 1 107 ? -3.759  0.004   -0.141  1.00 17.94  ? 107 THR A OG1 1 
ATOM   794  C CG2 . THR A 1 107 ? -3.576  -2.226  0.825   1.00 17.94  ? 107 THR A CG2 1 
ATOM   795  N N   . SER A 1 108 ? -4.269  2.194   2.460   1.00 19.76  ? 108 SER A N   1 
ATOM   796  C CA  . SER A 1 108 ? -3.889  3.584   2.648   1.00 19.76  ? 108 SER A CA  1 
ATOM   797  C C   . SER A 1 108 ? -5.088  4.448   3.022   1.00 19.76  ? 108 SER A C   1 
ATOM   798  O O   . SER A 1 108 ? -6.237  3.998   3.006   1.00 19.76  ? 108 SER A O   1 
ATOM   799  C CB  . SER A 1 108 ? -3.183  4.133   1.398   1.00 62.59  ? 108 SER A CB  1 
ATOM   800  O OG  . SER A 1 108 ? -4.000  4.052   0.242   1.00 62.59  ? 108 SER A OG  1 
ATOM   801  N N   . CYS A 1 109 ? -4.800  5.651   3.480   1.00 15.04  ? 109 CYS A N   1 
ATOM   802  C CA  . CYS A 1 109 ? -5.821  6.608   3.839   1.00 15.04  ? 109 CYS A CA  1 
ATOM   803  C C   . CYS A 1 109 ? -5.357  7.873   3.113   1.00 15.04  ? 109 CYS A C   1 
ATOM   804  O O   . CYS A 1 109 ? -4.350  8.482   3.486   1.00 15.04  ? 109 CYS A O   1 
ATOM   805  C CB  . CYS A 1 109 ? -5.817  6.786   5.328   1.00 10.89  ? 109 CYS A CB  1 
ATOM   806  S SG  . CYS A 1 109 ? -6.745  8.239   5.824   1.00 10.89  ? 109 CYS A SG  1 
ATOM   807  N N   . VAL A 1 110 ? -6.048  8.226   2.033   1.00 16.37  ? 110 VAL A N   1 
ATOM   808  C CA  . VAL A 1 110 ? -5.639  9.361   1.213   1.00 16.37  ? 110 VAL A CA  1 
ATOM   809  C C   . VAL A 1 110 ? -6.614  10.512  1.150   1.00 16.37  ? 110 VAL A C   1 
ATOM   810  O O   . VAL A 1 110 ? -7.799  10.330  1.333   1.00 16.37  ? 110 VAL A O   1 
ATOM   811  C CB  . VAL A 1 110 ? -5.294  8.896   -0.220  1.00 6.35   ? 110 VAL A CB  1 
ATOM   812  C CG1 . VAL A 1 110 ? -4.252  7.792   -0.167  1.00 6.35   ? 110 VAL A CG1 1 
ATOM   813  C CG2 . VAL A 1 110 ? -6.501  8.396   -0.900  1.00 6.35   ? 110 VAL A CG2 1 
ATOM   814  N N   . CYS A 1 111 ? -6.097  11.687  0.805   1.00 16.06  ? 111 CYS A N   1 
ATOM   815  C CA  . CYS A 1 111 ? -6.862  12.917  0.757   1.00 16.06  ? 111 CYS A CA  1 
ATOM   816  C C   . CYS A 1 111 ? -7.472  13.152  -0.574  1.00 16.06  ? 111 CYS A C   1 
ATOM   817  O O   . CYS A 1 111 ? -6.879  12.840  -1.599  1.00 16.06  ? 111 CYS A O   1 
ATOM   818  C CB  . CYS A 1 111 ? -5.960  14.099  1.105   1.00 17.40  ? 111 CYS A CB  1 
ATOM   819  S SG  . CYS A 1 111 ? -6.798  15.709  1.271   1.00 17.40  ? 111 CYS A SG  1 
ATOM   820  N N   . THR A 1 112 ? -8.641  13.770  -0.561  1.00 24.32  ? 112 THR A N   1 
ATOM   821  C CA  . THR A 1 112 ? -9.346  14.062  -1.767  1.00 24.32  ? 112 THR A CA  1 
ATOM   822  C C   . THR A 1 112 ? -9.988  15.407  -1.653  1.00 24.32  ? 112 THR A C   1 
ATOM   823  O O   . THR A 1 112 ? -10.658 15.708  -0.654  1.00 24.32  ? 112 THR A O   1 
ATOM   824  C CB  . THR A 1 112 ? -10.361 12.973  -2.073  1.00 27.21  ? 112 THR A CB  1 
ATOM   825  O OG1 . THR A 1 112 ? -9.827  12.192  -3.137  1.00 27.21  ? 112 THR A OG1 1 
ATOM   826  C CG2 . THR A 1 112 ? -11.696 13.537  -2.498  1.00 27.21  ? 112 THR A CG2 1 
ATOM   827  N N   . LEU A 1 113 ? -9.748  16.217  -2.682  1.00 24.45  ? 113 LEU A N   1 
ATOM   828  C CA  . LEU A 1 113 ? -10.253 17.580  -2.766  1.00 24.45  ? 113 LEU A CA  1 
ATOM   829  C C   . LEU A 1 113 ? -11.645 17.645  -3.348  1.00 24.45  ? 113 LEU A C   1 
ATOM   830  O O   . LEU A 1 113 ? -12.014 16.804  -4.166  1.00 24.45  ? 113 LEU A O   1 
ATOM   831  C CB  . LEU A 1 113 ? -9.311  18.401  -3.636  1.00 15.44  ? 113 LEU A CB  1 
ATOM   832  C CG  . LEU A 1 113 ? -8.152  19.158  -2.980  1.00 15.44  ? 113 LEU A CG  1 
ATOM   833  C CD1 . LEU A 1 113 ? -7.784  18.638  -1.600  1.00 15.44  ? 113 LEU A CD1 1 
ATOM   834  C CD2 . LEU A 1 113 ? -6.981  19.133  -3.946  1.00 15.44  ? 113 LEU A CD2 1 
ATOM   835  N N   . THR A 1 114 ? -12.423 18.627  -2.925  1.00 50.88  ? 114 THR A N   1 
ATOM   836  C CA  . THR A 1 114 ? -13.771 18.792  -3.453  1.00 50.88  ? 114 THR A CA  1 
ATOM   837  C C   . THR A 1 114 ? -14.046 20.301  -3.437  1.00 50.88  ? 114 THR A C   1 
ATOM   838  O O   . THR A 1 114 ? -13.440 21.018  -2.645  1.00 50.88  ? 114 THR A O   1 
ATOM   839  C CB  . THR A 1 114 ? -14.829 17.917  -2.665  1.00 67.73  ? 114 THR A CB  1 
ATOM   840  O OG1 . THR A 1 114 ? -16.005 17.764  -3.461  1.00 67.73  ? 114 THR A OG1 1 
ATOM   841  C CG2 . THR A 1 114 ? -15.225 18.522  -1.318  1.00 67.73  ? 114 THR A CG2 1 
ATOM   842  N N   . ILE A 1 115 ? -14.842 20.810  -4.373  1.00 45.22  ? 115 ILE A N   1 
ATOM   843  C CA  . ILE A 1 115 ? -15.117 22.247  -4.404  1.00 45.22  ? 115 ILE A CA  1 
ATOM   844  C C   . ILE A 1 115 ? -16.037 22.725  -3.251  1.00 45.22  ? 115 ILE A C   1 
ATOM   845  O O   . ILE A 1 115 ? -16.641 21.903  -2.534  1.00 45.22  ? 115 ILE A O   1 
ATOM   846  C CB  . ILE A 1 115 ? -15.708 22.662  -5.775  1.00 41.39  ? 115 ILE A CB  1 
ATOM   847  C CG1 . ILE A 1 115 ? -17.050 21.977  -6.000  1.00 41.39  ? 115 ILE A CG1 1 
ATOM   848  C CG2 . ILE A 1 115 ? -14.773 22.273  -6.895  1.00 41.39  ? 115 ILE A CG2 1 
ATOM   849  C CD1 . ILE A 1 115 ? -17.747 22.388  -7.284  1.00 41.39  ? 115 ILE A CD1 1 
ATOM   850  N N   . LYS A 1 116 ? -16.176 24.047  -3.143  1.00 92.25  ? 116 LYS A N   1 
ATOM   851  C CA  . LYS A 1 116 ? -16.987 24.754  -2.137  1.00 92.25  ? 116 LYS A CA  1 
ATOM   852  C C   . LYS A 1 116 ? -16.078 25.252  -1.009  1.00 92.25  ? 116 LYS A C   1 
ATOM   853  O O   . LYS A 1 116 ? -14.905 25.574  -1.307  1.00 80.81  ? 116 LYS A O   1 
ATOM   854  C CB  . LYS A 1 116 ? -18.151 23.909  -1.558  1.00 80.81  ? 116 LYS A CB  1 
ATOM   855  C CG  . LYS A 1 116 ? -19.408 23.785  -2.429  1.00 80.81  ? 116 LYS A CG  1 
ATOM   856  C CD  . LYS A 1 116 ? -20.624 23.340  -1.591  1.00 80.81  ? 116 LYS A CD  1 
ATOM   857  C CE  . LYS A 1 116 ? -21.629 24.483  -1.384  1.00 80.81  ? 116 LYS A CE  1 
ATOM   858  N NZ  . LYS A 1 116 ? -20.996 25.740  -0.877  1.00 80.81  ? 116 LYS A NZ  1 
ATOM   859  N N   . GLY B 2 12  ? -17.583 14.762  -8.319  1.00 83.52  ? 12  GLY B N   1 
ATOM   860  C CA  . GLY B 2 12  ? -16.646 15.861  -8.722  1.00 83.52  ? 12  GLY B CA  1 
ATOM   861  C C   . GLY B 2 12  ? -15.513 16.121  -7.732  1.00 83.52  ? 12  GLY B C   1 
ATOM   862  O O   . GLY B 2 12  ? -15.349 17.253  -7.260  1.00 83.52  ? 12  GLY B O   1 
ATOM   863  N N   . GLU B 2 13  ? -14.756 15.069  -7.402  1.00 95.18  ? 13  GLU B N   1 
ATOM   864  C CA  . GLU B 2 13  ? -13.628 15.154  -6.468  1.00 95.18  ? 13  GLU B CA  1 
ATOM   865  C C   . GLU B 2 13  ? -12.284 14.956  -7.201  1.00 95.18  ? 13  GLU B C   1 
ATOM   866  O O   . GLU B 2 13  ? -12.251 14.413  -8.306  1.00 95.18  ? 13  GLU B O   1 
ATOM   867  C CB  . GLU B 2 13  ? -13.797 14.147  -5.314  1.00 97.81  ? 13  GLU B CB  1 
ATOM   868  C CG  . GLU B 2 13  ? -13.621 12.685  -5.688  1.00 97.81  ? 13  GLU B CG  1 
ATOM   869  C CD  . GLU B 2 13  ? -14.925 11.936  -5.854  1.00 97.81  ? 13  GLU B CD  1 
ATOM   870  O OE1 . GLU B 2 13  ? -15.951 12.497  -6.264  1.00 97.81  ? 13  GLU B OE1 1 
ATOM   871  O OE2 . GLU B 2 13  ? -14.887 10.645  -5.558  1.00 97.81  ? 13  GLU B OE2 1 
ATOM   872  N N   . LEU B 2 14  ? -11.180 15.329  -6.562  1.00 38.77  ? 14  LEU B N   1 
ATOM   873  C CA  . LEU B 2 14  ? -9.862  15.253  -7.183  1.00 38.77  ? 14  LEU B CA  1 
ATOM   874  C C   . LEU B 2 14  ? -8.715  14.870  -6.223  1.00 38.77  ? 14  LEU B C   1 
ATOM   875  O O   . LEU B 2 14  ? -8.674  15.317  -5.071  1.00 38.77  ? 14  LEU B O   1 
ATOM   876  C CB  . LEU B 2 14  ? -9.576  16.613  -7.786  1.00 62.46  ? 14  LEU B CB  1 
ATOM   877  C CG  . LEU B 2 14  ? -8.523  16.677  -8.870  1.00 62.46  ? 14  LEU B CG  1 
ATOM   878  C CD1 . LEU B 2 14  ? -8.930  15.816  -10.079 1.00 62.46  ? 14  LEU B CD1 1 
ATOM   879  C CD2 . LEU B 2 14  ? -8.365  18.134  -9.244  1.00 62.46  ? 14  LEU B CD2 1 
ATOM   880  N N   . ALA B 2 15  ? -7.765  14.072  -6.706  1.00 28.33  ? 15  ALA B N   1 
ATOM   881  C CA  . ALA B 2 15  ? -6.633  13.642  -5.888  1.00 28.33  ? 15  ALA B CA  1 
ATOM   882  C C   . ALA B 2 15  ? -5.655  14.755  -5.597  1.00 28.33  ? 15  ALA B C   1 
ATOM   883  O O   . ALA B 2 15  ? -5.369  15.597  -6.448  1.00 28.33  ? 15  ALA B O   1 
ATOM   884  C CB  . ALA B 2 15  ? -5.886  12.527  -6.563  1.00 6.56   ? 15  ALA B CB  1 
ATOM   885  N N   . VAL B 2 16  ? -5.062  14.691  -4.419  1.00 19.76  ? 16  VAL B N   1 
ATOM   886  C CA  . VAL B 2 16  ? -4.078  15.666  -4.017  1.00 19.76  ? 16  VAL B CA  1 
ATOM   887  C C   . VAL B 2 16  ? -2.728  15.237  -4.610  1.00 19.76  ? 16  VAL B C   1 
ATOM   888  O O   . VAL B 2 16  ? -1.848  16.066  -4.869  1.00 19.76  ? 16  VAL B O   1 
ATOM   889  C CB  . VAL B 2 16  ? -4.050  15.725  -2.505  1.00 19.51  ? 16  VAL B CB  1 
ATOM   890  C CG1 . VAL B 2 16  ? -2.951  16.618  -2.038  1.00 19.51  ? 16  VAL B CG1 1 
ATOM   891  C CG2 . VAL B 2 16  ? -5.396  16.235  -1.998  1.00 19.51  ? 16  VAL B CG2 1 
ATOM   892  N N   . CYS B 2 17  ? -2.570  13.930  -4.811  1.00 24.56  ? 17  CYS B N   1 
ATOM   893  C CA  . CYS B 2 17  ? -1.365  13.339  -5.405  1.00 24.56  ? 17  CYS B CA  1 
ATOM   894  C C   . CYS B 2 17  ? -1.817  12.332  -6.450  1.00 24.56  ? 17  CYS B C   1 
ATOM   895  O O   . CYS B 2 17  ? -2.662  11.468  -6.176  1.00 24.56  ? 17  CYS B O   1 
ATOM   896  C CB  . CYS B 2 17  ? -0.489  12.627  -4.377  1.00 27.14  ? 17  CYS B CB  1 
ATOM   897  S SG  . CYS B 2 17  ? 0.428   13.734  -3.263  1.00 27.14  ? 17  CYS B SG  1 
ATOM   898  N N   . ASP B 2 18  ? -1.302  12.491  -7.667  1.00 28.15  ? 18  ASP B N   1 
ATOM   899  C CA  . ASP B 2 18  ? -1.647  11.606  -8.774  1.00 28.15  ? 18  ASP B CA  1 
ATOM   900  C C   . ASP B 2 18  ? -0.815  10.341  -8.711  1.00 28.15  ? 18  ASP B C   1 
ATOM   901  O O   . ASP B 2 18  ? 0.430   10.390  -8.699  1.00 28.15  ? 18  ASP B O   1 
ATOM   902  C CB  . ASP B 2 18  ? -1.482  12.341  -10.091 1.00 25.83  ? 18  ASP B CB  1 
ATOM   903  C CG  . ASP B 2 18  ? -2.341  13.573  -10.148 1.00 25.83  ? 18  ASP B CG  1 
ATOM   904  O OD1 . ASP B 2 18  ? -3.580  13.449  -10.058 1.00 25.83  ? 18  ASP B OD1 1 
ATOM   905  O OD2 . ASP B 2 18  ? -1.778  14.669  -10.220 1.00 25.83  ? 18  ASP B OD2 1 
ATOM   906  N N   . ALA B 2 19  ? -1.528  9.221   -8.649  1.00 26.16  ? 19  ALA B N   1 
ATOM   907  C CA  . ALA B 2 19  ? -0.925  7.910   -8.521  1.00 26.16  ? 19  ALA B CA  1 
ATOM   908  C C   . ALA B 2 19  ? -1.113  7.047   -9.741  1.00 26.16  ? 19  ALA B C   1 
ATOM   909  O O   . ALA B 2 19  ? -1.932  7.352   -10.586 1.00 26.16  ? 19  ALA B O   1 
ATOM   910  C CB  . ALA B 2 19  ? -1.523  7.219   -7.327  1.00 7.75   ? 19  ALA B CB  1 
ATOM   911  N N   . VAL B 2 20  ? -0.346  5.971   -9.839  1.00 24.21  ? 20  VAL B N   1 
ATOM   912  C CA  . VAL B 2 20  ? -0.479  5.048   -10.950 1.00 24.21  ? 20  VAL B CA  1 
ATOM   913  C C   . VAL B 2 20  ? -0.501  3.644   -10.363 1.00 24.21  ? 20  VAL B C   1 
ATOM   914  O O   . VAL B 2 20  ? 0.330   3.311   -9.514  1.00 24.21  ? 20  VAL B O   1 
ATOM   915  C CB  . VAL B 2 20  ? 0.693   5.131   -11.957 1.00 38.82  ? 20  VAL B CB  1 
ATOM   916  C CG1 . VAL B 2 20  ? 0.170   5.552   -13.321 1.00 38.82  ? 20  VAL B CG1 1 
ATOM   917  C CG2 . VAL B 2 20  ? 1.781   6.064   -11.464 1.00 38.82  ? 20  VAL B CG2 1 
ATOM   918  N N   . SER B 2 21  ? -1.443  2.827   -10.811 1.00 29.51  ? 21  SER B N   1 
ATOM   919  C CA  . SER B 2 21  ? -1.567  1.464   -10.321 1.00 29.51  ? 21  SER B CA  1 
ATOM   920  C C   . SER B 2 21  ? -1.329  0.401   -11.400 1.00 29.51  ? 21  SER B C   1 
ATOM   921  O O   . SER B 2 21  ? -1.745  0.542   -12.566 1.00 29.51  ? 21  SER B O   1 
ATOM   922  C CB  . SER B 2 21  ? -2.944  1.275   -9.693  1.00 31.94  ? 21  SER B CB  1 
ATOM   923  O OG  . SER B 2 21  ? -3.071  2.017   -8.487  1.00 31.94  ? 21  SER B OG  1 
ATOM   924  N N   . GLY B 2 22  ? -0.665  -0.687  -11.037 1.00 18.95  ? 22  GLY B N   1 
ATOM   925  C CA  . GLY B 2 22  ? -0.455  -1.688  -12.052 1.00 18.95  ? 22  GLY B CA  1 
ATOM   926  C C   . GLY B 2 22  ? 0.340   -2.839  -11.533 1.00 18.95  ? 22  GLY B C   1 
ATOM   927  O O   . GLY B 2 22  ? 0.676   -2.871  -10.349 1.00 18.95  ? 22  GLY B O   1 
ATOM   928  N N   . TRP B 2 23  ? 0.660   -3.750  -12.453 1.00 24.09  ? 23  TRP B N   1 
ATOM   929  C CA  . TRP B 2 23  ? 1.406   -4.947  -12.171 1.00 24.09  ? 23  TRP B CA  1 
ATOM   930  C C   . TRP B 2 23  ? 2.847   -4.610  -12.291 1.00 24.09  ? 23  TRP B C   1 
ATOM   931  O O   . TRP B 2 23  ? 3.246   -3.870  -13.208 1.00 24.09  ? 23  TRP B O   1 
ATOM   932  C CB  . TRP B 2 23  ? 1.038   -6.031  -13.164 1.00 26.94  ? 23  TRP B CB  1 
ATOM   933  C CG  . TRP B 2 23  ? -0.385  -6.322  -13.080 1.00 26.94  ? 23  TRP B CG  1 
ATOM   934  C CD1 . TRP B 2 23  ? -1.372  -5.866  -13.911 1.00 26.94  ? 23  TRP B CD1 1 
ATOM   935  C CD2 . TRP B 2 23  ? -1.041  -7.031  -12.022 1.00 26.94  ? 23  TRP B CD2 1 
ATOM   936  N NE1 . TRP B 2 23  ? -2.615  -6.232  -13.427 1.00 26.94  ? 23  TRP B NE1 1 
ATOM   937  C CE2 . TRP B 2 23  ? -2.440  -6.948  -12.266 1.00 26.94  ? 23  TRP B CE2 1 
ATOM   938  C CE3 . TRP B 2 23  ? -0.584  -7.716  -10.883 1.00 26.94  ? 23  TRP B CE3 1 
ATOM   939  C CZ2 . TRP B 2 23  ? -3.392  -7.531  -11.404 1.00 26.94  ? 23  TRP B CZ2 1 
ATOM   940  C CZ3 . TRP B 2 23  ? -1.519  -8.293  -10.024 1.00 26.94  ? 23  TRP B CZ3 1 
ATOM   941  C CH2 . TRP B 2 23  ? -2.917  -8.197  -10.292 1.00 26.94  ? 23  TRP B CH2 1 
ATOM   942  N N   . VAL B 2 24  ? 3.606   -5.076  -11.303 1.00 11.36  ? 24  VAL B N   1 
ATOM   943  C CA  . VAL B 2 24  ? 5.041   -4.861  -11.237 1.00 11.36  ? 24  VAL B CA  1 
ATOM   944  C C   . VAL B 2 24  ? 5.653   -6.240  -11.377 1.00 11.36  ? 24  VAL B C   1 
ATOM   945  O O   . VAL B 2 24  ? 5.473   -7.134  -10.524 1.00 11.36  ? 24  VAL B O   1 
ATOM   946  C CB  . VAL B 2 24  ? 5.481   -4.186  -9.904  1.00 2.00   ? 24  VAL B CB  1 
ATOM   947  C CG1 . VAL B 2 24  ? 6.992   -4.345  -9.668  1.00 2.00   ? 24  VAL B CG1 1 
ATOM   948  C CG2 . VAL B 2 24  ? 5.140   -2.760  -9.937  1.00 2.00   ? 24  VAL B CG2 1 
ATOM   949  N N   . THR B 2 25  ? 6.325   -6.412  -12.509 1.00 26.42  ? 25  THR B N   1 
ATOM   950  C CA  . THR B 2 25  ? 6.979   -7.662  -12.830 1.00 26.42  ? 25  THR B CA  1 
ATOM   951  C C   . THR B 2 25  ? 8.487   -7.484  -12.750 1.00 26.42  ? 25  THR B C   1 
ATOM   952  O O   . THR B 2 25  ? 9.226   -8.437  -12.874 1.00 26.42  ? 25  THR B O   1 
ATOM   953  C CB  . THR B 2 25  ? 6.484   -8.216  -14.231 1.00 19.96  ? 25  THR B CB  1 
ATOM   954  O OG1 . THR B 2 25  ? 6.699   -7.246  -15.254 1.00 19.96  ? 25  THR B OG1 1 
ATOM   955  C CG2 . THR B 2 25  ? 4.997   -8.475  -14.188 1.00 19.96  ? 25  THR B CG2 1 
ATOM   956  N N   . ASP B 2 26  ? 8.931   -6.266  -12.461 1.00 37.56  ? 26  ASP B N   1 
ATOM   957  C CA  . ASP B 2 26  ? 10.369  -5.979  -12.374 1.00 37.56  ? 26  ASP B CA  1 
ATOM   958  C C   . ASP B 2 26  ? 10.972  -5.719  -10.986 1.00 37.56  ? 26  ASP B C   1 
ATOM   959  O O   . ASP B 2 26  ? 12.092  -5.262  -10.866 1.00 37.56  ? 26  ASP B O   1 
ATOM   960  C CB  . ASP B 2 26  ? 10.778  -4.878  -13.374 1.00 34.70  ? 26  ASP B CB  1 
ATOM   961  C CG  . ASP B 2 26  ? 10.227  -3.491  -13.031 1.00 34.70  ? 26  ASP B CG  1 
ATOM   962  O OD1 . ASP B 2 26  ? 9.339   -3.335  -12.165 1.00 34.70  ? 26  ASP B OD1 1 
ATOM   963  O OD2 . ASP B 2 26  ? 10.700  -2.526  -13.665 1.00 34.70  ? 26  ASP B OD2 1 
ATOM   964  N N   . ARG B 2 27  ? 10.240  -6.043  -9.936  1.00 33.46  ? 27  ARG B N   1 
ATOM   965  C CA  . ARG B 2 27  ? 10.732  -5.859  -8.588  1.00 33.46  ? 27  ARG B CA  1 
ATOM   966  C C   . ARG B 2 27  ? 11.694  -6.982  -8.244  1.00 33.46  ? 27  ARG B C   1 
ATOM   967  O O   . ARG B 2 27  ? 11.274  -8.095  -7.907  1.00 33.46  ? 27  ARG B O   1 
ATOM   968  C CB  . ARG B 2 27  ? 9.564   -5.894  -7.655  1.00 13.70  ? 27  ARG B CB  1 
ATOM   969  C CG  . ARG B 2 27  ? 9.909   -5.844  -6.217  1.00 13.70  ? 27  ARG B CG  1 
ATOM   970  C CD  . ARG B 2 27  ? 8.838   -5.045  -5.510  1.00 13.70  ? 27  ARG B CD  1 
ATOM   971  N NE  . ARG B 2 27  ? 9.526   -4.254  -4.534  1.00 13.70  ? 27  ARG B NE  1 
ATOM   972  C CZ  . ARG B 2 27  ? 9.208   -3.019  -4.207  1.00 13.70  ? 27  ARG B CZ  1 
ATOM   973  N NH1 . ARG B 2 27  ? 8.181   -2.374  -4.759  1.00 13.70  ? 27  ARG B NH1 1 
ATOM   974  N NH2 . ARG B 2 27  ? 9.984   -2.424  -3.331  1.00 13.70  ? 27  ARG B NH2 1 
ATOM   975  N N   . ARG B 2 28  ? 12.984  -6.671  -8.329  1.00 16.68  ? 28  ARG B N   1 
ATOM   976  C CA  . ARG B 2 28  ? 14.068  -7.606  -8.065  1.00 16.68  ? 28  ARG B CA  1 
ATOM   977  C C   . ARG B 2 28  ? 14.622  -7.523  -6.638  1.00 16.68  ? 28  ARG B C   1 
ATOM   978  O O   . ARG B 2 28  ? 15.393  -8.376  -6.223  1.00 16.68  ? 28  ARG B O   1 
ATOM   979  C CB  . ARG B 2 28  ? 15.179  -7.322  -9.066  1.00 36.65  ? 28  ARG B CB  1 
ATOM   980  C CG  . ARG B 2 28  ? 14.758  -7.550  -10.505 1.00 36.65  ? 28  ARG B CG  1 
ATOM   981  C CD  . ARG B 2 28  ? 15.476  -6.654  -11.484 1.00 36.65  ? 28  ARG B CD  1 
ATOM   982  N NE  . ARG B 2 28  ? 14.960  -5.288  -11.390 1.00 36.65  ? 28  ARG B NE  1 
ATOM   983  C CZ  . ARG B 2 28  ? 14.990  -4.381  -12.365 1.00 36.65  ? 28  ARG B CZ  1 
ATOM   984  N NH1 . ARG B 2 28  ? 15.517  -4.672  -13.536 1.00 36.65  ? 28  ARG B NH1 1 
ATOM   985  N NH2 . ARG B 2 28  ? 14.472  -3.176  -12.173 1.00 36.65  ? 28  ARG B NH2 1 
ATOM   986  N N   . THR B 2 29  ? 14.241  -6.499  -5.882  1.00 10.89  ? 29  THR B N   1 
ATOM   987  C CA  . THR B 2 29  ? 14.734  -6.324  -4.513  1.00 10.89  ? 29  THR B CA  1 
ATOM   988  C C   . THR B 2 29  ? 13.631  -5.601  -3.754  1.00 10.89  ? 29  THR B C   1 
ATOM   989  O O   . THR B 2 29  ? 12.661  -5.103  -4.369  1.00 10.89  ? 29  THR B O   1 
ATOM   990  C CB  . THR B 2 29  ? 16.039  -5.410  -4.453  1.00 7.92   ? 29  THR B CB  1 
ATOM   991  O OG1 . THR B 2 29  ? 15.760  -4.136  -5.041  1.00 7.92   ? 29  THR B OG1 1 
ATOM   992  C CG2 . THR B 2 29  ? 17.241  -6.034  -5.189  1.00 7.92   ? 29  THR B CG2 1 
ATOM   993  N N   . ALA B 2 30  ? 13.776  -5.555  -2.429  1.00 8.28   ? 30  ALA B N   1 
ATOM   994  C CA  . ALA B 2 30  ? 12.832  -4.881  -1.538  1.00 8.28   ? 30  ALA B CA  1 
ATOM   995  C C   . ALA B 2 30  ? 13.453  -4.800  -0.147  1.00 8.28   ? 30  ALA B C   1 
ATOM   996  O O   . ALA B 2 30  ? 14.443  -5.489  0.149   1.00 8.28   ? 30  ALA B O   1 
ATOM   997  C CB  . ALA B 2 30  ? 11.495  -5.635  -1.482  1.00 12.60  ? 30  ALA B CB  1 
ATOM   998  N N   . VAL B 2 31  ? 12.915  -3.918  0.687   1.00 9.27   ? 31  VAL B N   1 
ATOM   999  C CA  . VAL B 2 31  ? 13.408  -3.751  2.073   1.00 9.27   ? 31  VAL B CA  1 
ATOM   1000 C C   . VAL B 2 31  ? 12.534  -4.650  2.999   1.00 9.27   ? 31  VAL B C   1 
ATOM   1001 O O   . VAL B 2 31  ? 11.326  -4.742  2.822   1.00 9.27   ? 31  VAL B O   1 
ATOM   1002 C CB  . VAL B 2 31  ? 13.262  -2.280  2.518   1.00 12.15  ? 31  VAL B CB  1 
ATOM   1003 C CG1 . VAL B 2 31  ? 13.911  -2.068  3.848   1.00 12.15  ? 31  VAL B CG1 1 
ATOM   1004 C CG2 . VAL B 2 31  ? 13.814  -1.368  1.470   1.00 12.15  ? 31  VAL B CG2 1 
ATOM   1005 N N   . ASP B 2 32  ? 13.130  -5.321  3.963   1.00 15.63  ? 32  ASP B N   1 
ATOM   1006 C CA  . ASP B 2 32  ? 12.303  -6.162  4.792   1.00 15.63  ? 32  ASP B CA  1 
ATOM   1007 C C   . ASP B 2 32  ? 11.833  -5.508  6.108   1.00 15.63  ? 32  ASP B C   1 
ATOM   1008 O O   . ASP B 2 32  ? 12.045  -4.307  6.321   1.00 15.63  ? 32  ASP B O   1 
ATOM   1009 C CB  . ASP B 2 32  ? 12.940  -7.565  4.981   1.00 25.00  ? 32  ASP B CB  1 
ATOM   1010 C CG  . ASP B 2 32  ? 14.207  -7.545  5.819   1.00 25.00  ? 32  ASP B CG  1 
ATOM   1011 O OD1 . ASP B 2 32  ? 14.544  -6.482  6.384   1.00 25.00  ? 32  ASP B OD1 1 
ATOM   1012 O OD2 . ASP B 2 32  ? 14.854  -8.613  5.944   1.00 25.00  ? 32  ASP B OD2 1 
ATOM   1013 N N   . LEU B 2 33  ? 11.148  -6.289  6.943   1.00 40.98  ? 33  LEU B N   1 
ATOM   1014 C CA  . LEU B 2 33  ? 10.647  -5.823  8.228   1.00 40.98  ? 33  LEU B CA  1 
ATOM   1015 C C   . LEU B 2 33  ? 11.783  -5.149  8.992   1.00 40.98  ? 33  LEU B C   1 
ATOM   1016 O O   . LEU B 2 33  ? 11.611  -4.057  9.541   1.00 40.98  ? 33  LEU B O   1 
ATOM   1017 C CB  . LEU B 2 33  ? 10.150  -7.016  9.067   1.00 26.63  ? 33  LEU B CB  1 
ATOM   1018 C CG  . LEU B 2 33  ? 8.964   -6.860  10.030  1.00 26.63  ? 33  LEU B CG  1 
ATOM   1019 C CD1 . LEU B 2 33  ? 8.904   -5.458  10.665  1.00 26.63  ? 33  LEU B CD1 1 
ATOM   1020 C CD2 . LEU B 2 33  ? 7.715   -7.070  9.268   1.00 26.63  ? 33  LEU B CD2 1 
ATOM   1021 N N   . ARG B 2 34  ? 12.956  -5.782  8.957   1.00 33.17  ? 34  ARG B N   1 
ATOM   1022 C CA  . ARG B 2 34  ? 14.145  -5.311  9.676   1.00 33.17  ? 34  ARG B CA  1 
ATOM   1023 C C   . ARG B 2 34  ? 14.914  -4.182  9.003   1.00 33.17  ? 34  ARG B C   1 
ATOM   1024 O O   . ARG B 2 34  ? 15.983  -3.818  9.467   1.00 33.17  ? 34  ARG B O   1 
ATOM   1025 C CB  . ARG B 2 34  ? 15.109  -6.482  9.947   1.00 93.16  ? 34  ARG B CB  1 
ATOM   1026 C CG  . ARG B 2 34  ? 14.447  -7.827  10.254  1.00 93.16  ? 34  ARG B CG  1 
ATOM   1027 C CD  . ARG B 2 34  ? 15.400  -8.781  10.980  1.00 93.16  ? 34  ARG B CD  1 
ATOM   1028 N NE  . ARG B 2 34  ? 15.476  -8.482  12.413  1.00 93.16  ? 34  ARG B NE  1 
ATOM   1029 C CZ  . ARG B 2 34  ? 16.603  -8.306  13.106  1.00 93.16  ? 34  ARG B CZ  1 
ATOM   1030 N NH1 . ARG B 2 34  ? 17.798  -8.401  12.520  1.00 93.16  ? 34  ARG B NH1 1 
ATOM   1031 N NH2 . ARG B 2 34  ? 16.526  -7.985  14.395  1.00 93.16  ? 34  ARG B NH2 1 
ATOM   1032 N N   . GLY B 2 35  ? 14.397  -3.637  7.908   1.00 30.90  ? 35  GLY B N   1 
ATOM   1033 C CA  . GLY B 2 35  ? 15.102  -2.566  7.210   1.00 30.90  ? 35  GLY B CA  1 
ATOM   1034 C C   . GLY B 2 35  ? 16.268  -2.948  6.287   1.00 30.90  ? 35  GLY B C   1 
ATOM   1035 O O   . GLY B 2 35  ? 16.897  -2.066  5.693   1.00 30.90  ? 35  GLY B O   1 
ATOM   1036 N N   . ARG B 2 36  ? 16.592  -4.240  6.214   1.00 27.93  ? 36  ARG B N   1 
ATOM   1037 C CA  . ARG B 2 36  ? 17.655  -4.753  5.352   1.00 27.93  ? 36  ARG B CA  1 
ATOM   1038 C C   . ARG B 2 36  ? 17.128  -4.868  3.901   1.00 27.93  ? 36  ARG B C   1 
ATOM   1039 O O   . ARG B 2 36  ? 15.932  -4.684  3.657   1.00 27.93  ? 36  ARG B O   1 
ATOM   1040 C CB  . ARG B 2 36  ? 18.128  -6.129  5.839   1.00 57.51  ? 36  ARG B CB  1 
ATOM   1041 C CG  . ARG B 2 36  ? 18.826  -6.142  7.185   1.00 57.51  ? 36  ARG B CG  1 
ATOM   1042 C CD  . ARG B 2 36  ? 19.297  -7.568  7.564   1.00 57.51  ? 36  ARG B CD  1 
ATOM   1043 N NE  . ARG B 2 36  ? 18.309  -8.399  8.292   1.00 57.51  ? 36  ARG B NE  1 
ATOM   1044 C CZ  . ARG B 2 36  ? 17.613  -9.431  7.786   1.00 57.51  ? 36  ARG B CZ  1 
ATOM   1045 N NH1 . ARG B 2 36  ? 17.751  -9.811  6.516   1.00 57.51  ? 36  ARG B NH1 1 
ATOM   1046 N NH2 . ARG B 2 36  ? 16.795  -10.119 8.581   1.00 57.51  ? 36  ARG B NH2 1 
ATOM   1047 N N   . GLU B 2 37  ? 18.015  -5.106  2.932   1.00 25.66  ? 37  GLU B N   1 
ATOM   1048 C CA  . GLU B 2 37  ? 17.591  -5.261  1.549   1.00 25.66  ? 37  GLU B CA  1 
ATOM   1049 C C   . GLU B 2 37  ? 17.743  -6.713  1.173   1.00 25.66  ? 37  GLU B C   1 
ATOM   1050 O O   . GLU B 2 37  ? 18.803  -7.286  1.366   1.00 25.66  ? 37  GLU B O   1 
ATOM   1051 C CB  . GLU B 2 37  ? 18.415  -4.418  0.589   1.00 18.10  ? 37  GLU B CB  1 
ATOM   1052 C CG  . GLU B 2 37  ? 18.247  -4.868  -0.850  1.00 18.10  ? 37  GLU B CG  1 
ATOM   1053 C CD  . GLU B 2 37  ? 18.879  -3.938  -1.861  1.00 18.10  ? 37  GLU B CD  1 
ATOM   1054 O OE1 . GLU B 2 37  ? 18.306  -2.823  -2.072  1.00 18.10  ? 37  GLU B OE1 1 
ATOM   1055 O OE2 . GLU B 2 37  ? 19.919  -4.339  -2.462  1.00 18.10  ? 37  GLU B OE2 1 
ATOM   1056 N N   . VAL B 2 38  ? 16.672  -7.287  0.635   1.00 23.96  ? 38  VAL B N   1 
ATOM   1057 C CA  . VAL B 2 38  ? 16.644  -8.672  0.203   1.00 23.96  ? 38  VAL B CA  1 
ATOM   1058 C C   . VAL B 2 38  ? 16.290  -8.738  -1.285  1.00 23.96  ? 38  VAL B C   1 
ATOM   1059 O O   . VAL B 2 38  ? 15.754  -7.788  -1.880  1.00 23.96  ? 38  VAL B O   1 
ATOM   1060 C CB  . VAL B 2 38  ? 15.647  -9.544  1.041   1.00 16.68  ? 38  VAL B CB  1 
ATOM   1061 C CG1 . VAL B 2 38  ? 15.995  -9.484  2.547   1.00 16.68  ? 38  VAL B CG1 1 
ATOM   1062 C CG2 . VAL B 2 38  ? 14.196  -9.123  0.802   1.00 16.68  ? 38  VAL B CG2 1 
ATOM   1063 N N   . GLU B 2 39  ? 16.629  -9.867  -1.883  1.00 28.46  ? 39  GLU B N   1 
ATOM   1064 C CA  . GLU B 2 39  ? 16.407  -10.102 -3.296  1.00 28.46  ? 39  GLU B CA  1 
ATOM   1065 C C   . GLU B 2 39  ? 15.060  -10.830 -3.413  1.00 28.46  ? 39  GLU B C   1 
ATOM   1066 O O   . GLU B 2 39  ? 14.762  -11.680 -2.597  1.00 28.46  ? 39  GLU B O   1 
ATOM   1067 C CB  . GLU B 2 39  ? 17.563  -10.955 -3.819  1.00 20.34  ? 39  GLU B CB  1 
ATOM   1068 C CG  . GLU B 2 39  ? 18.984  -10.364 -3.692  1.00 20.34  ? 39  GLU B CG  1 
ATOM   1069 C CD  . GLU B 2 39  ? 20.088  -11.353 -4.177  1.00 20.34  ? 39  GLU B CD  1 
ATOM   1070 O OE1 . GLU B 2 39  ? 19.747  -12.392 -4.772  1.00 20.34  ? 39  GLU B OE1 1 
ATOM   1071 O OE2 . GLU B 2 39  ? 21.299  -11.116 -3.958  1.00 20.34  ? 39  GLU B OE2 1 
ATOM   1072 N N   . VAL B 2 40  ? 14.249  -10.488 -4.405  1.00 13.16  ? 40  VAL B N   1 
ATOM   1073 C CA  . VAL B 2 40  ? 12.921  -11.093 -4.594  1.00 13.16  ? 40  VAL B CA  1 
ATOM   1074 C C   . VAL B 2 40  ? 12.890  -12.067 -5.772  1.00 13.16  ? 40  VAL B C   1 
ATOM   1075 O O   . VAL B 2 40  ? 13.034  -11.642 -6.924  1.00 13.16  ? 40  VAL B O   1 
ATOM   1076 C CB  . VAL B 2 40  ? 11.828  -9.996  -4.819  1.00 9.95   ? 40  VAL B CB  1 
ATOM   1077 C CG1 . VAL B 2 40  ? 10.453  -10.610 -5.097  1.00 9.95   ? 40  VAL B CG1 1 
ATOM   1078 C CG2 . VAL B 2 40  ? 11.759  -9.093  -3.603  1.00 9.95   ? 40  VAL B CG2 1 
ATOM   1079 N N   . LEU B 2 41  ? 12.649  -13.354 -5.486  1.00 20.44  ? 41  LEU B N   1 
ATOM   1080 C CA  . LEU B 2 41  ? 12.616  -14.390 -6.522  1.00 20.44  ? 41  LEU B CA  1 
ATOM   1081 C C   . LEU B 2 41  ? 11.454  -14.213 -7.482  1.00 20.44  ? 41  LEU B C   1 
ATOM   1082 O O   . LEU B 2 41  ? 10.402  -13.657 -7.125  1.00 20.44  ? 41  LEU B O   1 
ATOM   1083 C CB  . LEU B 2 41  ? 12.596  -15.790 -5.903  1.00 10.73  ? 41  LEU B CB  1 
ATOM   1084 C CG  . LEU B 2 41  ? 13.917  -16.346 -5.354  1.00 10.73  ? 41  LEU B CG  1 
ATOM   1085 C CD1 . LEU B 2 41  ? 14.523  -15.386 -4.386  1.00 10.73  ? 41  LEU B CD1 1 
ATOM   1086 C CD2 . LEU B 2 41  ? 13.676  -17.672 -4.646  1.00 10.73  ? 41  LEU B CD2 1 
ATOM   1087 N N   . GLY B 2 42  ? 11.646  -14.661 -8.717  1.00 26.97  ? 42  GLY B N   1 
ATOM   1088 C CA  . GLY B 2 42  ? 10.605  -14.523 -9.729  1.00 26.97  ? 42  GLY B CA  1 
ATOM   1089 C C   . GLY B 2 42  ? 9.554   -15.614 -9.710  1.00 26.97  ? 42  GLY B C   1 
ATOM   1090 O O   . GLY B 2 42  ? 8.416   -15.401 -10.157 1.00 26.97  ? 42  GLY B O   1 
ATOM   1091 N N   . GLU B 2 43  ? 9.936   -16.775 -9.187  1.00 29.96  ? 43  GLU B N   1 
ATOM   1092 C CA  . GLU B 2 43  ? 9.035   -17.896 -9.098  1.00 29.96  ? 43  GLU B CA  1 
ATOM   1093 C C   . GLU B 2 43  ? 9.176   -18.642 -7.781  1.00 29.96  ? 43  GLU B C   1 
ATOM   1094 O O   . GLU B 2 43  ? 10.275  -18.734 -7.188  1.00 29.96  ? 43  GLU B O   1 
ATOM   1095 C CB  . GLU B 2 43  ? 9.251   -18.856 -10.257 1.00 57.85  ? 43  GLU B CB  1 
ATOM   1096 C CG  . GLU B 2 43  ? 10.634  -19.424 -10.311 1.00 57.85  ? 43  GLU B CG  1 
ATOM   1097 C CD  . GLU B 2 43  ? 10.871  -20.205 -11.572 1.00 57.85  ? 43  GLU B CD  1 
ATOM   1098 O OE1 . GLU B 2 43  ? 10.735  -19.603 -12.660 1.00 57.85  ? 43  GLU B OE1 1 
ATOM   1099 O OE2 . GLU B 2 43  ? 11.184  -21.419 -11.471 1.00 57.85  ? 43  GLU B OE2 1 
ATOM   1100 N N   . VAL B 2 44  ? 8.028   -19.143 -7.334  1.00 59.75  ? 44  VAL B N   1 
ATOM   1101 C CA  . VAL B 2 44  ? 7.880   -19.916 -6.112  1.00 59.75  ? 44  VAL B CA  1 
ATOM   1102 C C   . VAL B 2 44  ? 7.668   -21.355 -6.551  1.00 59.75  ? 44  VAL B C   1 
ATOM   1103 O O   . VAL B 2 44  ? 6.785   -21.639 -7.372  1.00 59.75  ? 44  VAL B O   1 
ATOM   1104 C CB  . VAL B 2 44  ? 6.607   -19.491 -5.334  1.00 54.84  ? 44  VAL B CB  1 
ATOM   1105 C CG1 . VAL B 2 44  ? 6.402   -20.396 -4.119  1.00 54.84  ? 44  VAL B CG1 1 
ATOM   1106 C CG2 . VAL B 2 44  ? 6.697   -18.034 -4.928  1.00 54.84  ? 44  VAL B CG2 1 
ATOM   1107 N N   . PRO B 2 45  ? 8.511   -22.272 -6.083  1.00 70.54  ? 45  PRO B N   1 
ATOM   1108 C CA  . PRO B 2 45  ? 8.283   -23.655 -6.512  1.00 70.54  ? 45  PRO B CA  1 
ATOM   1109 C C   . PRO B 2 45  ? 7.020   -24.256 -5.845  1.00 70.54  ? 45  PRO B C   1 
ATOM   1110 O O   . PRO B 2 45  ? 7.053   -24.664 -4.683  1.00 70.54  ? 45  PRO B O   1 
ATOM   1111 C CB  . PRO B 2 45  ? 9.589   -24.352 -6.109  1.00 43.96  ? 45  PRO B CB  1 
ATOM   1112 C CG  . PRO B 2 45  ? 10.081  -23.512 -4.933  1.00 43.96  ? 45  PRO B CG  1 
ATOM   1113 C CD  . PRO B 2 45  ? 9.810   -22.119 -5.405  1.00 43.96  ? 45  PRO B CD  1 
ATOM   1114 N N   . ALA B 2 46  ? 5.891   -24.219 -6.549  1.00 129.62 ? 46  ALA B N   1 
ATOM   1115 C CA  . ALA B 2 46  ? 4.647   -24.770 -6.012  1.00 129.62 ? 46  ALA B CA  1 
ATOM   1116 C C   . ALA B 2 46  ? 4.710   -26.283 -6.185  1.00 129.62 ? 46  ALA B C   1 
ATOM   1117 O O   . ALA B 2 46  ? 5.294   -26.780 -7.154  1.00 129.62 ? 46  ALA B O   1 
ATOM   1118 C CB  . ALA B 2 46  ? 3.435   -24.189 -6.742  1.00 111.16 ? 46  ALA B CB  1 
ATOM   1119 N N   . ALA B 2 47  ? 4.127   -27.013 -5.241  1.00 103.80 ? 47  ALA B N   1 
ATOM   1120 C CA  . ALA B 2 47  ? 4.146   -28.470 -5.292  1.00 103.80 ? 47  ALA B CA  1 
ATOM   1121 C C   . ALA B 2 47  ? 3.355   -29.031 -6.483  1.00 103.80 ? 47  ALA B C   1 
ATOM   1122 O O   . ALA B 2 47  ? 2.151   -28.772 -6.615  1.00 103.80 ? 47  ALA B O   1 
ATOM   1123 C CB  . ALA B 2 47  ? 3.630   -29.040 -3.979  1.00 79.27  ? 47  ALA B CB  1 
ATOM   1124 N N   . GLY B 2 48  ? 4.048   -29.761 -7.362  1.00 86.63  ? 48  GLY B N   1 
ATOM   1125 C CA  . GLY B 2 48  ? 3.411   -30.356 -8.533  1.00 86.63  ? 48  GLY B CA  1 
ATOM   1126 C C   . GLY B 2 48  ? 4.117   -30.145 -9.870  1.00 86.63  ? 48  GLY B C   1 
ATOM   1127 O O   . GLY B 2 48  ? 5.290   -30.500 -10.038 1.00 86.63  ? 48  GLY B O   1 
ATOM   1128 N N   . GLY B 2 49  ? 3.391   -29.537 -10.809 1.00 163.51 ? 49  GLY B N   1 
ATOM   1129 C CA  . GLY B 2 49  ? 3.912   -29.288 -12.142 1.00 163.51 ? 49  GLY B CA  1 
ATOM   1130 C C   . GLY B 2 49  ? 4.583   -27.946 -12.385 1.00 163.51 ? 49  GLY B C   1 
ATOM   1131 O O   . GLY B 2 49  ? 5.805   -27.839 -12.266 1.00 163.51 ? 49  GLY B O   1 
ATOM   1132 N N   . SER B 2 50  ? 3.798   -26.931 -12.749 1.00 75.99  ? 50  SER B N   1 
ATOM   1133 C CA  . SER B 2 50  ? 4.337   -25.589 -13.034 1.00 75.99  ? 50  SER B CA  1 
ATOM   1134 C C   . SER B 2 50  ? 4.538   -24.675 -11.803 1.00 75.99  ? 50  SER B C   1 
ATOM   1135 O O   . SER B 2 50  ? 3.675   -24.616 -10.908 1.00 75.99  ? 50  SER B O   1 
ATOM   1136 C CB  . SER B 2 50  ? 3.445   -24.861 -14.061 1.00 79.82  ? 50  SER B CB  1 
ATOM   1137 O OG  . SER B 2 50  ? 3.254   -25.614 -15.251 1.00 79.82  ? 50  SER B OG  1 
ATOM   1138 N N   . PRO B 2 51  ? 5.693   -23.970 -11.734 1.00 80.21  ? 51  PRO B N   1 
ATOM   1139 C CA  . PRO B 2 51  ? 6.005   -23.056 -10.627 1.00 80.21  ? 51  PRO B CA  1 
ATOM   1140 C C   . PRO B 2 51  ? 5.038   -21.876 -10.596 1.00 80.21  ? 51  PRO B C   1 
ATOM   1141 O O   . PRO B 2 51  ? 4.495   -21.460 -11.628 1.00 80.21  ? 51  PRO B O   1 
ATOM   1142 C CB  . PRO B 2 51  ? 7.422   -22.568 -10.963 1.00 46.94  ? 51  PRO B CB  1 
ATOM   1143 C CG  . PRO B 2 51  ? 8.014   -23.700 -11.676 1.00 46.94  ? 51  PRO B CG  1 
ATOM   1144 C CD  . PRO B 2 51  ? 6.879   -24.152 -12.590 1.00 46.94  ? 51  PRO B CD  1 
ATOM   1145 N N   . LEU B 2 52  ? 4.840   -21.335 -9.409  1.00 39.50  ? 52  LEU B N   1 
ATOM   1146 C CA  . LEU B 2 52  ? 3.959   -20.194 -9.217  1.00 39.50  ? 52  LEU B CA  1 
ATOM   1147 C C   . LEU B 2 52  ? 4.795   -18.927 -9.480  1.00 39.50  ? 52  LEU B C   1 
ATOM   1148 O O   . LEU B 2 52  ? 5.911   -18.793 -8.979  1.00 39.50  ? 52  LEU B O   1 
ATOM   1149 C CB  . LEU B 2 52  ? 3.415   -20.216 -7.770  1.00 52.35  ? 52  LEU B CB  1 
ATOM   1150 C CG  . LEU B 2 52  ? 2.614   -19.040 -7.184  1.00 52.35  ? 52  LEU B CG  1 
ATOM   1151 C CD1 . LEU B 2 52  ? 1.158   -19.131 -7.600  1.00 52.35  ? 52  LEU B CD1 1 
ATOM   1152 C CD2 . LEU B 2 52  ? 2.734   -19.043 -5.665  1.00 52.35  ? 52  LEU B CD2 1 
ATOM   1153 N N   . ARG B 2 53  ? 4.260   -18.007 -10.271 1.00 26.75  ? 53  ARG B N   1 
ATOM   1154 C CA  . ARG B 2 53  ? 4.967   -16.761 -10.608 1.00 26.75  ? 53  ARG B CA  1 
ATOM   1155 C C   . ARG B 2 53  ? 4.806   -15.684 -9.513  1.00 26.75  ? 53  ARG B C   1 
ATOM   1156 O O   . ARG B 2 53  ? 3.695   -15.425 -9.057  1.00 26.75  ? 53  ARG B O   1 
ATOM   1157 C CB  . ARG B 2 53  ? 4.438   -16.234 -11.955 1.00 34.38  ? 53  ARG B CB  1 
ATOM   1158 C CG  . ARG B 2 53  ? 4.036   -17.341 -12.964 1.00 34.38  ? 53  ARG B CG  1 
ATOM   1159 C CD  . ARG B 2 53  ? 4.980   -17.443 -14.175 1.00 34.38  ? 53  ARG B CD  1 
ATOM   1160 N NE  . ARG B 2 53  ? 6.294   -18.048 -13.916 1.00 34.38  ? 53  ARG B NE  1 
ATOM   1161 C CZ  . ARG B 2 53  ? 7.473   -17.448 -14.136 1.00 34.38  ? 53  ARG B CZ  1 
ATOM   1162 N NH1 . ARG B 2 53  ? 7.544   -16.201 -14.604 1.00 34.38  ? 53  ARG B NH1 1 
ATOM   1163 N NH2 . ARG B 2 53  ? 8.610   -18.130 -13.981 1.00 34.38  ? 53  ARG B NH2 1 
ATOM   1164 N N   . GLN B 2 54  ? 5.905   -15.088 -9.060  1.00 22.90  ? 54  GLN B N   1 
ATOM   1165 C CA  . GLN B 2 54  ? 5.835   -14.047 -8.014  1.00 22.90  ? 54  GLN B CA  1 
ATOM   1166 C C   . GLN B 2 54  ? 5.890   -12.617 -8.557  1.00 22.90  ? 54  GLN B C   1 
ATOM   1167 O O   . GLN B 2 54  ? 6.891   -12.196 -9.113  1.00 22.90  ? 54  GLN B O   1 
ATOM   1168 C CB  . GLN B 2 54  ? 6.961   -14.237 -6.988  1.00 22.98  ? 54  GLN B CB  1 
ATOM   1169 C CG  . GLN B 2 54  ? 6.865   -13.371 -5.743  1.00 22.98  ? 54  GLN B CG  1 
ATOM   1170 C CD  . GLN B 2 54  ? 7.763   -13.879 -4.619  1.00 22.98  ? 54  GLN B CD  1 
ATOM   1171 O OE1 . GLN B 2 54  ? 7.292   -14.402 -3.617  1.00 22.98  ? 54  GLN B OE1 1 
ATOM   1172 N NE2 . GLN B 2 54  ? 9.060   -13.738 -4.792  1.00 22.98  ? 54  GLN B NE2 1 
ATOM   1173 N N   . TYR B 2 55  ? 4.791   -11.896 -8.454  1.00 12.89  ? 55  TYR B N   1 
ATOM   1174 C CA  . TYR B 2 55  ? 4.749   -10.501 -8.875  1.00 12.89  ? 55  TYR B CA  1 
ATOM   1175 C C   . TYR B 2 55  ? 3.731   -9.788  -7.972  1.00 12.89  ? 55  TYR B C   1 
ATOM   1176 O O   . TYR B 2 55  ? 2.998   -10.461 -7.225  1.00 12.89  ? 55  TYR B O   1 
ATOM   1177 C CB  . TYR B 2 55  ? 4.454   -10.324 -10.355 1.00 14.96  ? 55  TYR B CB  1 
ATOM   1178 C CG  . TYR B 2 55  ? 3.214   -10.999 -10.778 1.00 14.96  ? 55  TYR B CG  1 
ATOM   1179 C CD1 . TYR B 2 55  ? 3.237   -12.329 -11.180 1.00 14.96  ? 55  TYR B CD1 1 
ATOM   1180 C CD2 . TYR B 2 55  ? 2.003   -10.334 -10.769 1.00 14.96  ? 55  TYR B CD2 1 
ATOM   1181 C CE1 . TYR B 2 55  ? 2.086   -12.986 -11.562 1.00 14.96  ? 55  TYR B CE1 1 
ATOM   1182 C CE2 . TYR B 2 55  ? 0.844   -10.986 -11.147 1.00 14.96  ? 55  TYR B CE2 1 
ATOM   1183 C CZ  . TYR B 2 55  ? 0.913   -12.313 -11.539 1.00 14.96  ? 55  TYR B CZ  1 
ATOM   1184 O OH  . TYR B 2 55  ? -0.209  -12.973 -11.912 1.00 14.96  ? 55  TYR B OH  1 
ATOM   1185 N N   . PHE B 2 56  ? 3.646   -8.457  -8.071  1.00 9.66   ? 56  PHE B N   1 
ATOM   1186 C CA  . PHE B 2 56  ? 2.820   -7.681  -7.163  1.00 9.66   ? 56  PHE B CA  1 
ATOM   1187 C C   . PHE B 2 56  ? 1.950   -6.680  -7.819  1.00 9.66   ? 56  PHE B C   1 
ATOM   1188 O O   . PHE B 2 56  ? 2.071   -6.438  -8.998  1.00 9.66   ? 56  PHE B O   1 
ATOM   1189 C CB  . PHE B 2 56  ? 3.752   -6.911  -6.235  1.00 7.40   ? 56  PHE B CB  1 
ATOM   1190 C CG  . PHE B 2 56  ? 4.863   -7.730  -5.704  1.00 7.40   ? 56  PHE B CG  1 
ATOM   1191 C CD1 . PHE B 2 56  ? 4.691   -8.478  -4.555  1.00 7.40   ? 56  PHE B CD1 1 
ATOM   1192 C CD2 . PHE B 2 56  ? 6.057   -7.826  -6.404  1.00 7.40   ? 56  PHE B CD2 1 
ATOM   1193 C CE1 . PHE B 2 56  ? 5.704   -9.338  -4.096  1.00 7.40   ? 56  PHE B CE1 1 
ATOM   1194 C CE2 . PHE B 2 56  ? 7.072   -8.664  -5.984  1.00 7.40   ? 56  PHE B CE2 1 
ATOM   1195 C CZ  . PHE B 2 56  ? 6.905   -9.433  -4.818  1.00 7.40   ? 56  PHE B CZ  1 
ATOM   1196 N N   . PHE B 2 57  ? 1.088   -6.054  -7.041  1.00 16.06  ? 57  PHE B N   1 
ATOM   1197 C CA  . PHE B 2 57  ? 0.249   -5.028  -7.583  1.00 16.06  ? 57  PHE B CA  1 
ATOM   1198 C C   . PHE B 2 57  ? 0.524   -3.816  -6.695  1.00 16.06  ? 57  PHE B C   1 
ATOM   1199 O O   . PHE B 2 57  ? 0.223   -3.830  -5.509  1.00 16.06  ? 57  PHE B O   1 
ATOM   1200 C CB  . PHE B 2 57  ? -1.214  -5.442  -7.545  1.00 8.78   ? 57  PHE B CB  1 
ATOM   1201 C CG  . PHE B 2 57  ? -2.131  -4.371  -8.039  1.00 8.78   ? 57  PHE B CG  1 
ATOM   1202 C CD1 . PHE B 2 57  ? -2.524  -3.328  -7.194  1.00 8.78   ? 57  PHE B CD1 1 
ATOM   1203 C CD2 . PHE B 2 57  ? -2.560  -4.357  -9.357  1.00 8.78   ? 57  PHE B CD2 1 
ATOM   1204 C CE1 . PHE B 2 57  ? -3.332  -2.280  -7.661  1.00 8.78   ? 57  PHE B CE1 1 
ATOM   1205 C CE2 . PHE B 2 57  ? -3.372  -3.300  -9.828  1.00 8.78   ? 57  PHE B CE2 1 
ATOM   1206 C CZ  . PHE B 2 57  ? -3.760  -2.259  -8.973  1.00 8.78   ? 57  PHE B CZ  1 
ATOM   1207 N N   . GLU B 2 58  ? 1.049   -2.745  -7.274  1.00 18.11  ? 58  GLU B N   1 
ATOM   1208 C CA  . GLU B 2 58  ? 1.428   -1.580  -6.495  1.00 18.11  ? 58  GLU B CA  1 
ATOM   1209 C C   . GLU B 2 58  ? 0.915   -0.242  -7.019  1.00 18.11  ? 58  GLU B C   1 
ATOM   1210 O O   . GLU B 2 58  ? 0.631   -0.084  -8.215  1.00 18.11  ? 58  GLU B O   1 
ATOM   1211 C CB  . GLU B 2 58  ? 2.957   -1.528  -6.431  1.00 7.42   ? 58  GLU B CB  1 
ATOM   1212 C CG  . GLU B 2 58  ? 3.667   -2.840  -6.038  1.00 7.42   ? 58  GLU B CG  1 
ATOM   1213 C CD  . GLU B 2 58  ? 5.177   -2.662  -5.909  1.00 7.42   ? 58  GLU B CD  1 
ATOM   1214 O OE1 . GLU B 2 58  ? 5.606   -1.535  -5.640  1.00 7.42   ? 58  GLU B OE1 1 
ATOM   1215 O OE2 . GLU B 2 58  ? 5.978   -3.609  -6.064  1.00 7.42   ? 58  GLU B OE2 1 
ATOM   1216 N N   . THR B 2 59  ? 0.808   0.723   -6.119  1.00 14.15  ? 59  THR B N   1 
ATOM   1217 C CA  . THR B 2 59  ? 0.387   2.053   -6.481  1.00 14.15  ? 59  THR B CA  1 
ATOM   1218 C C   . THR B 2 59  ? 1.526   3.002   -6.130  1.00 14.15  ? 59  THR B C   1 
ATOM   1219 O O   . THR B 2 59  ? 1.997   2.996   -4.989  1.00 14.15  ? 59  THR B O   1 
ATOM   1220 C CB  . THR B 2 59  ? -0.850  2.459   -5.711  1.00 14.96  ? 59  THR B CB  1 
ATOM   1221 O OG1 . THR B 2 59  ? -1.877  1.489   -5.926  1.00 14.96  ? 59  THR B OG1 1 
ATOM   1222 C CG2 . THR B 2 59  ? -1.350  3.797   -6.189  1.00 14.96  ? 59  THR B CG2 1 
ATOM   1223 N N   . ARG B 2 60  ? 1.975   3.786   -7.113  1.00 28.16  ? 60  ARG B N   1 
ATOM   1224 C CA  . ARG B 2 60  ? 3.070   4.765   -6.983  1.00 28.16  ? 60  ARG B CA  1 
ATOM   1225 C C   . ARG B 2 60  ? 2.652   6.188   -7.375  1.00 28.16  ? 60  ARG B C   1 
ATOM   1226 O O   . ARG B 2 60  ? 1.496   6.438   -7.775  1.00 28.16  ? 60  ARG B O   1 
ATOM   1227 C CB  . ARG B 2 60  ? 4.238   4.337   -7.857  1.00 41.12  ? 60  ARG B CB  1 
ATOM   1228 C CG  . ARG B 2 60  ? 4.798   3.072   -7.356  1.00 41.12  ? 60  ARG B CG  1 
ATOM   1229 C CD  . ARG B 2 60  ? 5.695   2.377   -8.341  1.00 41.12  ? 60  ARG B CD  1 
ATOM   1230 N NE  . ARG B 2 60  ? 6.331   1.210   -7.704  1.00 41.12  ? 60  ARG B NE  1 
ATOM   1231 C CZ  . ARG B 2 60  ? 6.995   0.263   -8.367  1.00 41.12  ? 60  ARG B CZ  1 
ATOM   1232 N NH1 . ARG B 2 60  ? 7.109   0.326   -9.699  1.00 41.12  ? 60  ARG B NH1 1 
ATOM   1233 N NH2 . ARG B 2 60  ? 7.581   -0.729  -7.699  1.00 41.12  ? 60  ARG B NH2 1 
ATOM   1234 N N   . CYS B 2 61  ? 3.602   7.119   -7.315  1.00 13.77  ? 61  CYS B N   1 
ATOM   1235 C CA  . CYS B 2 61  ? 3.302   8.511   -7.659  1.00 13.77  ? 61  CYS B CA  1 
ATOM   1236 C C   . CYS B 2 61  ? 3.568   8.755   -9.128  1.00 13.77  ? 61  CYS B C   1 
ATOM   1237 O O   . CYS B 2 61  ? 4.506   8.199   -9.649  1.00 13.77  ? 61  CYS B O   1 
ATOM   1238 C CB  . CYS B 2 61  ? 4.158   9.424   -6.798  1.00 14.37  ? 61  CYS B CB  1 
ATOM   1239 S SG  . CYS B 2 61  ? 3.744   9.307   -5.037  1.00 14.37  ? 61  CYS B SG  1 
ATOM   1240 N N   . LYS B 2 62  ? 2.760   9.571   -9.798  1.00 39.90  ? 62  LYS B N   1 
ATOM   1241 C CA  . LYS B 2 62  ? 2.981   9.829   -11.216 1.00 39.90  ? 62  LYS B CA  1 
ATOM   1242 C C   . LYS B 2 62  ? 4.105   10.835  -11.373 1.00 39.90  ? 62  LYS B C   1 
ATOM   1243 O O   . LYS B 2 62  ? 4.462   11.198  -12.480 1.00 39.90  ? 62  LYS B O   1 
ATOM   1244 C CB  . LYS B 2 62  ? 1.700   10.347  -11.901 1.00 75.40  ? 62  LYS B CB  1 
ATOM   1245 C CG  . LYS B 2 62  ? 1.601   10.012  -13.414 1.00 75.40  ? 62  LYS B CG  1 
ATOM   1246 C CD  . LYS B 2 62  ? 0.295   10.507  -14.093 1.00 75.40  ? 62  LYS B CD  1 
ATOM   1247 C CE  . LYS B 2 62  ? 0.268   12.034  -14.343 1.00 75.40  ? 62  LYS B CE  1 
ATOM   1248 N NZ  . LYS B 2 62  ? -1.015  12.519  -14.960 1.00 75.40  ? 62  LYS B NZ  1 
ATOM   1249 N N   . ALA B 2 63  ? 4.645   11.316  -10.263 1.00 139.65 ? 63  ALA B N   1 
ATOM   1250 C CA  . ALA B 2 63  ? 5.731   12.283  -10.313 1.00 139.65 ? 63  ALA B CA  1 
ATOM   1251 C C   . ALA B 2 63  ? 7.029   11.645  -10.831 1.00 139.65 ? 63  ALA B C   1 
ATOM   1252 O O   . ALA B 2 63  ? 7.636   12.222  -11.762 1.00 111.81 ? 63  ALA B O   1 
ATOM   1253 C CB  . ALA B 2 63  ? 5.938   12.897  -8.936  1.00 58.09  ? 63  ALA B CB  1 
ATOM   1254 N N   . GLU B 2 68  ? 16.717  15.617  -10.745 1.00 101.40 ? 68  GLU B N   1 
ATOM   1255 C CA  . GLU B 2 68  ? 16.667  15.337  -12.218 1.00 101.40 ? 68  GLU B CA  1 
ATOM   1256 C C   . GLU B 2 68  ? 15.558  16.085  -13.004 1.00 101.40 ? 68  GLU B C   1 
ATOM   1257 O O   . GLU B 2 68  ? 14.947  15.540  -13.922 1.00 101.40 ? 68  GLU B O   1 
ATOM   1258 C CB  . GLU B 2 68  ? 16.592  13.825  -12.473 1.00 83.72  ? 68  GLU B CB  1 
ATOM   1259 N N   . GLY B 2 69  ? 15.321  17.337  -12.625 1.00 94.94  ? 69  GLY B N   1 
ATOM   1260 C CA  . GLY B 2 69  ? 14.354  18.199  -13.292 1.00 94.94  ? 69  GLY B CA  1 
ATOM   1261 C C   . GLY B 2 69  ? 15.136  19.503  -13.390 1.00 94.94  ? 69  GLY B C   1 
ATOM   1262 O O   . GLY B 2 69  ? 16.118  19.645  -12.669 1.00 94.94  ? 69  GLY B O   1 
ATOM   1263 N N   . GLY B 2 70  ? 14.764  20.439  -14.257 1.00 58.42  ? 70  GLY B N   1 
ATOM   1264 C CA  . GLY B 2 70  ? 15.531  21.677  -14.354 1.00 58.42  ? 70  GLY B CA  1 
ATOM   1265 C C   . GLY B 2 70  ? 15.948  22.257  -13.003 1.00 58.42  ? 70  GLY B C   1 
ATOM   1266 O O   . GLY B 2 70  ? 15.163  22.207  -12.057 1.00 58.42  ? 70  GLY B O   1 
ATOM   1267 N N   . PRO B 2 71  ? 17.172  22.794  -12.867 1.00 60.40  ? 71  PRO B N   1 
ATOM   1268 C CA  . PRO B 2 71  ? 17.691  23.386  -11.617 1.00 60.40  ? 71  PRO B CA  1 
ATOM   1269 C C   . PRO B 2 71  ? 16.897  24.627  -11.189 1.00 60.40  ? 71  PRO B C   1 
ATOM   1270 O O   . PRO B 2 71  ? 16.286  25.327  -12.024 1.00 60.40  ? 71  PRO B O   1 
ATOM   1271 C CB  . PRO B 2 71  ? 19.119  23.765  -11.985 1.00 38.21  ? 71  PRO B CB  1 
ATOM   1272 C CG  . PRO B 2 71  ? 18.992  24.146  -13.426 1.00 38.21  ? 71  PRO B CG  1 
ATOM   1273 C CD  . PRO B 2 71  ? 18.104  23.029  -13.978 1.00 38.21  ? 71  PRO B CD  1 
ATOM   1274 N N   . GLY B 2 72  ? 16.965  24.951  -9.902  1.00 80.89  ? 72  GLY B N   1 
ATOM   1275 C CA  . GLY B 2 72  ? 16.193  26.078  -9.413  1.00 80.89  ? 72  GLY B CA  1 
ATOM   1276 C C   . GLY B 2 72  ? 14.764  25.563  -9.426  1.00 80.89  ? 72  GLY B C   1 
ATOM   1277 O O   . GLY B 2 72  ? 14.330  24.957  -8.442  1.00 80.89  ? 72  GLY B O   1 
ATOM   1278 N N   . ALA B 2 73  ? 14.104  25.693  -10.581 1.00 124.00 ? 73  ALA B N   1 
ATOM   1279 C CA  . ALA B 2 73  ? 12.724  25.248  -10.819 1.00 126.64 ? 73  ALA B CA  1 
ATOM   1280 C C   . ALA B 2 73  ? 11.995  24.574  -9.635  1.00 125.69 ? 73  ALA B C   1 
ATOM   1281 O O   . ALA B 2 73  ? 11.549  25.260  -8.712  1.00 127.93 ? 73  ALA B O   1 
ATOM   1282 C CB  . ALA B 2 73  ? 12.673  24.355  -12.071 1.00 46.13  ? 73  ALA B CB  1 
ATOM   1283 N N   . GLY B 2 74  ? 11.864  23.248  -9.674  1.00 95.35  ? 74  GLY B N   1 
ATOM   1284 C CA  . GLY B 2 74  ? 11.196  22.509  -8.607  1.00 97.29  ? 74  GLY B CA  1 
ATOM   1285 C C   . GLY B 2 74  ? 9.858   23.022  -8.072  1.00 95.81  ? 74  GLY B C   1 
ATOM   1286 O O   . GLY B 2 74  ? 8.938   23.340  -8.838  1.00 99.42  ? 74  GLY B O   1 
ATOM   1287 N N   . GLY B 2 75  ? 9.741   23.040  -6.740  1.00 84.45  ? 75  GLY B N   1 
ATOM   1288 C CA  . GLY B 2 75  ? 8.534   23.499  -6.064  1.00 83.70  ? 75  GLY B CA  1 
ATOM   1289 C C   . GLY B 2 75  ? 7.284   22.676  -6.319  1.00 84.48  ? 75  GLY B C   1 
ATOM   1290 O O   . GLY B 2 75  ? 6.170   23.195  -6.281  1.00 86.92  ? 75  GLY B O   1 
ATOM   1291 N N   . GLY B 2 76  ? 7.457   21.376  -6.517  1.00 132.46 ? 76  GLY B N   1 
ATOM   1292 C CA  . GLY B 2 76  ? 6.319   20.518  -6.793  1.00 130.50 ? 76  GLY B CA  1 
ATOM   1293 C C   . GLY B 2 76  ? 5.606   19.959  -5.578  1.00 128.00 ? 76  GLY B C   1 
ATOM   1294 O O   . GLY B 2 76  ? 5.962   18.888  -5.077  1.00 130.17 ? 76  GLY B O   1 
ATOM   1295 N N   . GLY B 2 77  ? 4.587   20.671  -5.110  1.00 47.65  ? 77  GLY B N   1 
ATOM   1296 C CA  . GLY B 2 77  ? 3.842   20.204  -3.954  1.00 50.82  ? 77  GLY B CA  1 
ATOM   1297 C C   . GLY B 2 77  ? 2.579   19.433  -4.315  1.00 50.56  ? 77  GLY B C   1 
ATOM   1298 O O   . GLY B 2 77  ? 2.358   19.102  -5.479  1.00 47.19  ? 77  GLY B O   1 
ATOM   1299 N N   . CYS B 2 78  ? 1.733   19.181  -3.316  1.00 23.96  ? 78  CYS B N   1 
ATOM   1300 C CA  . CYS B 2 78  ? 0.485   18.444  -3.521  1.00 23.96  ? 78  CYS B CA  1 
ATOM   1301 C C   . CYS B 2 78  ? -0.561  19.425  -4.007  1.00 23.96  ? 78  CYS B C   1 
ATOM   1302 O O   . CYS B 2 78  ? -0.499  20.598  -3.721  1.00 23.96  ? 78  CYS B O   1 
ATOM   1303 C CB  . CYS B 2 78  ? 0.058   17.767  -2.219  1.00 20.05  ? 78  CYS B CB  1 
ATOM   1304 S SG  . CYS B 2 78  ? 1.471   17.099  -1.253  1.00 20.05  ? 78  CYS B SG  1 
ATOM   1305 N N   . ARG B 2 79  ? -1.478  18.959  -4.821  1.00 15.84  ? 79  ARG B N   1 
ATOM   1306 C CA  . ARG B 2 79  ? -2.510  19.833  -5.337  1.00 15.84  ? 79  ARG B CA  1 
ATOM   1307 C C   . ARG B 2 79  ? -3.400  20.232  -4.193  1.00 15.84  ? 79  ARG B C   1 
ATOM   1308 O O   . ARG B 2 79  ? -3.759  19.389  -3.381  1.00 15.84  ? 79  ARG B O   1 
ATOM   1309 C CB  . ARG B 2 79  ? -3.287  19.091  -6.398  1.00 16.81  ? 79  ARG B CB  1 
ATOM   1310 C CG  . ARG B 2 79  ? -4.458  19.791  -7.025  1.00 16.81  ? 79  ARG B CG  1 
ATOM   1311 C CD  . ARG B 2 79  ? -5.097  18.789  -8.029  1.00 16.81  ? 79  ARG B CD  1 
ATOM   1312 N NE  . ARG B 2 79  ? -4.159  18.466  -9.116  1.00 16.81  ? 79  ARG B NE  1 
ATOM   1313 C CZ  . ARG B 2 79  ? -3.625  17.268  -9.384  1.00 16.81  ? 79  ARG B CZ  1 
ATOM   1314 N NH1 . ARG B 2 79  ? -3.902  16.194  -8.645  1.00 16.81  ? 79  ARG B NH1 1 
ATOM   1315 N NH2 . ARG B 2 79  ? -2.807  17.146  -10.426 1.00 16.81  ? 79  ARG B NH2 1 
ATOM   1316 N N   . GLY B 2 80  ? -3.646  21.539  -4.067  1.00 17.23  ? 80  GLY B N   1 
ATOM   1317 C CA  . GLY B 2 80  ? -4.517  22.042  -3.010  1.00 17.23  ? 80  GLY B CA  1 
ATOM   1318 C C   . GLY B 2 80  ? -3.921  22.421  -1.653  1.00 17.23  ? 80  GLY B C   1 
ATOM   1319 O O   . GLY B 2 80  ? -4.663  22.883  -0.788  1.00 17.23  ? 80  GLY B O   1 
ATOM   1320 N N   . VAL B 2 81  ? -2.634  22.176  -1.403  1.00 28.42  ? 81  VAL B N   1 
ATOM   1321 C CA  . VAL B 2 81  ? -2.102  22.584  -0.108  1.00 28.42  ? 81  VAL B CA  1 
ATOM   1322 C C   . VAL B 2 81  ? -1.689  24.034  -0.152  1.00 28.42  ? 81  VAL B C   1 
ATOM   1323 O O   . VAL B 2 81  ? -1.101  24.495  -1.136  1.00 28.42  ? 81  VAL B O   1 
ATOM   1324 C CB  . VAL B 2 81  ? -0.931  21.738  0.391   1.00 45.44  ? 81  VAL B CB  1 
ATOM   1325 C CG1 . VAL B 2 81  ? -1.401  20.349  0.721   1.00 45.44  ? 81  VAL B CG1 1 
ATOM   1326 C CG2 . VAL B 2 81  ? 0.174   21.731  -0.617  1.00 45.44  ? 81  VAL B CG2 1 
ATOM   1327 N N   . ASP B 2 82  ? -2.009  24.758  0.913   1.00 47.44  ? 82  ASP B N   1 
ATOM   1328 C CA  . ASP B 2 82  ? -1.694  26.178  1.003   1.00 47.44  ? 82  ASP B CA  1 
ATOM   1329 C C   . ASP B 2 82  ? -0.186  26.452  0.889   1.00 47.44  ? 82  ASP B C   1 
ATOM   1330 O O   . ASP B 2 82  ? 0.541   26.449  1.884   1.00 47.44  ? 82  ASP B O   1 
ATOM   1331 C CB  . ASP B 2 82  ? -2.248  26.734  2.308   1.00 35.06  ? 82  ASP B CB  1 
ATOM   1332 C CG  . ASP B 2 82  ? -2.440  28.222  2.264   1.00 35.06  ? 82  ASP B CG  1 
ATOM   1333 O OD1 . ASP B 2 82  ? -1.813  28.881  1.391   1.00 35.06  ? 82  ASP B OD1 1 
ATOM   1334 O OD2 . ASP B 2 82  ? -3.222  28.729  3.111   1.00 35.06  ? 82  ASP B OD2 1 
ATOM   1335 N N   . ARG B 2 83  ? 0.260   26.741  -0.333  1.00 34.80  ? 83  ARG B N   1 
ATOM   1336 C CA  . ARG B 2 83  ? 1.666   27.004  -0.622  1.00 34.80  ? 83  ARG B CA  1 
ATOM   1337 C C   . ARG B 2 83  ? 2.259   28.131  0.239   1.00 34.80  ? 83  ARG B C   1 
ATOM   1338 O O   . ARG B 2 83  ? 3.479   28.199  0.413   1.00 34.80  ? 83  ARG B O   1 
ATOM   1339 C CB  . ARG B 2 83  ? 1.835   27.317  -2.114  1.00 138.77 ? 83  ARG B CB  1 
ATOM   1340 C CG  . ARG B 2 83  ? 1.187   26.290  -3.040  1.00 138.77 ? 83  ARG B CG  1 
ATOM   1341 C CD  . ARG B 2 83  ? 1.639   26.463  -4.478  1.00 138.77 ? 83  ARG B CD  1 
ATOM   1342 N NE  . ARG B 2 83  ? 3.086   26.295  -4.613  1.00 138.77 ? 83  ARG B NE  1 
ATOM   1343 C CZ  . ARG B 2 83  ? 3.740   25.145  -4.452  1.00 138.77 ? 83  ARG B CZ  1 
ATOM   1344 N NH1 . ARG B 2 83  ? 3.091   24.027  -4.147  1.00 138.77 ? 83  ARG B NH1 1 
ATOM   1345 N NH2 . ARG B 2 83  ? 5.059   25.113  -4.585  1.00 138.77 ? 83  ARG B NH2 1 
ATOM   1346 N N   . ARG B 2 84  ? 1.406   29.012  0.763   1.00 47.63  ? 84  ARG B N   1 
ATOM   1347 C CA  . ARG B 2 84  ? 1.855   30.123  1.612   1.00 47.63  ? 84  ARG B CA  1 
ATOM   1348 C C   . ARG B 2 84  ? 2.300   29.656  3.020   1.00 47.63  ? 84  ARG B C   1 
ATOM   1349 O O   . ARG B 2 84  ? 3.112   30.311  3.672   1.00 47.63  ? 84  ARG B O   1 
ATOM   1350 C CB  . ARG B 2 84  ? 0.730   31.147  1.788   1.00 59.08  ? 84  ARG B CB  1 
ATOM   1351 C CG  . ARG B 2 84  ? 0.038   31.596  0.512   1.00 59.08  ? 84  ARG B CG  1 
ATOM   1352 C CD  . ARG B 2 84  ? -1.152  32.474  0.848   1.00 59.08  ? 84  ARG B CD  1 
ATOM   1353 N NE  . ARG B 2 84  ? -2.008  31.829  1.845   1.00 59.08  ? 84  ARG B NE  1 
ATOM   1354 C CZ  . ARG B 2 84  ? -3.008  32.422  2.498   1.00 59.08  ? 84  ARG B CZ  1 
ATOM   1355 N NH1 . ARG B 2 84  ? -3.303  33.701  2.278   1.00 59.08  ? 84  ARG B NH1 1 
ATOM   1356 N NH2 . ARG B 2 84  ? -3.740  31.722  3.355   1.00 59.08  ? 84  ARG B NH2 1 
ATOM   1357 N N   . HIS B 2 85  ? 1.729   28.550  3.497   1.00 25.51  ? 85  HIS B N   1 
ATOM   1358 C CA  . HIS B 2 85  ? 2.028   28.000  4.812   1.00 25.51  ? 85  HIS B CA  1 
ATOM   1359 C C   . HIS B 2 85  ? 2.890   26.739  4.727   1.00 25.51  ? 85  HIS B C   1 
ATOM   1360 O O   . HIS B 2 85  ? 3.675   26.458  5.629   1.00 25.51  ? 85  HIS B O   1 
ATOM   1361 C CB  . HIS B 2 85  ? 0.729   27.588  5.551   1.00 46.94  ? 85  HIS B CB  1 
ATOM   1362 C CG  . HIS B 2 85  ? -0.283  28.684  5.757   1.00 46.94  ? 85  HIS B CG  1 
ATOM   1363 N ND1 . HIS B 2 85  ? -0.026  30.026  5.516   1.00 46.94  ? 85  HIS B ND1 1 
ATOM   1364 C CD2 . HIS B 2 85  ? -1.560  28.627  6.218   1.00 46.94  ? 85  HIS B CD2 1 
ATOM   1365 C CE1 . HIS B 2 85  ? -1.099  30.737  5.823   1.00 46.94  ? 85  HIS B CE1 1 
ATOM   1366 N NE2 . HIS B 2 85  ? -2.042  29.918  6.249   1.00 46.94  ? 85  HIS B NE2 1 
ATOM   1367 N N   . TRP B 2 86  ? 2.775   25.969  3.650   1.00 16.12  ? 86  TRP B N   1 
ATOM   1368 C CA  . TRP B 2 86  ? 3.496   24.701  3.606   1.00 16.12  ? 86  TRP B CA  1 
ATOM   1369 C C   . TRP B 2 86  ? 4.339   24.332  2.407   1.00 16.12  ? 86  TRP B C   1 
ATOM   1370 O O   . TRP B 2 86  ? 3.994   24.636  1.259   1.00 16.12  ? 86  TRP B O   1 
ATOM   1371 C CB  . TRP B 2 86  ? 2.496   23.561  3.772   1.00 14.07  ? 86  TRP B CB  1 
ATOM   1372 C CG  . TRP B 2 86  ? 1.704   23.559  5.034   1.00 14.07  ? 86  TRP B CG  1 
ATOM   1373 C CD1 . TRP B 2 86  ? 0.422   24.021  5.210   1.00 14.07  ? 86  TRP B CD1 1 
ATOM   1374 C CD2 . TRP B 2 86  ? 2.094   22.982  6.273   1.00 14.07  ? 86  TRP B CD2 1 
ATOM   1375 N NE1 . TRP B 2 86  ? -0.009  23.754  6.486   1.00 14.07  ? 86  TRP B NE1 1 
ATOM   1376 C CE2 . TRP B 2 86  ? 0.995   23.115  7.164   1.00 14.07  ? 86  TRP B CE2 1 
ATOM   1377 C CE3 . TRP B 2 86  ? 3.272   22.342  6.716   1.00 14.07  ? 86  TRP B CE3 1 
ATOM   1378 C CZ2 . TRP B 2 86  ? 1.029   22.627  8.474   1.00 14.07  ? 86  TRP B CZ2 1 
ATOM   1379 C CZ3 . TRP B 2 86  ? 3.313   21.857  8.007   1.00 14.07  ? 86  TRP B CZ3 1 
ATOM   1380 C CH2 . TRP B 2 86  ? 2.193   21.999  8.879   1.00 14.07  ? 86  TRP B CH2 1 
ATOM   1381 N N   . VAL B 2 87  ? 5.399   23.586  2.709   1.00 34.65  ? 87  VAL B N   1 
ATOM   1382 C CA  . VAL B 2 87  ? 6.285   23.023  1.715   1.00 34.65  ? 87  VAL B CA  1 
ATOM   1383 C C   . VAL B 2 87  ? 5.805   21.567  1.716   1.00 34.65  ? 87  VAL B C   1 
ATOM   1384 O O   . VAL B 2 87  ? 5.830   20.916  2.756   1.00 34.65  ? 87  VAL B O   1 
ATOM   1385 C CB  . VAL B 2 87  ? 7.705   23.051  2.188   1.00 32.86  ? 87  VAL B CB  1 
ATOM   1386 C CG1 . VAL B 2 87  ? 8.584   22.284  1.219   1.00 32.86  ? 87  VAL B CG1 1 
ATOM   1387 C CG2 . VAL B 2 87  ? 8.168   24.467  2.305   1.00 32.86  ? 87  VAL B CG2 1 
ATOM   1388 N N   . SER B 2 88  ? 5.332   21.064  0.579   1.00 30.35  ? 88  SER B N   1 
ATOM   1389 C CA  . SER B 2 88  ? 4.818   19.705  0.512   1.00 30.35  ? 88  SER B CA  1 
ATOM   1390 C C   . SER B 2 88  ? 5.473   18.845  -0.570  1.00 30.35  ? 88  SER B C   1 
ATOM   1391 O O   . SER B 2 88  ? 6.175   19.334  -1.435  1.00 30.35  ? 88  SER B O   1 
ATOM   1392 C CB  . SER B 2 88  ? 3.310   19.754  0.307   1.00 20.50  ? 88  SER B CB  1 
ATOM   1393 O OG  . SER B 2 88  ? 2.998   20.413  -0.904  1.00 20.50  ? 88  SER B OG  1 
ATOM   1394 N N   . GLU B 2 89  ? 5.169   17.562  -0.568  1.00 31.51  ? 89  GLU B N   1 
ATOM   1395 C CA  . GLU B 2 89  ? 5.774   16.666  -1.532  1.00 31.51  ? 89  GLU B CA  1 
ATOM   1396 C C   . GLU B 2 89  ? 4.999   15.342  -1.526  1.00 31.51  ? 89  GLU B C   1 
ATOM   1397 O O   . GLU B 2 89  ? 4.634   14.862  -0.482  1.00 31.51  ? 89  GLU B O   1 
ATOM   1398 C CB  . GLU B 2 89  ? 7.250   16.490  -1.141  1.00 31.36  ? 89  GLU B CB  1 
ATOM   1399 C CG  . GLU B 2 89  ? 7.954   15.326  -1.767  1.00 31.36  ? 89  GLU B CG  1 
ATOM   1400 C CD  . GLU B 2 89  ? 9.439   15.254  -1.397  1.00 31.36  ? 89  GLU B CD  1 
ATOM   1401 O OE1 . GLU B 2 89  ? 10.231  15.913  -2.090  1.00 31.36  ? 89  GLU B OE1 1 
ATOM   1402 O OE2 . GLU B 2 89  ? 9.833   14.541  -0.442  1.00 31.36  ? 89  GLU B OE2 1 
ATOM   1403 N N   . CYS B 2 90  ? 4.611   14.848  -2.693  1.00 19.75  ? 90  CYS B N   1 
ATOM   1404 C CA  . CYS B 2 90  ? 3.919   13.571  -2.800  1.00 19.75  ? 90  CYS B CA  1 
ATOM   1405 C C   . CYS B 2 90  ? 4.961   12.461  -2.659  1.00 19.75  ? 90  CYS B C   1 
ATOM   1406 O O   . CYS B 2 90  ? 5.968   12.461  -3.354  1.00 19.75  ? 90  CYS B O   1 
ATOM   1407 C CB  . CYS B 2 90  ? 3.293   13.438  -4.163  1.00 17.17  ? 90  CYS B CB  1 
ATOM   1408 S SG  . CYS B 2 90  ? 1.870   14.517  -4.447  1.00 17.17  ? 90  CYS B SG  1 
ATOM   1409 N N   . LYS B 2 91  ? 4.750   11.521  -1.755  1.00 36.85  ? 91  LYS B N   1 
ATOM   1410 C CA  . LYS B 2 91  ? 5.705   10.439  -1.574  1.00 36.85  ? 91  LYS B CA  1 
ATOM   1411 C C   . LYS B 2 91  ? 4.878   9.158   -1.587  1.00 36.85  ? 91  LYS B C   1 
ATOM   1412 O O   . LYS B 2 91  ? 3.652   9.202   -1.471  1.00 36.85  ? 91  LYS B O   1 
ATOM   1413 C CB  . LYS B 2 91  ? 6.471   10.616  -0.259  1.00 56.44  ? 91  LYS B CB  1 
ATOM   1414 C CG  . LYS B 2 91  ? 7.959   10.316  -0.374  1.00 56.44  ? 91  LYS B CG  1 
ATOM   1415 C CD  . LYS B 2 91  ? 8.758   10.743  0.856   1.00 56.44  ? 91  LYS B CD  1 
ATOM   1416 C CE  . LYS B 2 91  ? 8.520   12.220  1.210   1.00 56.44  ? 91  LYS B CE  1 
ATOM   1417 N NZ  . LYS B 2 91  ? 9.668   12.845  1.952   1.00 56.44  ? 91  LYS B NZ  1 
ATOM   1418 N N   . ALA B 2 92  ? 5.522   8.029   -1.838  1.00 25.83  ? 92  ALA B N   1 
ATOM   1419 C CA  . ALA B 2 92  ? 4.813   6.753   -1.869  1.00 25.83  ? 92  ALA B CA  1 
ATOM   1420 C C   . ALA B 2 92  ? 4.748   6.170   -0.461  1.00 25.83  ? 92  ALA B C   1 
ATOM   1421 O O   . ALA B 2 92  ? 5.620   6.426   0.377   1.00 25.83  ? 92  ALA B O   1 
ATOM   1422 C CB  . ALA B 2 92  ? 5.507   5.765   -2.858  1.00 2.00   ? 92  ALA B CB  1 
ATOM   1423 N N   . LYS B 2 93  ? 3.713   5.382   -0.209  1.00 25.26  ? 93  LYS B N   1 
ATOM   1424 C CA  . LYS B 2 93  ? 3.515   4.752   1.096   1.00 25.26  ? 93  LYS B CA  1 
ATOM   1425 C C   . LYS B 2 93  ? 3.645   3.219   0.902   1.00 25.26  ? 93  LYS B C   1 
ATOM   1426 O O   . LYS B 2 93  ? 3.299   2.701   -0.164  1.00 25.26  ? 93  LYS B O   1 
ATOM   1427 C CB  . LYS B 2 93  ? 2.121   5.139   1.633   1.00 50.49  ? 93  LYS B CB  1 
ATOM   1428 C CG  . LYS B 2 93  ? 1.934   5.089   3.149   1.00 50.49  ? 93  LYS B CG  1 
ATOM   1429 C CD  . LYS B 2 93  ? 2.637   6.241   3.876   1.00 50.49  ? 93  LYS B CD  1 
ATOM   1430 C CE  . LYS B 2 93  ? 1.691   6.977   4.876   1.00 50.49  ? 93  LYS B CE  1 
ATOM   1431 N NZ  . LYS B 2 93  ? 1.054   6.122   5.950   1.00 50.49  ? 93  LYS B NZ  1 
ATOM   1432 N N   . GLN B 2 94  ? 4.174   2.514   1.908   1.00 24.46  ? 94  GLN B N   1 
ATOM   1433 C CA  . GLN B 2 94  ? 4.333   1.051   1.860   1.00 24.46  ? 94  GLN B CA  1 
ATOM   1434 C C   . GLN B 2 94  ? 3.405   0.224   2.753   1.00 24.46  ? 94  GLN B C   1 
ATOM   1435 O O   . GLN B 2 94  ? 2.854   0.699   3.765   1.00 24.46  ? 94  GLN B O   1 
ATOM   1436 C CB  . GLN B 2 94  ? 5.752   0.627   2.230   1.00 34.40  ? 94  GLN B CB  1 
ATOM   1437 C CG  . GLN B 2 94  ? 6.750   0.753   1.141   1.00 34.40  ? 94  GLN B CG  1 
ATOM   1438 C CD  . GLN B 2 94  ? 7.391   2.076   1.156   1.00 34.40  ? 94  GLN B CD  1 
ATOM   1439 O OE1 . GLN B 2 94  ? 6.839   3.053   0.651   1.00 34.40  ? 94  GLN B OE1 1 
ATOM   1440 N NE2 . GLN B 2 94  ? 8.559   2.149   1.771   1.00 34.40  ? 94  GLN B NE2 1 
ATOM   1441 N N   . SER B 2 95  ? 3.329   -1.051  2.400   1.00 28.19  ? 95  SER B N   1 
ATOM   1442 C CA  . SER B 2 95  ? 2.558   -2.037  3.121   1.00 28.19  ? 95  SER B CA  1 
ATOM   1443 C C   . SER B 2 95  ? 3.424   -3.258  2.945   1.00 28.19  ? 95  SER B C   1 
ATOM   1444 O O   . SER B 2 95  ? 4.195   -3.338  1.982   1.00 28.19  ? 95  SER B O   1 
ATOM   1445 C CB  . SER B 2 95  ? 1.217   -2.270  2.456   1.00 15.90  ? 95  SER B CB  1 
ATOM   1446 O OG  . SER B 2 95  ? 0.557   -1.051  2.271   1.00 15.90  ? 95  SER B OG  1 
ATOM   1447 N N   . TYR B 2 96  ? 3.306   -4.199  3.869   1.00 11.53  ? 96  TYR B N   1 
ATOM   1448 C CA  . TYR B 2 96  ? 4.090   -5.409  3.837   1.00 11.53  ? 96  TYR B CA  1 
ATOM   1449 C C   . TYR B 2 96  ? 3.314   -6.526  3.213   1.00 11.53  ? 96  TYR B C   1 
ATOM   1450 O O   . TYR B 2 96  ? 2.111   -6.661  3.447   1.00 11.53  ? 96  TYR B O   1 
ATOM   1451 C CB  . TYR B 2 96  ? 4.453   -5.829  5.259   1.00 21.83  ? 96  TYR B CB  1 
ATOM   1452 C CG  . TYR B 2 96  ? 5.430   -4.905  5.938   1.00 21.83  ? 96  TYR B CG  1 
ATOM   1453 C CD1 . TYR B 2 96  ? 6.798   -5.007  5.683   1.00 21.83  ? 96  TYR B CD1 1 
ATOM   1454 C CD2 . TYR B 2 96  ? 4.996   -3.938  6.835   1.00 21.83  ? 96  TYR B CD2 1 
ATOM   1455 C CE1 . TYR B 2 96  ? 7.718   -4.183  6.297   1.00 21.83  ? 96  TYR B CE1 1 
ATOM   1456 C CE2 . TYR B 2 96  ? 5.896   -3.098  7.454   1.00 21.83  ? 96  TYR B CE2 1 
ATOM   1457 C CZ  . TYR B 2 96  ? 7.266   -3.223  7.180   1.00 21.83  ? 96  TYR B CZ  1 
ATOM   1458 O OH  . TYR B 2 96  ? 8.187   -2.366  7.765   1.00 21.83  ? 96  TYR B OH  1 
ATOM   1459 N N   . VAL B 2 97  ? 3.993   -7.313  2.393   1.00 8.90   ? 97  VAL B N   1 
ATOM   1460 C CA  . VAL B 2 97  ? 3.376   -8.491  1.812   1.00 8.90   ? 97  VAL B CA  1 
ATOM   1461 C C   . VAL B 2 97  ? 4.430   -9.553  2.046   1.00 8.90   ? 97  VAL B C   1 
ATOM   1462 O O   . VAL B 2 97  ? 5.596   -9.229  2.330   1.00 8.90   ? 97  VAL B O   1 
ATOM   1463 C CB  . VAL B 2 97  ? 3.077   -8.357  0.302   1.00 5.20   ? 97  VAL B CB  1 
ATOM   1464 C CG1 . VAL B 2 97  ? 2.073   -7.251  0.029   1.00 5.20   ? 97  VAL B CG1 1 
ATOM   1465 C CG2 . VAL B 2 97  ? 4.328   -8.124  -0.467  1.00 5.20   ? 97  VAL B CG2 1 
ATOM   1466 N N   . ARG B 2 98  ? 4.019   -10.813 2.052   1.00 15.50  ? 98  ARG B N   1 
ATOM   1467 C CA  . ARG B 2 98  ? 4.967   -11.891 2.256   1.00 15.50  ? 98  ARG B CA  1 
ATOM   1468 C C   . ARG B 2 98  ? 5.448   -12.326 0.877   1.00 15.50  ? 98  ARG B C   1 
ATOM   1469 O O   . ARG B 2 98  ? 4.663   -12.415 -0.066  1.00 15.50  ? 98  ARG B O   1 
ATOM   1470 C CB  . ARG B 2 98  ? 4.321   -13.039 3.009   1.00 35.35  ? 98  ARG B CB  1 
ATOM   1471 C CG  . ARG B 2 98  ? 5.295   -14.111 3.308   1.00 35.35  ? 98  ARG B CG  1 
ATOM   1472 C CD  . ARG B 2 98  ? 5.631   -14.141 4.743   1.00 35.35  ? 98  ARG B CD  1 
ATOM   1473 N NE  . ARG B 2 98  ? 4.489   -14.659 5.473   1.00 35.35  ? 98  ARG B NE  1 
ATOM   1474 C CZ  . ARG B 2 98  ? 4.527   -15.073 6.738   1.00 35.35  ? 98  ARG B CZ  1 
ATOM   1475 N NH1 . ARG B 2 98  ? 5.652   -15.023 7.446   1.00 35.35  ? 98  ARG B NH1 1 
ATOM   1476 N NH2 . ARG B 2 98  ? 3.418   -15.520 7.306   1.00 35.35  ? 98  ARG B NH2 1 
ATOM   1477 N N   . ALA B 2 99  ? 6.748   -12.540 0.742   1.00 9.45   ? 99  ALA B N   1 
ATOM   1478 C CA  . ALA B 2 99  ? 7.313   -12.928 -0.539  1.00 9.45   ? 99  ALA B CA  1 
ATOM   1479 C C   . ALA B 2 99  ? 8.518   -13.812 -0.321  1.00 9.45   ? 99  ALA B C   1 
ATOM   1480 O O   . ALA B 2 99  ? 9.198   -13.694 0.728   1.00 9.45   ? 99  ALA B O   1 
ATOM   1481 C CB  . ALA B 2 99  ? 7.708   -11.724 -1.314  1.00 2.00   ? 99  ALA B CB  1 
ATOM   1482 N N   . LEU B 2 100 ? 8.734   -14.748 -1.254  1.00 15.27  ? 100 LEU B N   1 
ATOM   1483 C CA  . LEU B 2 100 ? 9.864   -15.646 -1.147  1.00 15.27  ? 100 LEU B CA  1 
ATOM   1484 C C   . LEU B 2 100 ? 11.028  -14.813 -1.621  1.00 15.27  ? 100 LEU B C   1 
ATOM   1485 O O   . LEU B 2 100 ? 11.026  -14.311 -2.758  1.00 15.27  ? 100 LEU B O   1 
ATOM   1486 C CB  . LEU B 2 100 ? 9.690   -16.853 -2.035  1.00 19.10  ? 100 LEU B CB  1 
ATOM   1487 C CG  . LEU B 2 100 ? 10.864  -17.818 -1.892  1.00 19.10  ? 100 LEU B CG  1 
ATOM   1488 C CD1 . LEU B 2 100 ? 10.965  -18.339 -0.453  1.00 19.10  ? 100 LEU B CD1 1 
ATOM   1489 C CD2 . LEU B 2 100 ? 10.649  -18.946 -2.884  1.00 19.10  ? 100 LEU B CD2 1 
ATOM   1490 N N   . THR B 2 101 ? 12.023  -14.679 -0.759  1.00 23.77  ? 101 THR B N   1 
ATOM   1491 C CA  . THR B 2 101 ? 13.156  -13.827 -1.041  1.00 23.77  ? 101 THR B CA  1 
ATOM   1492 C C   . THR B 2 101 ? 14.453  -14.453 -0.547  1.00 23.77  ? 101 THR B C   1 
ATOM   1493 O O   . THR B 2 101 ? 14.408  -15.457 0.162   1.00 23.77  ? 101 THR B O   1 
ATOM   1494 C CB  . THR B 2 101 ? 12.961  -12.512 -0.286  1.00 5.77   ? 101 THR B CB  1 
ATOM   1495 O OG1 . THR B 2 101 ? 12.958  -12.774 1.123   1.00 5.77   ? 101 THR B OG1 1 
ATOM   1496 C CG2 . THR B 2 101 ? 11.639  -11.862 -0.632  1.00 5.77   ? 101 THR B CG2 1 
ATOM   1497 N N   . ALA B 2 102 ? 15.592  -13.842 -0.887  1.00 28.77  ? 102 ALA B N   1 
ATOM   1498 C CA  . ALA B 2 102 ? 16.924  -14.315 -0.464  1.00 28.77  ? 102 ALA B CA  1 
ATOM   1499 C C   . ALA B 2 102 ? 17.600  -13.178 0.263   1.00 28.77  ? 102 ALA B C   1 
ATOM   1500 O O   . ALA B 2 102 ? 17.591  -12.073 -0.263  1.00 28.77  ? 102 ALA B O   1 
ATOM   1501 C CB  . ALA B 2 102 ? 17.739  -14.669 -1.657  1.00 8.73   ? 102 ALA B CB  1 
ATOM   1502 N N   . ASP B 2 103 ? 18.173  -13.410 1.449   1.00 19.48  ? 103 ASP B N   1 
ATOM   1503 C CA  . ASP B 2 103 ? 18.820  -12.313 2.190   1.00 19.48  ? 103 ASP B CA  1 
ATOM   1504 C C   . ASP B 2 103 ? 20.272  -12.093 1.755   1.00 19.48  ? 103 ASP B C   1 
ATOM   1505 O O   . ASP B 2 103 ? 20.756  -12.775 0.843   1.00 19.48  ? 103 ASP B O   1 
ATOM   1506 C CB  . ASP B 2 103 ? 18.734  -12.520 3.698   1.00 50.05  ? 103 ASP B CB  1 
ATOM   1507 C CG  . ASP B 2 103 ? 19.622  -13.645 4.188   1.00 50.05  ? 103 ASP B CG  1 
ATOM   1508 O OD1 . ASP B 2 103 ? 20.115  -14.441 3.352   1.00 50.05  ? 103 ASP B OD1 1 
ATOM   1509 O OD2 . ASP B 2 103 ? 19.821  -13.743 5.426   1.00 50.05  ? 103 ASP B OD2 1 
ATOM   1510 N N   . ALA B 2 104 ? 20.966  -11.161 2.411   1.00 52.06  ? 104 ALA B N   1 
ATOM   1511 C CA  . ALA B 2 104 ? 22.372  -10.850 2.084   1.00 52.06  ? 104 ALA B CA  1 
ATOM   1512 C C   . ALA B 2 104 ? 23.340  -12.046 2.096   1.00 52.06  ? 104 ALA B C   1 
ATOM   1513 O O   . ALA B 2 104 ? 24.308  -12.056 1.349   1.00 52.06  ? 104 ALA B O   1 
ATOM   1514 C CB  . ALA B 2 104 ? 22.907  -9.725  3.001   1.00 17.18  ? 104 ALA B CB  1 
ATOM   1515 N N   . GLN B 2 105 ? 23.079  -13.033 2.955   1.00 67.41  ? 105 GLN B N   1 
ATOM   1516 C CA  . GLN B 2 105 ? 23.915  -14.226 3.061   1.00 67.41  ? 105 GLN B CA  1 
ATOM   1517 C C   . GLN B 2 105 ? 23.442  -15.419 2.225   1.00 67.41  ? 105 GLN B C   1 
ATOM   1518 O O   . GLN B 2 105 ? 23.997  -16.517 2.344   1.00 67.41  ? 105 GLN B O   1 
ATOM   1519 C CB  . GLN B 2 105 ? 24.070  -14.665 4.520   1.00 132.99 ? 105 GLN B CB  1 
ATOM   1520 C CG  . GLN B 2 105 ? 25.154  -13.939 5.289   1.00 132.99 ? 105 GLN B CG  1 
ATOM   1521 C CD  . GLN B 2 105 ? 24.590  -13.016 6.343   1.00 132.99 ? 105 GLN B CD  1 
ATOM   1522 O OE1 . GLN B 2 105 ? 24.625  -11.795 6.196   1.00 132.99 ? 105 GLN B OE1 1 
ATOM   1523 N NE2 . GLN B 2 105 ? 24.055  -13.597 7.416   1.00 132.99 ? 105 GLN B NE2 1 
ATOM   1524 N N   . GLY B 2 106 ? 22.402  -15.227 1.416   1.00 34.93  ? 106 GLY B N   1 
ATOM   1525 C CA  . GLY B 2 106 ? 21.925  -16.305 0.578   1.00 34.93  ? 106 GLY B CA  1 
ATOM   1526 C C   . GLY B 2 106 ? 20.735  -17.088 1.079   1.00 34.93  ? 106 GLY B C   1 
ATOM   1527 O O   . GLY B 2 106 ? 20.070  -17.711 0.265   1.00 34.93  ? 106 GLY B O   1 
ATOM   1528 N N   . ARG B 2 107 ? 20.438  -17.069 2.380   1.00 39.96  ? 107 ARG B N   1 
ATOM   1529 C CA  . ARG B 2 107 ? 19.281  -17.822 2.909   1.00 39.96  ? 107 ARG B CA  1 
ATOM   1530 C C   . ARG B 2 107 ? 17.980  -17.455 2.202   1.00 39.96  ? 107 ARG B C   1 
ATOM   1531 O O   . ARG B 2 107 ? 17.582  -16.295 2.209   1.00 39.96  ? 107 ARG B O   1 
ATOM   1532 C CB  . ARG B 2 107 ? 19.117  -17.584 4.406   1.00 87.42  ? 107 ARG B CB  1 
ATOM   1533 C CG  . ARG B 2 107 ? 20.245  -18.133 5.198   1.00 87.42  ? 107 ARG B CG  1 
ATOM   1534 C CD  . ARG B 2 107 ? 20.245  -17.616 6.607   1.00 87.42  ? 107 ARG B CD  1 
ATOM   1535 N NE  . ARG B 2 107 ? 21.443  -18.099 7.289   1.00 87.42  ? 107 ARG B NE  1 
ATOM   1536 C CZ  . ARG B 2 107 ? 22.604  -17.443 7.336   1.00 87.42  ? 107 ARG B CZ  1 
ATOM   1537 N NH1 . ARG B 2 107 ? 22.717  -16.238 6.785   1.00 87.42  ? 107 ARG B NH1 1 
ATOM   1538 N NH2 . ARG B 2 107 ? 23.645  -17.976 7.976   1.00 87.42  ? 107 ARG B NH2 1 
ATOM   1539 N N   . VAL B 2 108 ? 17.359  -18.436 1.552   1.00 40.49  ? 108 VAL B N   1 
ATOM   1540 C CA  . VAL B 2 108 ? 16.078  -18.254 0.841   1.00 40.49  ? 108 VAL B CA  1 
ATOM   1541 C C   . VAL B 2 108 ? 14.938  -18.442 1.842   1.00 40.49  ? 108 VAL B C   1 
ATOM   1542 O O   . VAL B 2 108 ? 15.089  -19.171 2.818   1.00 40.49  ? 108 VAL B O   1 
ATOM   1543 C CB  . VAL B 2 108 ? 15.924  -19.293 -0.319  1.00 33.04  ? 108 VAL B CB  1 
ATOM   1544 C CG1 . VAL B 2 108 ? 14.550  -19.178 -0.997  1.00 33.04  ? 108 VAL B CG1 1 
ATOM   1545 C CG2 . VAL B 2 108 ? 17.060  -19.111 -1.337  1.00 33.04  ? 108 VAL B CG2 1 
ATOM   1546 N N   . GLY B 2 109 ? 13.811  -17.775 1.622   1.00 50.30  ? 109 GLY B N   1 
ATOM   1547 C CA  . GLY B 2 109 ? 12.706  -17.902 2.549   1.00 50.30  ? 109 GLY B CA  1 
ATOM   1548 C C   . GLY B 2 109 ? 11.637  -16.843 2.407   1.00 50.30  ? 109 GLY B C   1 
ATOM   1549 O O   . GLY B 2 109 ? 11.749  -15.911 1.614   1.00 50.30  ? 109 GLY B O   1 
ATOM   1550 N N   . TRP B 2 110 ? 10.591  -16.998 3.206   1.00 21.71  ? 110 TRP B N   1 
ATOM   1551 C CA  . TRP B 2 110 ? 9.464   -16.101 3.184   1.00 21.71  ? 110 TRP B CA  1 
ATOM   1552 C C   . TRP B 2 110 ? 9.662   -14.998 4.181   1.00 21.71  ? 110 TRP B C   1 
ATOM   1553 O O   . TRP B 2 110 ? 9.811   -15.254 5.367   1.00 21.71  ? 110 TRP B O   1 
ATOM   1554 C CB  . TRP B 2 110 ? 8.201   -16.877 3.497   1.00 19.62  ? 110 TRP B CB  1 
ATOM   1555 C CG  . TRP B 2 110 ? 7.847   -17.848 2.413   1.00 19.62  ? 110 TRP B CG  1 
ATOM   1556 C CD1 . TRP B 2 110 ? 8.342   -19.129 2.242   1.00 19.62  ? 110 TRP B CD1 1 
ATOM   1557 C CD2 . TRP B 2 110 ? 7.009   -17.586 1.269   1.00 19.62  ? 110 TRP B CD2 1 
ATOM   1558 N NE1 . TRP B 2 110 ? 7.877   -19.658 1.047   1.00 19.62  ? 110 TRP B NE1 1 
ATOM   1559 C CE2 . TRP B 2 110 ? 7.061   -18.735 0.432   1.00 19.62  ? 110 TRP B CE2 1 
ATOM   1560 C CE3 . TRP B 2 110 ? 6.231   -16.486 0.870   1.00 19.62  ? 110 TRP B CE3 1 
ATOM   1561 C CZ2 . TRP B 2 110 ? 6.360   -18.818 -0.788  1.00 19.62  ? 110 TRP B CZ2 1 
ATOM   1562 C CZ3 . TRP B 2 110 ? 5.519   -16.567 -0.356  1.00 19.62  ? 110 TRP B CZ3 1 
ATOM   1563 C CH2 . TRP B 2 110 ? 5.594   -17.727 -1.168  1.00 19.62  ? 110 TRP B CH2 1 
ATOM   1564 N N   . ARG B 2 111 ? 9.646   -13.763 3.690   1.00 26.01  ? 111 ARG B N   1 
ATOM   1565 C CA  . ARG B 2 111 ? 9.839   -12.599 4.532   1.00 26.01  ? 111 ARG B CA  1 
ATOM   1566 C C   . ARG B 2 111 ? 8.831   -11.536 4.188   1.00 26.01  ? 111 ARG B C   1 
ATOM   1567 O O   . ARG B 2 111 ? 8.190   -11.610 3.137   1.00 26.01  ? 111 ARG B O   1 
ATOM   1568 C CB  . ARG B 2 111 ? 11.252  -12.062 4.340   1.00 23.17  ? 111 ARG B CB  1 
ATOM   1569 C CG  . ARG B 2 111 ? 12.283  -12.852 5.081   1.00 23.17  ? 111 ARG B CG  1 
ATOM   1570 C CD  . ARG B 2 111 ? 13.665  -12.379 4.791   1.00 23.17  ? 111 ARG B CD  1 
ATOM   1571 N NE  . ARG B 2 111 ? 14.283  -13.179 3.744   1.00 23.17  ? 111 ARG B NE  1 
ATOM   1572 C CZ  . ARG B 2 111 ? 15.246  -14.066 3.962   1.00 23.17  ? 111 ARG B CZ  1 
ATOM   1573 N NH1 . ARG B 2 111 ? 15.709  -14.269 5.199   1.00 23.17  ? 111 ARG B NH1 1 
ATOM   1574 N NH2 . ARG B 2 111 ? 15.755  -14.736 2.943   1.00 23.17  ? 111 ARG B NH2 1 
ATOM   1575 N N   . TRP B 2 112 ? 8.660   -10.585 5.111   1.00 27.28  ? 112 TRP B N   1 
ATOM   1576 C CA  . TRP B 2 112 ? 7.732   -9.468  4.919   1.00 27.28  ? 112 TRP B CA  1 
ATOM   1577 C C   . TRP B 2 112 ? 8.548   -8.420  4.246   1.00 27.28  ? 112 TRP B C   1 
ATOM   1578 O O   . TRP B 2 112 ? 9.671   -8.155  4.672   1.00 27.28  ? 112 TRP B O   1 
ATOM   1579 C CB  . TRP B 2 112 ? 7.203   -8.950  6.249   1.00 18.92  ? 112 TRP B CB  1 
ATOM   1580 C CG  . TRP B 2 112 ? 6.254   -9.938  6.900   1.00 18.92  ? 112 TRP B CG  1 
ATOM   1581 C CD1 . TRP B 2 112 ? 6.528   -10.792 7.937   1.00 18.92  ? 112 TRP B CD1 1 
ATOM   1582 C CD2 . TRP B 2 112 ? 4.910   -10.234 6.492   1.00 18.92  ? 112 TRP B CD2 1 
ATOM   1583 N NE1 . TRP B 2 112 ? 5.443   -11.600 8.186   1.00 18.92  ? 112 TRP B NE1 1 
ATOM   1584 C CE2 . TRP B 2 112 ? 4.439   -11.273 7.317   1.00 18.92  ? 112 TRP B CE2 1 
ATOM   1585 C CE3 . TRP B 2 112 ? 4.061   -9.716  5.504   1.00 18.92  ? 112 TRP B CE3 1 
ATOM   1586 C CZ2 . TRP B 2 112 ? 3.157   -11.803 7.187   1.00 18.92  ? 112 TRP B CZ2 1 
ATOM   1587 C CZ3 . TRP B 2 112 ? 2.786   -10.245 5.381   1.00 18.92  ? 112 TRP B CZ3 1 
ATOM   1588 C CH2 . TRP B 2 112 ? 2.345   -11.276 6.217   1.00 18.92  ? 112 TRP B CH2 1 
ATOM   1589 N N   . ILE B 2 113 ? 8.014   -7.894  3.151   1.00 12.77  ? 113 ILE B N   1 
ATOM   1590 C CA  . ILE B 2 113 ? 8.697   -6.886  2.364   1.00 12.77  ? 113 ILE B CA  1 
ATOM   1591 C C   . ILE B 2 113 ? 7.826   -5.673  2.084   1.00 12.77  ? 113 ILE B C   1 
ATOM   1592 O O   . ILE B 2 113 ? 6.588   -5.763  2.045   1.00 12.77  ? 113 ILE B O   1 
ATOM   1593 C CB  . ILE B 2 113 ? 9.193   -7.471  1.008   1.00 2.00   ? 113 ILE B CB  1 
ATOM   1594 C CG1 . ILE B 2 113 ? 8.008   -7.934  0.133   1.00 2.00   ? 113 ILE B CG1 1 
ATOM   1595 C CG2 . ILE B 2 113 ? 10.243  -8.566  1.258   1.00 2.00   ? 113 ILE B CG2 1 
ATOM   1596 C CD1 . ILE B 2 113 ? 8.334   -8.146  -1.319  1.00 2.00   ? 113 ILE B CD1 1 
ATOM   1597 N N   . ARG B 2 114 ? 8.459   -4.527  1.913   1.00 18.92  ? 114 ARG B N   1 
ATOM   1598 C CA  . ARG B 2 114 ? 7.728   -3.311  1.630   1.00 18.92  ? 114 ARG B CA  1 
ATOM   1599 C C   . ARG B 2 114 ? 7.503   -3.097  0.147   1.00 18.92  ? 114 ARG B C   1 
ATOM   1600 O O   . ARG B 2 114 ? 8.479   -3.067  -0.616  1.00 18.92  ? 114 ARG B O   1 
ATOM   1601 C CB  . ARG B 2 114 ? 8.477   -2.101  2.160   1.00 42.70  ? 114 ARG B CB  1 
ATOM   1602 C CG  . ARG B 2 114 ? 8.635   -2.135  3.608   1.00 42.70  ? 114 ARG B CG  1 
ATOM   1603 C CD  . ARG B 2 114 ? 9.239   -0.882  4.157   1.00 42.70  ? 114 ARG B CD  1 
ATOM   1604 N NE  . ARG B 2 114 ? 9.995   -1.282  5.331   1.00 42.70  ? 114 ARG B NE  1 
ATOM   1605 C CZ  . ARG B 2 114 ? 10.788  -0.490  6.038   1.00 42.70  ? 114 ARG B CZ  1 
ATOM   1606 N NH1 . ARG B 2 114 ? 10.894  0.802   5.720   1.00 42.70  ? 114 ARG B NH1 1 
ATOM   1607 N NH2 . ARG B 2 114 ? 11.446  -0.995  7.088   1.00 42.70  ? 114 ARG B NH2 1 
ATOM   1608 N N   . ILE B 2 115 ? 6.229   -3.027  -0.263  1.00 12.80  ? 115 ILE B N   1 
ATOM   1609 C CA  . ILE B 2 115 ? 5.865   -2.711  -1.653  1.00 12.80  ? 115 ILE B CA  1 
ATOM   1610 C C   . ILE B 2 115 ? 5.051   -1.410  -1.569  1.00 12.80  ? 115 ILE B C   1 
ATOM   1611 O O   . ILE B 2 115 ? 4.511   -1.099  -0.508  1.00 12.80  ? 115 ILE B O   1 
ATOM   1612 C CB  . ILE B 2 115 ? 5.046   -3.865  -2.418  1.00 13.05  ? 115 ILE B CB  1 
ATOM   1613 C CG1 . ILE B 2 115 ? 3.718   -4.235  -1.715  1.00 13.05  ? 115 ILE B CG1 1 
ATOM   1614 C CG2 . ILE B 2 115 ? 5.940   -5.056  -2.652  1.00 13.05  ? 115 ILE B CG2 1 
ATOM   1615 C CD1 . ILE B 2 115 ? 2.611   -4.669  -2.663  1.00 13.05  ? 115 ILE B CD1 1 
ATOM   1616 N N   . ASP B 2 116 ? 4.952   -0.661  -2.663  1.00 7.24   ? 116 ASP B N   1 
ATOM   1617 C CA  . ASP B 2 116 ? 4.221   0.610   -2.646  1.00 7.24   ? 116 ASP B CA  1 
ATOM   1618 C C   . ASP B 2 116 ? 2.761   0.443   -2.862  1.00 7.24   ? 116 ASP B C   1 
ATOM   1619 O O   . ASP B 2 116 ? 2.368   -0.004  -3.904  1.00 7.24   ? 116 ASP B O   1 
ATOM   1620 C CB  . ASP B 2 116 ? 4.695   1.534   -3.744  1.00 20.66  ? 116 ASP B CB  1 
ATOM   1621 C CG  . ASP B 2 116 ? 6.134   1.925   -3.601  1.00 20.66  ? 116 ASP B CG  1 
ATOM   1622 O OD1 . ASP B 2 116 ? 6.674   1.968   -2.463  1.00 20.66  ? 116 ASP B OD1 1 
ATOM   1623 O OD2 . ASP B 2 116 ? 6.733   2.211   -4.654  1.00 20.66  ? 116 ASP B OD2 1 
ATOM   1624 N N   . THR B 2 117 ? 1.945   0.901   -1.928  1.00 22.42  ? 117 THR B N   1 
ATOM   1625 C CA  . THR B 2 117 ? 0.509   0.779   -2.098  1.00 22.42  ? 117 THR B CA  1 
ATOM   1626 C C   . THR B 2 117 ? -0.262  2.089   -2.137  1.00 22.42  ? 117 THR B C   1 
ATOM   1627 O O   . THR B 2 117 ? -1.494  2.082   -2.071  1.00 22.42  ? 117 THR B O   1 
ATOM   1628 C CB  . THR B 2 117 ? -0.114  -0.141  -1.065  1.00 11.65  ? 117 THR B CB  1 
ATOM   1629 O OG1 . THR B 2 117 ? 0.188   0.349   0.234   1.00 11.65  ? 117 THR B OG1 1 
ATOM   1630 C CG2 . THR B 2 117 ? 0.416   -1.553  -1.203  1.00 11.65  ? 117 THR B CG2 1 
ATOM   1631 N N   . ALA B 2 118 ? 0.450   3.211   -2.246  1.00 19.93  ? 118 ALA B N   1 
ATOM   1632 C CA  . ALA B 2 118 ? -0.209  4.527   -2.343  1.00 19.93  ? 118 ALA B CA  1 
ATOM   1633 C C   . ALA B 2 118 ? 0.745   5.697   -2.562  1.00 19.93  ? 118 ALA B C   1 
ATOM   1634 O O   . ALA B 2 118 ? 1.968   5.578   -2.354  1.00 19.93  ? 118 ALA B O   1 
ATOM   1635 C CB  . ALA B 2 118 ? -1.059  4.799   -1.118  1.00 19.03  ? 118 ALA B CB  1 
ATOM   1636 N N   . CYS B 2 119 ? 0.176   6.820   -3.000  1.00 33.31  ? 119 CYS B N   1 
ATOM   1637 C CA  . CYS B 2 119 ? 0.934   8.050   -3.223  1.00 33.31  ? 119 CYS B CA  1 
ATOM   1638 C C   . CYS B 2 119 ? 0.213   9.067   -2.353  1.00 33.31  ? 119 CYS B C   1 
ATOM   1639 O O   . CYS B 2 119 ? -0.944  9.418   -2.615  1.00 33.31  ? 119 CYS B O   1 
ATOM   1640 C CB  . CYS B 2 119 ? 0.895   8.459   -4.690  1.00 16.16  ? 119 CYS B CB  1 
ATOM   1641 S SG  . CYS B 2 119 ? 1.842   9.972   -5.037  1.00 16.16  ? 119 CYS B SG  1 
ATOM   1642 N N   . VAL B 2 120 ? 0.888   9.494   -1.293  1.00 22.63  ? 120 VAL B N   1 
ATOM   1643 C CA  . VAL B 2 120 ? 0.308   10.401  -0.328  1.00 22.63  ? 120 VAL B CA  1 
ATOM   1644 C C   . VAL B 2 120 ? 1.021   11.746  -0.259  1.00 22.63  ? 120 VAL B C   1 
ATOM   1645 O O   . VAL B 2 120 ? 2.198   11.840  -0.552  1.00 22.63  ? 120 VAL B O   1 
ATOM   1646 C CB  . VAL B 2 120 ? 0.362   9.758   1.119   1.00 9.35   ? 120 VAL B CB  1 
ATOM   1647 C CG1 . VAL B 2 120 ? -0.251  8.391   1.151   1.00 9.35   ? 120 VAL B CG1 1 
ATOM   1648 C CG2 . VAL B 2 120 ? 1.807   9.703   1.640   1.00 9.35   ? 120 VAL B CG2 1 
ATOM   1649 N N   . CYS B 2 121 ? 0.318   12.774  0.198   1.00 12.07  ? 121 CYS B N   1 
ATOM   1650 C CA  . CYS B 2 121 ? 0.913   14.081  0.362   1.00 12.07  ? 121 CYS B CA  1 
ATOM   1651 C C   . CYS B 2 121 ? 1.682   14.230  1.703   1.00 12.07  ? 121 CYS B C   1 
ATOM   1652 O O   . CYS B 2 121 ? 1.132   13.974  2.773   1.00 12.07  ? 121 CYS B O   1 
ATOM   1653 C CB  . CYS B 2 121 ? -0.172  15.117  0.319   1.00 19.22  ? 121 CYS B CB  1 
ATOM   1654 S SG  . CYS B 2 121 ? 0.571   16.744  0.522   1.00 19.22  ? 121 CYS B SG  1 
ATOM   1655 N N   . THR B 2 122 ? 2.909   14.728  1.653   1.00 36.11  ? 122 THR B N   1 
ATOM   1656 C CA  . THR B 2 122 ? 3.752   14.923  2.839   1.00 36.11  ? 122 THR B CA  1 
ATOM   1657 C C   . THR B 2 122 ? 4.013   16.396  3.095   1.00 36.11  ? 122 THR B C   1 
ATOM   1658 O O   . THR B 2 122 ? 4.365   17.133  2.195   1.00 36.11  ? 122 THR B O   1 
ATOM   1659 C CB  . THR B 2 122 ? 5.098   14.283  2.609   1.00 40.44  ? 122 THR B CB  1 
ATOM   1660 O OG1 . THR B 2 122 ? 4.884   12.903  2.351   1.00 40.44  ? 122 THR B OG1 1 
ATOM   1661 C CG2 . THR B 2 122 ? 5.985   14.418  3.810   1.00 40.44  ? 122 THR B CG2 1 
ATOM   1662 N N   . LEU B 2 123 ? 3.882   16.830  4.328   1.00 24.25  ? 123 LEU B N   1 
ATOM   1663 C CA  . LEU B 2 123 ? 4.122   18.225  4.635   1.00 24.25  ? 123 LEU B CA  1 
ATOM   1664 C C   . LEU B 2 123 ? 5.533   18.327  5.167   1.00 24.25  ? 123 LEU B C   1 
ATOM   1665 O O   . LEU B 2 123 ? 5.858   17.683  6.150   1.00 24.25  ? 123 LEU B O   1 
ATOM   1666 C CB  . LEU B 2 123 ? 3.130   18.708  5.685   1.00 12.50  ? 123 LEU B CB  1 
ATOM   1667 C CG  . LEU B 2 123 ? 1.669   18.616  5.264   1.00 12.50  ? 123 LEU B CG  1 
ATOM   1668 C CD1 . LEU B 2 123 ? 0.788   19.218  6.314   1.00 12.50  ? 123 LEU B CD1 1 
ATOM   1669 C CD2 . LEU B 2 123 ? 1.517   19.328  3.968   1.00 12.50  ? 123 LEU B CD2 1 
ATOM   1670 N N   . LEU B 2 124 ? 6.395   19.073  4.491   1.00 30.13  ? 124 LEU B N   1 
ATOM   1671 C CA  . LEU B 2 124 ? 7.777   19.200  4.938   1.00 30.13  ? 124 LEU B CA  1 
ATOM   1672 C C   . LEU B 2 124 ? 8.095   20.267  6.000   1.00 30.13  ? 124 LEU B C   1 
ATOM   1673 O O   . LEU B 2 124 ? 8.790   19.964  6.977   1.00 30.13  ? 124 LEU B O   1 
ATOM   1674 C CB  . LEU B 2 124 ? 8.702   19.340  3.740   1.00 31.52  ? 124 LEU B CB  1 
ATOM   1675 C CG  . LEU B 2 124 ? 8.714   18.077  2.865   1.00 31.52  ? 124 LEU B CG  1 
ATOM   1676 C CD1 . LEU B 2 124 ? 9.358   18.395  1.531   1.00 31.52  ? 124 LEU B CD1 1 
ATOM   1677 C CD2 . LEU B 2 124 ? 9.432   16.899  3.548   1.00 31.52  ? 124 LEU B CD2 1 
ATOM   1678 N N   . SER B 2 125 ? 7.576   21.490  5.860   1.00 31.93  ? 125 SER B N   1 
ATOM   1679 C CA  . SER B 2 125 ? 7.902   22.512  6.844   1.00 31.93  ? 125 SER B CA  1 
ATOM   1680 C C   . SER B 2 125 ? 6.936   23.650  6.870   1.00 31.93  ? 125 SER B C   1 
ATOM   1681 O O   . SER B 2 125 ? 6.109   23.768  5.968   1.00 31.93  ? 125 SER B O   1 
ATOM   1682 C CB  . SER B 2 125 ? 9.272   23.079  6.518   1.00 39.70  ? 125 SER B CB  1 
ATOM   1683 O OG  . SER B 2 125 ? 9.265   23.503  5.173   1.00 39.70  ? 125 SER B OG  1 
ATOM   1684 N N   . ARG B 2 126 ? 7.122   24.519  7.871   1.00 52.60  ? 126 ARG B N   1 
ATOM   1685 C CA  . ARG B 2 126 ? 6.341   25.740  8.086   1.00 52.60  ? 126 ARG B CA  1 
ATOM   1686 C C   . ARG B 2 126 ? 4.964   25.577  8.723   1.00 52.60  ? 126 ARG B C   1 
ATOM   1687 O O   . ARG B 2 126 ? 4.707   24.548  9.315   1.00 52.60  ? 126 ARG B O   1 
ATOM   1688 C CB  . ARG B 2 126 ? 6.237   26.505  6.791   1.00 34.62  ? 126 ARG B CB  1 
ATOM   1689 C CG  . ARG B 2 126 ? 7.582   27.017  6.242   1.00 34.62  ? 126 ARG B CG  1 
ATOM   1690 C CD  . ARG B 2 126 ? 7.364   27.999  5.095   1.00 34.62  ? 126 ARG B CD  1 
ATOM   1691 N NE  . ARG B 2 126 ? 6.164   28.842  5.255   1.00 34.62  ? 126 ARG B NE  1 
ATOM   1692 C CZ  . ARG B 2 126 ? 5.674   29.349  6.398   1.00 34.62  ? 126 ARG B CZ  1 
ATOM   1693 N NH1 . ARG B 2 126 ? 6.243   29.140  7.593   1.00 34.62  ? 126 ARG B NH1 1 
ATOM   1694 N NH2 . ARG B 2 126 ? 4.564   30.070  6.345   1.00 34.62  ? 126 ARG B NH2 1 
ATOM   1695 N N   . THR B 2 127 ? 4.114   26.611  8.634   1.00 47.37  ? 127 THR B N   1 
ATOM   1696 C CA  . THR B 2 127 ? 2.739   26.674  9.213   1.00 47.37  ? 127 THR B CA  1 
ATOM   1697 C C   . THR B 2 127 ? 2.149   28.129  9.108   1.00 47.37  ? 127 THR B C   1 
ATOM   1698 O O   . THR B 2 127 ? 2.894   29.072  8.849   1.00 47.37  ? 127 THR B O   1 
ATOM   1699 C CB  . THR B 2 127 ? 2.767   26.293  10.700  1.00 250.28 ? 127 THR B CB  1 
ATOM   1700 O OG1 . THR B 2 127 ? 3.996   26.745  11.279  1.00 250.28 ? 127 THR B OG1 1 
ATOM   1701 C CG2 . THR B 2 127 ? 2.653   24.791  10.883  1.00 250.28 ? 127 THR B CG2 1 
ATOM   1702 N N   . GLY B 2 128 ? 0.842   28.302  9.334   1.00 73.44  ? 128 GLY B N   1 
ATOM   1703 C CA  . GLY B 2 128 ? 0.122   29.597  9.280   1.00 73.44  ? 128 GLY B CA  1 
ATOM   1704 C C   . GLY B 2 128 ? 0.581   31.022  8.838   1.00 73.44  ? 128 GLY B C   1 
ATOM   1705 O O   . GLY B 2 128 ? -0.119  32.022  9.110   1.00 73.44  ? 128 GLY B O   1 
ATOM   1706 N N   . ARG B 2 129 ? 1.632   31.096  8.023   1.00 90.94  ? 129 ARG B N   1 
ATOM   1707 C CA  . ARG B 2 129 ? 2.234   32.340  7.537   1.00 90.94  ? 129 ARG B CA  1 
ATOM   1708 C C   . ARG B 2 129 ? 3.197   32.741  8.624   1.00 90.94  ? 129 ARG B C   1 
ATOM   1709 O O   . ARG B 2 129 ? 2.954   33.682  9.376   1.00 90.94  ? 129 ARG B O   1 
ATOM   1710 C CB  . ARG B 2 129 ? 1.218   33.460  7.229   1.00 114.95 ? 129 ARG B CB  1 
ATOM   1711 C CG  . ARG B 2 129 ? 1.745   34.439  6.189   1.00 114.95 ? 129 ARG B CG  1 
ATOM   1712 C CD  . ARG B 2 129 ? 2.523   33.633  5.151   1.00 114.95 ? 129 ARG B CD  1 
ATOM   1713 N NE  . ARG B 2 129 ? 3.252   34.423  4.162   1.00 114.95 ? 129 ARG B NE  1 
ATOM   1714 C CZ  . ARG B 2 129 ? 4.367   34.016  3.546   1.00 114.95 ? 129 ARG B CZ  1 
ATOM   1715 N NH1 . ARG B 2 129 ? 4.913   32.833  3.816   1.00 114.95 ? 129 ARG B NH1 1 
ATOM   1716 N NH2 . ARG B 2 129 ? 4.927   34.782  2.618   1.00 114.95 ? 129 ARG B NH2 1 
ATOM   1717 N N   . ALA B 2 130 ? 4.200   31.885  8.786   1.00 147.94 ? 130 ALA B N   1 
ATOM   1718 C CA  . ALA B 2 130 ? 5.255   32.060  9.759   1.00 147.94 ? 130 ALA B CA  1 
ATOM   1719 C C   . ALA B 2 130 ? 6.193   33.042  9.106   1.00 147.94 ? 130 ALA B C   1 
ATOM   1720 O O   . ALA B 2 130 ? 6.579   34.021  9.780   1.00 103.04 ? 130 ALA B O   1 
ATOM   1721 C CB  . ALA B 2 130 ? 5.973   30.740  10.002  1.00 103.04 ? 130 ALA B CB  1 
HETATM 1722 O O   . HOH C 3 .   ? 10.354  6.842   9.922   1.00 26.40  ? 120 HOH A O   1 
HETATM 1723 O O   . HOH C 3 .   ? -0.931  8.770   10.961  1.00 26.40  ? 121 HOH A O   1 
HETATM 1724 O O   . HOH C 3 .   ? 6.462   6.780   10.345  1.00 26.40  ? 122 HOH A O   1 
HETATM 1725 O O   . HOH C 3 .   ? 3.987   8.968   5.931   1.00 26.40  ? 123 HOH A O   1 
HETATM 1726 O O   . HOH C 3 .   ? -7.667  10.024  8.754   1.00 26.40  ? 124 HOH A O   1 
HETATM 1727 O O   . HOH C 3 .   ? 3.920   1.395   7.856   1.00 26.40  ? 125 HOH A O   1 
HETATM 1728 O O   . HOH C 3 .   ? -1.311  -2.320  16.079  1.00 26.40  ? 126 HOH A O   1 
HETATM 1729 O O   . HOH C 3 .   ? -1.410  -4.723  14.771  1.00 26.40  ? 127 HOH A O   1 
HETATM 1730 O O   . HOH C 3 .   ? -4.702  -6.614  14.537  1.00 26.40  ? 128 HOH A O   1 
HETATM 1731 O O   . HOH C 3 .   ? -6.421  -10.070 13.914  1.00 26.40  ? 129 HOH A O   1 
HETATM 1732 O O   . HOH C 3 .   ? -9.836  -22.475 6.695   1.00 26.40  ? 130 HOH A O   1 
HETATM 1733 O O   . HOH C 3 .   ? -7.521  -23.145 5.988   1.00 26.40  ? 131 HOH A O   1 
HETATM 1734 O O   . HOH C 3 .   ? -19.040 -13.150 3.917   1.00 26.40  ? 132 HOH A O   1 
HETATM 1735 O O   . HOH C 3 .   ? -20.155 -15.618 2.743   1.00 26.40  ? 133 HOH A O   1 
HETATM 1736 O O   . HOH C 3 .   ? -12.243 -7.825  0.082   1.00 26.40  ? 134 HOH A O   1 
HETATM 1737 O O   . HOH C 3 .   ? -7.335  -12.871 -8.906  1.00 26.40  ? 135 HOH A O   1 
HETATM 1738 O O   . HOH C 3 .   ? -19.761 -9.446  -8.368  1.00 26.40  ? 136 HOH A O   1 
HETATM 1739 O O   . HOH C 3 .   ? -15.882 -19.626 -0.265  1.00 26.40  ? 137 HOH A O   1 
HETATM 1740 O O   . HOH C 3 .   ? -1.439  -1.557  4.325   1.00 26.40  ? 138 HOH A O   1 
HETATM 1741 O O   . HOH C 3 .   ? -8.154  11.240  11.793  1.00 26.40  ? 139 HOH A O   1 
HETATM 1742 O O   . HOH C 3 .   ? -9.969  17.439  11.538  1.00 26.40  ? 140 HOH A O   1 
HETATM 1743 O O   . HOH C 3 .   ? -15.899 13.278  13.929  1.00 26.40  ? 141 HOH A O   1 
HETATM 1744 O O   . HOH C 3 .   ? -4.642  12.019  -3.172  1.00 26.40  ? 142 HOH A O   1 
HETATM 1745 O O   . HOH C 3 .   ? -5.625  24.790  6.693   1.00 26.40  ? 143 HOH A O   1 
HETATM 1746 O O   . HOH C 3 .   ? -3.606  22.165  8.722   1.00 26.40  ? 144 HOH A O   1 
HETATM 1747 O O   . HOH C 3 .   ? -3.093  21.183  11.242  1.00 26.40  ? 145 HOH A O   1 
HETATM 1748 O O   . HOH C 3 .   ? -6.478  35.375  1.614   1.00 26.40  ? 146 HOH A O   1 
HETATM 1749 O O   . HOH C 3 .   ? -10.541 21.089  3.970   1.00 26.40  ? 147 HOH A O   1 
HETATM 1750 O O   . HOH C 3 .   ? -12.648 6.513   4.924   1.00 26.40  ? 148 HOH A O   1 
HETATM 1751 O O   . HOH C 3 .   ? 2.655   -13.640 -6.147  1.00 26.40  ? 149 HOH A O   1 
HETATM 1752 O O   . HOH C 3 .   ? 0.650   -9.898  -3.143  1.00 26.40  ? 150 HOH A O   1 
HETATM 1753 O O   . HOH C 3 .   ? 0.835   -11.321 -0.340  1.00 26.40  ? 151 HOH A O   1 
HETATM 1754 O O   . HOH C 3 .   ? -1.264  -13.625 1.358   1.00 26.40  ? 152 HOH A O   1 
HETATM 1755 O O   . HOH C 3 .   ? -2.830  -21.127 -7.906  1.00 26.40  ? 153 HOH A O   1 
HETATM 1756 O O   . HOH C 3 .   ? -12.615 0.706   6.448   1.00 26.40  ? 154 HOH A O   1 
HETATM 1757 O O   . HOH C 3 .   ? -10.668 -7.053  8.261   1.00 26.40  ? 155 HOH A O   1 
HETATM 1758 O O   . HOH C 3 .   ? -1.922  5.815   3.525   1.00 26.40  ? 156 HOH A O   1 
HETATM 1759 O O   . HOH C 3 .   ? -2.937  12.102  0.646   1.00 26.40  ? 157 HOH A O   1 
HETATM 1760 O O   . HOH D 3 .   ? 14.045  21.781  -6.807  1.00 26.40  ? 131 HOH B O   1 
HETATM 1761 O O   . HOH D 3 .   ? 3.020   -19.441 -16.120 1.00 26.40  ? 132 HOH B O   1 
HETATM 1762 O O   . HOH D 3 .   ? -0.328  -8.057  3.406   1.00 26.40  ? 133 HOH B O   1 
HETATM 1763 O O   . HOH D 3 .   ? 0.248   1.932   4.234   1.00 26.40  ? 134 HOH B O   1 
HETATM 1764 O O   . HOH D 3 .   ? 0.326   -7.071  -4.291  1.00 26.40  ? 135 HOH B O   1 
HETATM 1765 O O   . HOH D 3 .   ? 2.672   -11.380 -4.561  1.00 26.40  ? 136 HOH B O   1 
HETATM 1766 O O   . HOH D 3 .   ? -4.238  9.954   -8.358  1.00 26.40  ? 137 HOH B O   1 
HETATM 1767 O O   . HOH D 3 .   ? -0.044  -2.319  -15.463 1.00 26.40  ? 138 HOH B O   1 
HETATM 1768 O O   . HOH D 3 .   ? -3.836  3.138   -12.178 1.00 26.40  ? 139 HOH B O   1 
HETATM 1769 O O   . HOH D 3 .   ? 1.823   -2.087  -17.362 1.00 26.40  ? 140 HOH B O   1 
HETATM 1770 O O   . HOH D 3 .   ? 7.934   -8.052  -9.586  1.00 26.40  ? 141 HOH B O   1 
HETATM 1771 O O   . HOH D 3 .   ? 8.960   -10.506 -9.322  1.00 26.40  ? 142 HOH B O   1 
HETATM 1772 O O   . HOH D 3 .   ? 11.968  -10.610 -9.242  1.00 26.40  ? 143 HOH B O   1 
HETATM 1773 O O   . HOH D 3 .   ? 14.128  -3.628  -8.515  1.00 26.40  ? 144 HOH B O   1 
HETATM 1774 O O   . HOH D 3 .   ? 12.247  -1.575  -6.909  1.00 26.40  ? 145 HOH B O   1 
HETATM 1775 O O   . HOH D 3 .   ? 11.298  -2.378  -0.898  1.00 26.40  ? 146 HOH B O   1 
HETATM 1776 O O   . HOH D 3 .   ? 10.422  0.522   0.630   1.00 26.40  ? 147 HOH B O   1 
HETATM 1777 O O   . HOH D 3 .   ? 23.400  -12.402 -5.545  1.00 26.40  ? 148 HOH B O   1 
HETATM 1778 O O   . HOH D 3 .   ? 0.840   -28.185 -8.751  1.00 26.40  ? 149 HOH B O   1 
# 
